data_1Z1V
# 
_entry.id   1Z1V 
# 
_audit_conform.dict_name       mmcif_pdbx.dic 
_audit_conform.dict_version    5.392 
_audit_conform.dict_location   http://mmcif.pdb.org/dictionaries/ascii/mmcif_pdbx.dic 
# 
loop_
_database_2.database_id 
_database_2.database_code 
_database_2.pdbx_database_accession 
_database_2.pdbx_DOI 
PDB   1Z1V         pdb_00001z1v 10.2210/pdb1z1v/pdb 
RCSB  RCSB032192   ?            ?                   
WWPDB D_1000032192 ?            ?                   
# 
loop_
_pdbx_audit_revision_history.ordinal 
_pdbx_audit_revision_history.data_content_type 
_pdbx_audit_revision_history.major_revision 
_pdbx_audit_revision_history.minor_revision 
_pdbx_audit_revision_history.revision_date 
1 'Structure model' 1 0 2006-02-14 
2 'Structure model' 1 1 2008-04-30 
3 'Structure model' 1 2 2011-07-13 
4 'Structure model' 1 3 2022-03-02 
5 'Structure model' 1 4 2024-05-22 
# 
_pdbx_audit_revision_details.ordinal             1 
_pdbx_audit_revision_details.revision_ordinal    1 
_pdbx_audit_revision_details.data_content_type   'Structure model' 
_pdbx_audit_revision_details.provider            repository 
_pdbx_audit_revision_details.type                'Initial release' 
_pdbx_audit_revision_details.description         ? 
_pdbx_audit_revision_details.details             ? 
# 
loop_
_pdbx_audit_revision_group.ordinal 
_pdbx_audit_revision_group.revision_ordinal 
_pdbx_audit_revision_group.data_content_type 
_pdbx_audit_revision_group.group 
1 2 'Structure model' 'Version format compliance' 
2 3 'Structure model' 'Version format compliance' 
3 4 'Structure model' 'Data collection'           
4 4 'Structure model' 'Database references'       
5 4 'Structure model' 'Derived calculations'      
6 5 'Structure model' 'Data collection'           
# 
loop_
_pdbx_audit_revision_category.ordinal 
_pdbx_audit_revision_category.revision_ordinal 
_pdbx_audit_revision_category.data_content_type 
_pdbx_audit_revision_category.category 
1 4 'Structure model' database_2            
2 4 'Structure model' pdbx_nmr_software     
3 4 'Structure model' pdbx_nmr_spectrometer 
4 4 'Structure model' pdbx_struct_assembly  
5 4 'Structure model' pdbx_struct_oper_list 
6 4 'Structure model' struct_ref_seq_dif    
7 5 'Structure model' chem_comp_atom        
8 5 'Structure model' chem_comp_bond        
# 
loop_
_pdbx_audit_revision_item.ordinal 
_pdbx_audit_revision_item.revision_ordinal 
_pdbx_audit_revision_item.data_content_type 
_pdbx_audit_revision_item.item 
1 4 'Structure model' '_database_2.pdbx_DOI'                
2 4 'Structure model' '_database_2.pdbx_database_accession' 
3 4 'Structure model' '_pdbx_nmr_software.name'             
4 4 'Structure model' '_pdbx_nmr_spectrometer.model'        
5 4 'Structure model' '_struct_ref_seq_dif.details'         
# 
_pdbx_database_status.status_code                     REL 
_pdbx_database_status.entry_id                        1Z1V 
_pdbx_database_status.recvd_initial_deposition_date   2005-03-06 
_pdbx_database_status.deposit_site                    RCSB 
_pdbx_database_status.process_site                    RCSB 
_pdbx_database_status.status_code_sf                  ? 
_pdbx_database_status.status_code_mr                  REL 
_pdbx_database_status.SG_entry                        ? 
_pdbx_database_status.pdb_format_compatible           Y 
_pdbx_database_status.status_code_cs                  ? 
_pdbx_database_status.status_code_nmr_data            ? 
_pdbx_database_status.methods_development_category    ? 
# 
_pdbx_database_related.db_name        PDB 
_pdbx_database_related.db_id          1UQV 
_pdbx_database_related.details        'similar to Grimshaw SJ et al. (2004). J.Biol.Chem. 279(3) :2192-2201' 
_pdbx_database_related.content_type   unspecified 
# 
loop_
_audit_author.name 
_audit_author.pdbx_ordinal 
'Kwan, J.J.'      1 
'Warner, N.'      2 
'Maini, J.'       3 
'Pawson, T.'      4 
'Donaldson, L.W.' 5 
# 
_citation.id                        primary 
_citation.title                     
'Saccharomyces cerevisiae Ste50 binds the MAPKKK Ste11 through a head-to-tail SAM domain interaction.' 
_citation.journal_abbrev            J.Mol.Biol. 
_citation.journal_volume            356 
_citation.page_first                142 
_citation.page_last                 154 
_citation.year                      2006 
_citation.journal_id_ASTM           JMOBAK 
_citation.country                   UK 
_citation.journal_id_ISSN           0022-2836 
_citation.journal_id_CSD            0070 
_citation.book_publisher            ? 
_citation.pdbx_database_id_PubMed   16337230 
_citation.pdbx_database_id_DOI      10.1016/j.jmb.2005.11.012 
# 
loop_
_citation_author.citation_id 
_citation_author.name 
_citation_author.ordinal 
_citation_author.identifier_ORCID 
primary 'Kwan, J.J.'      1 ? 
primary 'Warner, N.'      2 ? 
primary 'Maini, J.'       3 ? 
primary 'Chan Tung, K.W.' 4 ? 
primary 'Zakaria, H.'     5 ? 
primary 'Pawson, T.'      6 ? 
primary 'Donaldson, L.W.' 7 ? 
# 
_entity.id                         1 
_entity.type                       polymer 
_entity.src_method                 man 
_entity.pdbx_description           'STE50 protein' 
_entity.formula_weight             9309.657 
_entity.pdbx_number_of_molecules   1 
_entity.pdbx_ec                    ? 
_entity.pdbx_mutation              ? 
_entity.pdbx_fragment              'ste50 SAM domain (residues 32-107)' 
_entity.details                    ? 
# 
_entity_poly.entity_id                      1 
_entity_poly.type                           'polypeptide(L)' 
_entity_poly.nstd_linkage                   no 
_entity_poly.nstd_monomer                   no 
_entity_poly.pdbx_seq_one_letter_code       GSHMFSQWSVDDVITWCISTLEVEETDPLCQRLRENDIVGDLLPELCLQDCQDLCDGDLNKAIKFKILINKMRDSKLEWK 
_entity_poly.pdbx_seq_one_letter_code_can   GSHMFSQWSVDDVITWCISTLEVEETDPLCQRLRENDIVGDLLPELCLQDCQDLCDGDLNKAIKFKILINKMRDSKLEWK 
_entity_poly.pdbx_strand_id                 A 
_entity_poly.pdbx_target_identifier         ? 
# 
loop_
_entity_poly_seq.entity_id 
_entity_poly_seq.num 
_entity_poly_seq.mon_id 
_entity_poly_seq.hetero 
1 1  GLY n 
1 2  SER n 
1 3  HIS n 
1 4  MET n 
1 5  PHE n 
1 6  SER n 
1 7  GLN n 
1 8  TRP n 
1 9  SER n 
1 10 VAL n 
1 11 ASP n 
1 12 ASP n 
1 13 VAL n 
1 14 ILE n 
1 15 THR n 
1 16 TRP n 
1 17 CYS n 
1 18 ILE n 
1 19 SER n 
1 20 THR n 
1 21 LEU n 
1 22 GLU n 
1 23 VAL n 
1 24 GLU n 
1 25 GLU n 
1 26 THR n 
1 27 ASP n 
1 28 PRO n 
1 29 LEU n 
1 30 CYS n 
1 31 GLN n 
1 32 ARG n 
1 33 LEU n 
1 34 ARG n 
1 35 GLU n 
1 36 ASN n 
1 37 ASP n 
1 38 ILE n 
1 39 VAL n 
1 40 GLY n 
1 41 ASP n 
1 42 LEU n 
1 43 LEU n 
1 44 PRO n 
1 45 GLU n 
1 46 LEU n 
1 47 CYS n 
1 48 LEU n 
1 49 GLN n 
1 50 ASP n 
1 51 CYS n 
1 52 GLN n 
1 53 ASP n 
1 54 LEU n 
1 55 CYS n 
1 56 ASP n 
1 57 GLY n 
1 58 ASP n 
1 59 LEU n 
1 60 ASN n 
1 61 LYS n 
1 62 ALA n 
1 63 ILE n 
1 64 LYS n 
1 65 PHE n 
1 66 LYS n 
1 67 ILE n 
1 68 LEU n 
1 69 ILE n 
1 70 ASN n 
1 71 LYS n 
1 72 MET n 
1 73 ARG n 
1 74 ASP n 
1 75 SER n 
1 76 LYS n 
1 77 LEU n 
1 78 GLU n 
1 79 TRP n 
1 80 LYS n 
# 
_entity_src_gen.entity_id                          1 
_entity_src_gen.pdbx_src_id                        1 
_entity_src_gen.pdbx_alt_source_flag               sample 
_entity_src_gen.pdbx_seq_type                      ? 
_entity_src_gen.pdbx_beg_seq_num                   ? 
_entity_src_gen.pdbx_end_seq_num                   ? 
_entity_src_gen.gene_src_common_name               
;baker's yeast
;
_entity_src_gen.gene_src_genus                     Saccharomyces 
_entity_src_gen.pdbx_gene_src_gene                 STE50 
_entity_src_gen.gene_src_species                   ? 
_entity_src_gen.gene_src_strain                    ? 
_entity_src_gen.gene_src_tissue                    ? 
_entity_src_gen.gene_src_tissue_fraction           ? 
_entity_src_gen.gene_src_details                   ? 
_entity_src_gen.pdbx_gene_src_fragment             ? 
_entity_src_gen.pdbx_gene_src_scientific_name      'Saccharomyces cerevisiae' 
_entity_src_gen.pdbx_gene_src_ncbi_taxonomy_id     4932 
_entity_src_gen.pdbx_gene_src_variant              ? 
_entity_src_gen.pdbx_gene_src_cell_line            ? 
_entity_src_gen.pdbx_gene_src_atcc                 ? 
_entity_src_gen.pdbx_gene_src_organ                ? 
_entity_src_gen.pdbx_gene_src_organelle            ? 
_entity_src_gen.pdbx_gene_src_cell                 ? 
_entity_src_gen.pdbx_gene_src_cellular_location    ? 
_entity_src_gen.host_org_common_name               ? 
_entity_src_gen.pdbx_host_org_scientific_name      'Escherichia coli BL21(DE3)' 
_entity_src_gen.pdbx_host_org_ncbi_taxonomy_id     469008 
_entity_src_gen.host_org_genus                     Escherichia 
_entity_src_gen.pdbx_host_org_gene                 ? 
_entity_src_gen.pdbx_host_org_organ                ? 
_entity_src_gen.host_org_species                   'Escherichia coli' 
_entity_src_gen.pdbx_host_org_tissue               ? 
_entity_src_gen.pdbx_host_org_tissue_fraction      ? 
_entity_src_gen.pdbx_host_org_strain               'BL21(DE3)' 
_entity_src_gen.pdbx_host_org_variant              ? 
_entity_src_gen.pdbx_host_org_cell_line            ? 
_entity_src_gen.pdbx_host_org_atcc                 ? 
_entity_src_gen.pdbx_host_org_culture_collection   ? 
_entity_src_gen.pdbx_host_org_cell                 ? 
_entity_src_gen.pdbx_host_org_organelle            ? 
_entity_src_gen.pdbx_host_org_cellular_location    ? 
_entity_src_gen.pdbx_host_org_vector_type          plasmid 
_entity_src_gen.pdbx_host_org_vector               ? 
_entity_src_gen.host_org_details                   ? 
_entity_src_gen.expression_system_id               ? 
_entity_src_gen.plasmid_name                       pET15b 
_entity_src_gen.plasmid_details                    ? 
_entity_src_gen.pdbx_description                   
;this protein fragment was cloned into the NdeI and BamHI sites of pET15b creating an aminoterminal hexahistidine tagged protein with an intervening thrombin protease cleavage site. After thrombin treatment, the non-native residues GSH remained amino terminal to the native Ste50 sequence
;
# 
loop_
_chem_comp.id 
_chem_comp.type 
_chem_comp.mon_nstd_flag 
_chem_comp.name 
_chem_comp.pdbx_synonyms 
_chem_comp.formula 
_chem_comp.formula_weight 
ALA 'L-peptide linking' y ALANINE         ? 'C3 H7 N O2'     89.093  
ARG 'L-peptide linking' y ARGININE        ? 'C6 H15 N4 O2 1' 175.209 
ASN 'L-peptide linking' y ASPARAGINE      ? 'C4 H8 N2 O3'    132.118 
ASP 'L-peptide linking' y 'ASPARTIC ACID' ? 'C4 H7 N O4'     133.103 
CYS 'L-peptide linking' y CYSTEINE        ? 'C3 H7 N O2 S'   121.158 
GLN 'L-peptide linking' y GLUTAMINE       ? 'C5 H10 N2 O3'   146.144 
GLU 'L-peptide linking' y 'GLUTAMIC ACID' ? 'C5 H9 N O4'     147.129 
GLY 'peptide linking'   y GLYCINE         ? 'C2 H5 N O2'     75.067  
HIS 'L-peptide linking' y HISTIDINE       ? 'C6 H10 N3 O2 1' 156.162 
ILE 'L-peptide linking' y ISOLEUCINE      ? 'C6 H13 N O2'    131.173 
LEU 'L-peptide linking' y LEUCINE         ? 'C6 H13 N O2'    131.173 
LYS 'L-peptide linking' y LYSINE          ? 'C6 H15 N2 O2 1' 147.195 
MET 'L-peptide linking' y METHIONINE      ? 'C5 H11 N O2 S'  149.211 
PHE 'L-peptide linking' y PHENYLALANINE   ? 'C9 H11 N O2'    165.189 
PRO 'L-peptide linking' y PROLINE         ? 'C5 H9 N O2'     115.130 
SER 'L-peptide linking' y SERINE          ? 'C3 H7 N O3'     105.093 
THR 'L-peptide linking' y THREONINE       ? 'C4 H9 N O3'     119.119 
TRP 'L-peptide linking' y TRYPTOPHAN      ? 'C11 H12 N2 O2'  204.225 
VAL 'L-peptide linking' y VALINE          ? 'C5 H11 N O2'    117.146 
# 
loop_
_pdbx_poly_seq_scheme.asym_id 
_pdbx_poly_seq_scheme.entity_id 
_pdbx_poly_seq_scheme.seq_id 
_pdbx_poly_seq_scheme.mon_id 
_pdbx_poly_seq_scheme.ndb_seq_num 
_pdbx_poly_seq_scheme.pdb_seq_num 
_pdbx_poly_seq_scheme.auth_seq_num 
_pdbx_poly_seq_scheme.pdb_mon_id 
_pdbx_poly_seq_scheme.auth_mon_id 
_pdbx_poly_seq_scheme.pdb_strand_id 
_pdbx_poly_seq_scheme.pdb_ins_code 
_pdbx_poly_seq_scheme.hetero 
A 1 1  GLY 1  28  ?   ?   ?   A . n 
A 1 2  SER 2  29  ?   ?   ?   A . n 
A 1 3  HIS 3  30  ?   ?   ?   A . n 
A 1 4  MET 4  31  ?   ?   ?   A . n 
A 1 5  PHE 5  32  ?   ?   ?   A . n 
A 1 6  SER 6  33  33  SER SER A . n 
A 1 7  GLN 7  34  34  GLN GLN A . n 
A 1 8  TRP 8  35  35  TRP TRP A . n 
A 1 9  SER 9  36  36  SER SER A . n 
A 1 10 VAL 10 37  37  VAL VAL A . n 
A 1 11 ASP 11 38  38  ASP ASP A . n 
A 1 12 ASP 12 39  39  ASP ASP A . n 
A 1 13 VAL 13 40  40  VAL VAL A . n 
A 1 14 ILE 14 41  41  ILE ILE A . n 
A 1 15 THR 15 42  42  THR THR A . n 
A 1 16 TRP 16 43  43  TRP TRP A . n 
A 1 17 CYS 17 44  44  CYS CYS A . n 
A 1 18 ILE 18 45  45  ILE ILE A . n 
A 1 19 SER 19 46  46  SER SER A . n 
A 1 20 THR 20 47  47  THR THR A . n 
A 1 21 LEU 21 48  48  LEU LEU A . n 
A 1 22 GLU 22 49  49  GLU GLU A . n 
A 1 23 VAL 23 50  50  VAL VAL A . n 
A 1 24 GLU 24 51  51  GLU GLU A . n 
A 1 25 GLU 25 52  52  GLU GLU A . n 
A 1 26 THR 26 53  53  THR THR A . n 
A 1 27 ASP 27 54  54  ASP ASP A . n 
A 1 28 PRO 28 55  55  PRO PRO A . n 
A 1 29 LEU 29 56  56  LEU LEU A . n 
A 1 30 CYS 30 57  57  CYS CYS A . n 
A 1 31 GLN 31 58  58  GLN GLN A . n 
A 1 32 ARG 32 59  59  ARG ARG A . n 
A 1 33 LEU 33 60  60  LEU LEU A . n 
A 1 34 ARG 34 61  61  ARG ARG A . n 
A 1 35 GLU 35 62  62  GLU GLU A . n 
A 1 36 ASN 36 63  63  ASN ASN A . n 
A 1 37 ASP 37 64  64  ASP ASP A . n 
A 1 38 ILE 38 65  65  ILE ILE A . n 
A 1 39 VAL 39 66  66  VAL VAL A . n 
A 1 40 GLY 40 67  67  GLY GLY A . n 
A 1 41 ASP 41 68  68  ASP ASP A . n 
A 1 42 LEU 42 69  69  LEU LEU A . n 
A 1 43 LEU 43 70  70  LEU LEU A . n 
A 1 44 PRO 44 71  71  PRO PRO A . n 
A 1 45 GLU 45 72  72  GLU GLU A . n 
A 1 46 LEU 46 73  73  LEU LEU A . n 
A 1 47 CYS 47 74  74  CYS CYS A . n 
A 1 48 LEU 48 75  75  LEU LEU A . n 
A 1 49 GLN 49 76  76  GLN GLN A . n 
A 1 50 ASP 50 77  77  ASP ASP A . n 
A 1 51 CYS 51 78  78  CYS CYS A . n 
A 1 52 GLN 52 79  79  GLN GLN A . n 
A 1 53 ASP 53 80  80  ASP ASP A . n 
A 1 54 LEU 54 81  81  LEU LEU A . n 
A 1 55 CYS 55 82  82  CYS CYS A . n 
A 1 56 ASP 56 83  83  ASP ASP A . n 
A 1 57 GLY 57 84  84  GLY GLY A . n 
A 1 58 ASP 58 85  85  ASP ASP A . n 
A 1 59 LEU 59 86  86  LEU LEU A . n 
A 1 60 ASN 60 87  87  ASN ASN A . n 
A 1 61 LYS 61 88  88  LYS LYS A . n 
A 1 62 ALA 62 89  89  ALA ALA A . n 
A 1 63 ILE 63 90  90  ILE ILE A . n 
A 1 64 LYS 64 91  91  LYS LYS A . n 
A 1 65 PHE 65 92  92  PHE PHE A . n 
A 1 66 LYS 66 93  93  LYS LYS A . n 
A 1 67 ILE 67 94  94  ILE ILE A . n 
A 1 68 LEU 68 95  95  LEU LEU A . n 
A 1 69 ILE 69 96  96  ILE ILE A . n 
A 1 70 ASN 70 97  97  ASN ASN A . n 
A 1 71 LYS 71 98  98  LYS LYS A . n 
A 1 72 MET 72 99  99  MET MET A . n 
A 1 73 ARG 73 100 100 ARG ARG A . n 
A 1 74 ASP 74 101 101 ASP ASP A . n 
A 1 75 SER 75 102 102 SER SER A . n 
A 1 76 LYS 76 103 ?   ?   ?   A . n 
A 1 77 LEU 77 104 ?   ?   ?   A . n 
A 1 78 GLU 78 105 ?   ?   ?   A . n 
A 1 79 TRP 79 106 ?   ?   ?   A . n 
A 1 80 LYS 80 107 ?   ?   ?   A . n 
# 
_exptl.entry_id          1Z1V 
_exptl.method            'SOLUTION NMR' 
_exptl.crystals_number   ? 
# 
_exptl_crystal.id                    1 
_exptl_crystal.density_meas          ? 
_exptl_crystal.density_percent_sol   ? 
_exptl_crystal.density_Matthews      ? 
_exptl_crystal.description           ? 
_exptl_crystal.F_000                 ? 
_exptl_crystal.preparation           ? 
# 
_diffrn.id                     1 
_diffrn.ambient_temp           ? 
_diffrn.ambient_temp_details   ? 
_diffrn.crystal_id             1 
# 
_diffrn_radiation.diffrn_id                        1 
_diffrn_radiation.wavelength_id                    1 
_diffrn_radiation.monochromator                    ? 
_diffrn_radiation.pdbx_monochromatic_or_laue_m_l   M 
_diffrn_radiation.pdbx_diffrn_protocol             'SINGLE WAVELENGTH' 
_diffrn_radiation.pdbx_scattering_type             ? 
# 
_diffrn_radiation_wavelength.id           1 
_diffrn_radiation_wavelength.wavelength   . 
_diffrn_radiation_wavelength.wt           1.0 
# 
_struct.entry_id                  1Z1V 
_struct.title                     'NMR structure of the Saccharomyces cerevisiae Ste50 SAM domain' 
_struct.pdbx_model_details        ? 
_struct.pdbx_CASP_flag            ? 
_struct.pdbx_model_type_details   ? 
# 
_struct_keywords.entry_id        1Z1V 
_struct_keywords.pdbx_keywords   'CELL CYCLE' 
_struct_keywords.text            'all helix protein, SAM domain, CELL CYCLE' 
# 
_struct_asym.id                            A 
_struct_asym.pdbx_blank_PDB_chainid_flag   N 
_struct_asym.pdbx_modified                 N 
_struct_asym.entity_id                     1 
_struct_asym.details                       ? 
# 
_struct_ref.id                         1 
_struct_ref.db_name                    UNP 
_struct_ref.db_code                    ST50_YEAST 
_struct_ref.pdbx_db_accession          P25344 
_struct_ref.entity_id                  1 
_struct_ref.pdbx_seq_one_letter_code   FSQWSVDDVITWCISTLEVEETDPLCQRLRENDIVGDLLPELCLQDCQDLCDGDLNKAIKFKILINKMRDSKLEWK 
_struct_ref.pdbx_align_begin           32 
_struct_ref.pdbx_db_isoform            ? 
# 
_struct_ref_seq.align_id                      1 
_struct_ref_seq.ref_id                        1 
_struct_ref_seq.pdbx_PDB_id_code              1Z1V 
_struct_ref_seq.pdbx_strand_id                A 
_struct_ref_seq.seq_align_beg                 5 
_struct_ref_seq.pdbx_seq_align_beg_ins_code   ? 
_struct_ref_seq.seq_align_end                 80 
_struct_ref_seq.pdbx_seq_align_end_ins_code   ? 
_struct_ref_seq.pdbx_db_accession             P25344 
_struct_ref_seq.db_align_beg                  32 
_struct_ref_seq.pdbx_db_align_beg_ins_code    ? 
_struct_ref_seq.db_align_end                  107 
_struct_ref_seq.pdbx_db_align_end_ins_code    ? 
_struct_ref_seq.pdbx_auth_seq_align_beg       32 
_struct_ref_seq.pdbx_auth_seq_align_end       107 
# 
loop_
_struct_ref_seq_dif.align_id 
_struct_ref_seq_dif.pdbx_pdb_id_code 
_struct_ref_seq_dif.mon_id 
_struct_ref_seq_dif.pdbx_pdb_strand_id 
_struct_ref_seq_dif.seq_num 
_struct_ref_seq_dif.pdbx_pdb_ins_code 
_struct_ref_seq_dif.pdbx_seq_db_name 
_struct_ref_seq_dif.pdbx_seq_db_accession_code 
_struct_ref_seq_dif.db_mon_id 
_struct_ref_seq_dif.pdbx_seq_db_seq_num 
_struct_ref_seq_dif.details 
_struct_ref_seq_dif.pdbx_auth_seq_num 
_struct_ref_seq_dif.pdbx_ordinal 
1 1Z1V GLY A 1 ? UNP P25344 ? ? 'cloning artifact' 28 1 
1 1Z1V SER A 2 ? UNP P25344 ? ? 'cloning artifact' 29 2 
1 1Z1V HIS A 3 ? UNP P25344 ? ? 'cloning artifact' 30 3 
1 1Z1V MET A 4 ? UNP P25344 ? ? 'cloning artifact' 31 4 
# 
_pdbx_struct_assembly.id                   1 
_pdbx_struct_assembly.details              author_defined_assembly 
_pdbx_struct_assembly.method_details       ? 
_pdbx_struct_assembly.oligomeric_details   monomeric 
_pdbx_struct_assembly.oligomeric_count     1 
# 
_pdbx_struct_assembly_gen.assembly_id       1 
_pdbx_struct_assembly_gen.oper_expression   1 
_pdbx_struct_assembly_gen.asym_id_list      A 
# 
_pdbx_struct_oper_list.id                   1 
_pdbx_struct_oper_list.type                 'identity operation' 
_pdbx_struct_oper_list.name                 1_555 
_pdbx_struct_oper_list.symmetry_operation   x,y,z 
_pdbx_struct_oper_list.matrix[1][1]         1.0000000000 
_pdbx_struct_oper_list.matrix[1][2]         0.0000000000 
_pdbx_struct_oper_list.matrix[1][3]         0.0000000000 
_pdbx_struct_oper_list.vector[1]            0.0000000000 
_pdbx_struct_oper_list.matrix[2][1]         0.0000000000 
_pdbx_struct_oper_list.matrix[2][2]         1.0000000000 
_pdbx_struct_oper_list.matrix[2][3]         0.0000000000 
_pdbx_struct_oper_list.vector[2]            0.0000000000 
_pdbx_struct_oper_list.matrix[3][1]         0.0000000000 
_pdbx_struct_oper_list.matrix[3][2]         0.0000000000 
_pdbx_struct_oper_list.matrix[3][3]         1.0000000000 
_pdbx_struct_oper_list.vector[3]            0.0000000000 
# 
_struct_biol.id   1 
# 
loop_
_struct_conf.conf_type_id 
_struct_conf.id 
_struct_conf.pdbx_PDB_helix_id 
_struct_conf.beg_label_comp_id 
_struct_conf.beg_label_asym_id 
_struct_conf.beg_label_seq_id 
_struct_conf.pdbx_beg_PDB_ins_code 
_struct_conf.end_label_comp_id 
_struct_conf.end_label_asym_id 
_struct_conf.end_label_seq_id 
_struct_conf.pdbx_end_PDB_ins_code 
_struct_conf.beg_auth_comp_id 
_struct_conf.beg_auth_asym_id 
_struct_conf.beg_auth_seq_id 
_struct_conf.end_auth_comp_id 
_struct_conf.end_auth_asym_id 
_struct_conf.end_auth_seq_id 
_struct_conf.pdbx_PDB_helix_class 
_struct_conf.details 
_struct_conf.pdbx_PDB_helix_length 
HELX_P HELX_P1 1 SER A 9  ? GLU A 22 ? SER A 36 GLU A 49  1 ? 14 
HELX_P HELX_P2 2 ASP A 27 ? ASN A 36 ? ASP A 54 ASN A 63  1 ? 10 
HELX_P HELX_P3 3 LEU A 42 ? LEU A 46 ? LEU A 69 LEU A 73  5 ? 5  
HELX_P HELX_P4 4 CYS A 47 ? CYS A 55 ? CYS A 74 CYS A 82  1 ? 9  
HELX_P HELX_P5 5 ASP A 58 ? SER A 75 ? ASP A 85 SER A 102 1 ? 18 
# 
_struct_conf_type.id          HELX_P 
_struct_conf_type.criteria    ? 
_struct_conf_type.reference   ? 
# 
_pdbx_validate_torsion.id              1 
_pdbx_validate_torsion.PDB_model_num   1 
_pdbx_validate_torsion.auth_comp_id    GLN 
_pdbx_validate_torsion.auth_asym_id    A 
_pdbx_validate_torsion.auth_seq_id     34 
_pdbx_validate_torsion.PDB_ins_code    ? 
_pdbx_validate_torsion.label_alt_id    ? 
_pdbx_validate_torsion.phi             35.80 
_pdbx_validate_torsion.psi             70.84 
# 
_pdbx_nmr_ensemble.entry_id                             1Z1V 
_pdbx_nmr_ensemble.conformers_calculated_total_number   ? 
_pdbx_nmr_ensemble.conformers_submitted_total_number    1 
_pdbx_nmr_ensemble.conformer_selection_criteria         ? 
# 
_pdbx_nmr_representative.entry_id             1Z1V 
_pdbx_nmr_representative.conformer_id         1 
_pdbx_nmr_representative.selection_criteria   'lowest energy' 
# 
_pdbx_nmr_sample_details.solution_id      1 
_pdbx_nmr_sample_details.contents         
'0.8 mM Ste50 SAM  U-15N,13C, 20 mM sodium phosphate buffer, pH 7.8, 150 mM sodium chloride, 0.02 % sodium azide, 90% H2O, 10% D2O' 
_pdbx_nmr_sample_details.solvent_system   '90% H2O/10% D2O' 
# 
_pdbx_nmr_exptl_sample_conditions.conditions_id       1 
_pdbx_nmr_exptl_sample_conditions.temperature         293 
_pdbx_nmr_exptl_sample_conditions.pressure            1 
_pdbx_nmr_exptl_sample_conditions.pH                  7.8 
_pdbx_nmr_exptl_sample_conditions.ionic_strength      '150 mM NaCl' 
_pdbx_nmr_exptl_sample_conditions.pressure_units      atm 
_pdbx_nmr_exptl_sample_conditions.temperature_units   K 
# 
loop_
_pdbx_nmr_exptl.experiment_id 
_pdbx_nmr_exptl.conditions_id 
_pdbx_nmr_exptl.type 
_pdbx_nmr_exptl.solution_id 
1 1 3D_13C-separated_NOESY 1 
2 1 3D_15N-separated_NOESY 1 
# 
_pdbx_nmr_details.entry_id   1Z1V 
_pdbx_nmr_details.text       'This structure was determined using standard 3D heteronuclear techniques' 
# 
_pdbx_nmr_refine.entry_id           1Z1V 
_pdbx_nmr_refine.method             'simulated annealing' 
_pdbx_nmr_refine.details            
;Experimental observations: 615 intermolecular NOE distance restraints, 328 short range NOE distance restraints, 163 medium range NOE distance restraints, 149 long range NOE restraints, 42 pairs of hydrogen bond distance restraints and 69 pairs of phi/psi dihedral angle restraints.  
An initial ensemble of 500 structures were calculated with CYANA 2.0. The top 25 structures with minimum restraint violations were refined in water using XPLOR-NIH and a protocol by C. Spronk. All 25 water refined structures had no NOE violations > 0.5 A and no dihedral violations > 5 degrees. For residues 35-100, the backbone RMSD of the ensemble is 0.75 +/- 0.14 A. 
Residues 28-32 and 101-107 are disordered.
;
_pdbx_nmr_refine.software_ordinal   1 
# 
loop_
_pdbx_nmr_software.classification 
_pdbx_nmr_software.name 
_pdbx_nmr_software.version 
_pdbx_nmr_software.authors 
_pdbx_nmr_software.ordinal 
processing           NMRPipe   .     Delagio 1 
'data analysis'      NMRView   5.2   Johnson 2 
'structure solution' CYANA     2.0   Guntert 3 
refinement           XPLOR-NIH 2.9.9 ?       4 
# 
loop_
_pdbx_unobs_or_zero_occ_residues.id 
_pdbx_unobs_or_zero_occ_residues.PDB_model_num 
_pdbx_unobs_or_zero_occ_residues.polymer_flag 
_pdbx_unobs_or_zero_occ_residues.occupancy_flag 
_pdbx_unobs_or_zero_occ_residues.auth_asym_id 
_pdbx_unobs_or_zero_occ_residues.auth_comp_id 
_pdbx_unobs_or_zero_occ_residues.auth_seq_id 
_pdbx_unobs_or_zero_occ_residues.PDB_ins_code 
_pdbx_unobs_or_zero_occ_residues.label_asym_id 
_pdbx_unobs_or_zero_occ_residues.label_comp_id 
_pdbx_unobs_or_zero_occ_residues.label_seq_id 
1  1 Y 1 A GLY 28  ? A GLY 1  
2  1 Y 1 A SER 29  ? A SER 2  
3  1 Y 1 A HIS 30  ? A HIS 3  
4  1 Y 1 A MET 31  ? A MET 4  
5  1 Y 1 A PHE 32  ? A PHE 5  
6  1 Y 1 A LYS 103 ? A LYS 76 
7  1 Y 1 A LEU 104 ? A LEU 77 
8  1 Y 1 A GLU 105 ? A GLU 78 
9  1 Y 1 A TRP 106 ? A TRP 79 
10 1 Y 1 A LYS 107 ? A LYS 80 
# 
loop_
_chem_comp_atom.comp_id 
_chem_comp_atom.atom_id 
_chem_comp_atom.type_symbol 
_chem_comp_atom.pdbx_aromatic_flag 
_chem_comp_atom.pdbx_stereo_config 
_chem_comp_atom.pdbx_ordinal 
ALA N    N N N 1   
ALA CA   C N S 2   
ALA C    C N N 3   
ALA O    O N N 4   
ALA CB   C N N 5   
ALA OXT  O N N 6   
ALA H    H N N 7   
ALA H2   H N N 8   
ALA HA   H N N 9   
ALA HB1  H N N 10  
ALA HB2  H N N 11  
ALA HB3  H N N 12  
ALA HXT  H N N 13  
ARG N    N N N 14  
ARG CA   C N S 15  
ARG C    C N N 16  
ARG O    O N N 17  
ARG CB   C N N 18  
ARG CG   C N N 19  
ARG CD   C N N 20  
ARG NE   N N N 21  
ARG CZ   C N N 22  
ARG NH1  N N N 23  
ARG NH2  N N N 24  
ARG OXT  O N N 25  
ARG H    H N N 26  
ARG H2   H N N 27  
ARG HA   H N N 28  
ARG HB2  H N N 29  
ARG HB3  H N N 30  
ARG HG2  H N N 31  
ARG HG3  H N N 32  
ARG HD2  H N N 33  
ARG HD3  H N N 34  
ARG HE   H N N 35  
ARG HH11 H N N 36  
ARG HH12 H N N 37  
ARG HH21 H N N 38  
ARG HH22 H N N 39  
ARG HXT  H N N 40  
ASN N    N N N 41  
ASN CA   C N S 42  
ASN C    C N N 43  
ASN O    O N N 44  
ASN CB   C N N 45  
ASN CG   C N N 46  
ASN OD1  O N N 47  
ASN ND2  N N N 48  
ASN OXT  O N N 49  
ASN H    H N N 50  
ASN H2   H N N 51  
ASN HA   H N N 52  
ASN HB2  H N N 53  
ASN HB3  H N N 54  
ASN HD21 H N N 55  
ASN HD22 H N N 56  
ASN HXT  H N N 57  
ASP N    N N N 58  
ASP CA   C N S 59  
ASP C    C N N 60  
ASP O    O N N 61  
ASP CB   C N N 62  
ASP CG   C N N 63  
ASP OD1  O N N 64  
ASP OD2  O N N 65  
ASP OXT  O N N 66  
ASP H    H N N 67  
ASP H2   H N N 68  
ASP HA   H N N 69  
ASP HB2  H N N 70  
ASP HB3  H N N 71  
ASP HD2  H N N 72  
ASP HXT  H N N 73  
CYS N    N N N 74  
CYS CA   C N R 75  
CYS C    C N N 76  
CYS O    O N N 77  
CYS CB   C N N 78  
CYS SG   S N N 79  
CYS OXT  O N N 80  
CYS H    H N N 81  
CYS H2   H N N 82  
CYS HA   H N N 83  
CYS HB2  H N N 84  
CYS HB3  H N N 85  
CYS HG   H N N 86  
CYS HXT  H N N 87  
GLN N    N N N 88  
GLN CA   C N S 89  
GLN C    C N N 90  
GLN O    O N N 91  
GLN CB   C N N 92  
GLN CG   C N N 93  
GLN CD   C N N 94  
GLN OE1  O N N 95  
GLN NE2  N N N 96  
GLN OXT  O N N 97  
GLN H    H N N 98  
GLN H2   H N N 99  
GLN HA   H N N 100 
GLN HB2  H N N 101 
GLN HB3  H N N 102 
GLN HG2  H N N 103 
GLN HG3  H N N 104 
GLN HE21 H N N 105 
GLN HE22 H N N 106 
GLN HXT  H N N 107 
GLU N    N N N 108 
GLU CA   C N S 109 
GLU C    C N N 110 
GLU O    O N N 111 
GLU CB   C N N 112 
GLU CG   C N N 113 
GLU CD   C N N 114 
GLU OE1  O N N 115 
GLU OE2  O N N 116 
GLU OXT  O N N 117 
GLU H    H N N 118 
GLU H2   H N N 119 
GLU HA   H N N 120 
GLU HB2  H N N 121 
GLU HB3  H N N 122 
GLU HG2  H N N 123 
GLU HG3  H N N 124 
GLU HE2  H N N 125 
GLU HXT  H N N 126 
GLY N    N N N 127 
GLY CA   C N N 128 
GLY C    C N N 129 
GLY O    O N N 130 
GLY OXT  O N N 131 
GLY H    H N N 132 
GLY H2   H N N 133 
GLY HA2  H N N 134 
GLY HA3  H N N 135 
GLY HXT  H N N 136 
HIS N    N N N 137 
HIS CA   C N S 138 
HIS C    C N N 139 
HIS O    O N N 140 
HIS CB   C N N 141 
HIS CG   C Y N 142 
HIS ND1  N Y N 143 
HIS CD2  C Y N 144 
HIS CE1  C Y N 145 
HIS NE2  N Y N 146 
HIS OXT  O N N 147 
HIS H    H N N 148 
HIS H2   H N N 149 
HIS HA   H N N 150 
HIS HB2  H N N 151 
HIS HB3  H N N 152 
HIS HD1  H N N 153 
HIS HD2  H N N 154 
HIS HE1  H N N 155 
HIS HE2  H N N 156 
HIS HXT  H N N 157 
ILE N    N N N 158 
ILE CA   C N S 159 
ILE C    C N N 160 
ILE O    O N N 161 
ILE CB   C N S 162 
ILE CG1  C N N 163 
ILE CG2  C N N 164 
ILE CD1  C N N 165 
ILE OXT  O N N 166 
ILE H    H N N 167 
ILE H2   H N N 168 
ILE HA   H N N 169 
ILE HB   H N N 170 
ILE HG12 H N N 171 
ILE HG13 H N N 172 
ILE HG21 H N N 173 
ILE HG22 H N N 174 
ILE HG23 H N N 175 
ILE HD11 H N N 176 
ILE HD12 H N N 177 
ILE HD13 H N N 178 
ILE HXT  H N N 179 
LEU N    N N N 180 
LEU CA   C N S 181 
LEU C    C N N 182 
LEU O    O N N 183 
LEU CB   C N N 184 
LEU CG   C N N 185 
LEU CD1  C N N 186 
LEU CD2  C N N 187 
LEU OXT  O N N 188 
LEU H    H N N 189 
LEU H2   H N N 190 
LEU HA   H N N 191 
LEU HB2  H N N 192 
LEU HB3  H N N 193 
LEU HG   H N N 194 
LEU HD11 H N N 195 
LEU HD12 H N N 196 
LEU HD13 H N N 197 
LEU HD21 H N N 198 
LEU HD22 H N N 199 
LEU HD23 H N N 200 
LEU HXT  H N N 201 
LYS N    N N N 202 
LYS CA   C N S 203 
LYS C    C N N 204 
LYS O    O N N 205 
LYS CB   C N N 206 
LYS CG   C N N 207 
LYS CD   C N N 208 
LYS CE   C N N 209 
LYS NZ   N N N 210 
LYS OXT  O N N 211 
LYS H    H N N 212 
LYS H2   H N N 213 
LYS HA   H N N 214 
LYS HB2  H N N 215 
LYS HB3  H N N 216 
LYS HG2  H N N 217 
LYS HG3  H N N 218 
LYS HD2  H N N 219 
LYS HD3  H N N 220 
LYS HE2  H N N 221 
LYS HE3  H N N 222 
LYS HZ1  H N N 223 
LYS HZ2  H N N 224 
LYS HZ3  H N N 225 
LYS HXT  H N N 226 
MET N    N N N 227 
MET CA   C N S 228 
MET C    C N N 229 
MET O    O N N 230 
MET CB   C N N 231 
MET CG   C N N 232 
MET SD   S N N 233 
MET CE   C N N 234 
MET OXT  O N N 235 
MET H    H N N 236 
MET H2   H N N 237 
MET HA   H N N 238 
MET HB2  H N N 239 
MET HB3  H N N 240 
MET HG2  H N N 241 
MET HG3  H N N 242 
MET HE1  H N N 243 
MET HE2  H N N 244 
MET HE3  H N N 245 
MET HXT  H N N 246 
PHE N    N N N 247 
PHE CA   C N S 248 
PHE C    C N N 249 
PHE O    O N N 250 
PHE CB   C N N 251 
PHE CG   C Y N 252 
PHE CD1  C Y N 253 
PHE CD2  C Y N 254 
PHE CE1  C Y N 255 
PHE CE2  C Y N 256 
PHE CZ   C Y N 257 
PHE OXT  O N N 258 
PHE H    H N N 259 
PHE H2   H N N 260 
PHE HA   H N N 261 
PHE HB2  H N N 262 
PHE HB3  H N N 263 
PHE HD1  H N N 264 
PHE HD2  H N N 265 
PHE HE1  H N N 266 
PHE HE2  H N N 267 
PHE HZ   H N N 268 
PHE HXT  H N N 269 
PRO N    N N N 270 
PRO CA   C N S 271 
PRO C    C N N 272 
PRO O    O N N 273 
PRO CB   C N N 274 
PRO CG   C N N 275 
PRO CD   C N N 276 
PRO OXT  O N N 277 
PRO H    H N N 278 
PRO HA   H N N 279 
PRO HB2  H N N 280 
PRO HB3  H N N 281 
PRO HG2  H N N 282 
PRO HG3  H N N 283 
PRO HD2  H N N 284 
PRO HD3  H N N 285 
PRO HXT  H N N 286 
SER N    N N N 287 
SER CA   C N S 288 
SER C    C N N 289 
SER O    O N N 290 
SER CB   C N N 291 
SER OG   O N N 292 
SER OXT  O N N 293 
SER H    H N N 294 
SER H2   H N N 295 
SER HA   H N N 296 
SER HB2  H N N 297 
SER HB3  H N N 298 
SER HG   H N N 299 
SER HXT  H N N 300 
THR N    N N N 301 
THR CA   C N S 302 
THR C    C N N 303 
THR O    O N N 304 
THR CB   C N R 305 
THR OG1  O N N 306 
THR CG2  C N N 307 
THR OXT  O N N 308 
THR H    H N N 309 
THR H2   H N N 310 
THR HA   H N N 311 
THR HB   H N N 312 
THR HG1  H N N 313 
THR HG21 H N N 314 
THR HG22 H N N 315 
THR HG23 H N N 316 
THR HXT  H N N 317 
TRP N    N N N 318 
TRP CA   C N S 319 
TRP C    C N N 320 
TRP O    O N N 321 
TRP CB   C N N 322 
TRP CG   C Y N 323 
TRP CD1  C Y N 324 
TRP CD2  C Y N 325 
TRP NE1  N Y N 326 
TRP CE2  C Y N 327 
TRP CE3  C Y N 328 
TRP CZ2  C Y N 329 
TRP CZ3  C Y N 330 
TRP CH2  C Y N 331 
TRP OXT  O N N 332 
TRP H    H N N 333 
TRP H2   H N N 334 
TRP HA   H N N 335 
TRP HB2  H N N 336 
TRP HB3  H N N 337 
TRP HD1  H N N 338 
TRP HE1  H N N 339 
TRP HE3  H N N 340 
TRP HZ2  H N N 341 
TRP HZ3  H N N 342 
TRP HH2  H N N 343 
TRP HXT  H N N 344 
VAL N    N N N 345 
VAL CA   C N S 346 
VAL C    C N N 347 
VAL O    O N N 348 
VAL CB   C N N 349 
VAL CG1  C N N 350 
VAL CG2  C N N 351 
VAL OXT  O N N 352 
VAL H    H N N 353 
VAL H2   H N N 354 
VAL HA   H N N 355 
VAL HB   H N N 356 
VAL HG11 H N N 357 
VAL HG12 H N N 358 
VAL HG13 H N N 359 
VAL HG21 H N N 360 
VAL HG22 H N N 361 
VAL HG23 H N N 362 
VAL HXT  H N N 363 
# 
loop_
_chem_comp_bond.comp_id 
_chem_comp_bond.atom_id_1 
_chem_comp_bond.atom_id_2 
_chem_comp_bond.value_order 
_chem_comp_bond.pdbx_aromatic_flag 
_chem_comp_bond.pdbx_stereo_config 
_chem_comp_bond.pdbx_ordinal 
ALA N   CA   sing N N 1   
ALA N   H    sing N N 2   
ALA N   H2   sing N N 3   
ALA CA  C    sing N N 4   
ALA CA  CB   sing N N 5   
ALA CA  HA   sing N N 6   
ALA C   O    doub N N 7   
ALA C   OXT  sing N N 8   
ALA CB  HB1  sing N N 9   
ALA CB  HB2  sing N N 10  
ALA CB  HB3  sing N N 11  
ALA OXT HXT  sing N N 12  
ARG N   CA   sing N N 13  
ARG N   H    sing N N 14  
ARG N   H2   sing N N 15  
ARG CA  C    sing N N 16  
ARG CA  CB   sing N N 17  
ARG CA  HA   sing N N 18  
ARG C   O    doub N N 19  
ARG C   OXT  sing N N 20  
ARG CB  CG   sing N N 21  
ARG CB  HB2  sing N N 22  
ARG CB  HB3  sing N N 23  
ARG CG  CD   sing N N 24  
ARG CG  HG2  sing N N 25  
ARG CG  HG3  sing N N 26  
ARG CD  NE   sing N N 27  
ARG CD  HD2  sing N N 28  
ARG CD  HD3  sing N N 29  
ARG NE  CZ   sing N N 30  
ARG NE  HE   sing N N 31  
ARG CZ  NH1  sing N N 32  
ARG CZ  NH2  doub N N 33  
ARG NH1 HH11 sing N N 34  
ARG NH1 HH12 sing N N 35  
ARG NH2 HH21 sing N N 36  
ARG NH2 HH22 sing N N 37  
ARG OXT HXT  sing N N 38  
ASN N   CA   sing N N 39  
ASN N   H    sing N N 40  
ASN N   H2   sing N N 41  
ASN CA  C    sing N N 42  
ASN CA  CB   sing N N 43  
ASN CA  HA   sing N N 44  
ASN C   O    doub N N 45  
ASN C   OXT  sing N N 46  
ASN CB  CG   sing N N 47  
ASN CB  HB2  sing N N 48  
ASN CB  HB3  sing N N 49  
ASN CG  OD1  doub N N 50  
ASN CG  ND2  sing N N 51  
ASN ND2 HD21 sing N N 52  
ASN ND2 HD22 sing N N 53  
ASN OXT HXT  sing N N 54  
ASP N   CA   sing N N 55  
ASP N   H    sing N N 56  
ASP N   H2   sing N N 57  
ASP CA  C    sing N N 58  
ASP CA  CB   sing N N 59  
ASP CA  HA   sing N N 60  
ASP C   O    doub N N 61  
ASP C   OXT  sing N N 62  
ASP CB  CG   sing N N 63  
ASP CB  HB2  sing N N 64  
ASP CB  HB3  sing N N 65  
ASP CG  OD1  doub N N 66  
ASP CG  OD2  sing N N 67  
ASP OD2 HD2  sing N N 68  
ASP OXT HXT  sing N N 69  
CYS N   CA   sing N N 70  
CYS N   H    sing N N 71  
CYS N   H2   sing N N 72  
CYS CA  C    sing N N 73  
CYS CA  CB   sing N N 74  
CYS CA  HA   sing N N 75  
CYS C   O    doub N N 76  
CYS C   OXT  sing N N 77  
CYS CB  SG   sing N N 78  
CYS CB  HB2  sing N N 79  
CYS CB  HB3  sing N N 80  
CYS SG  HG   sing N N 81  
CYS OXT HXT  sing N N 82  
GLN N   CA   sing N N 83  
GLN N   H    sing N N 84  
GLN N   H2   sing N N 85  
GLN CA  C    sing N N 86  
GLN CA  CB   sing N N 87  
GLN CA  HA   sing N N 88  
GLN C   O    doub N N 89  
GLN C   OXT  sing N N 90  
GLN CB  CG   sing N N 91  
GLN CB  HB2  sing N N 92  
GLN CB  HB3  sing N N 93  
GLN CG  CD   sing N N 94  
GLN CG  HG2  sing N N 95  
GLN CG  HG3  sing N N 96  
GLN CD  OE1  doub N N 97  
GLN CD  NE2  sing N N 98  
GLN NE2 HE21 sing N N 99  
GLN NE2 HE22 sing N N 100 
GLN OXT HXT  sing N N 101 
GLU N   CA   sing N N 102 
GLU N   H    sing N N 103 
GLU N   H2   sing N N 104 
GLU CA  C    sing N N 105 
GLU CA  CB   sing N N 106 
GLU CA  HA   sing N N 107 
GLU C   O    doub N N 108 
GLU C   OXT  sing N N 109 
GLU CB  CG   sing N N 110 
GLU CB  HB2  sing N N 111 
GLU CB  HB3  sing N N 112 
GLU CG  CD   sing N N 113 
GLU CG  HG2  sing N N 114 
GLU CG  HG3  sing N N 115 
GLU CD  OE1  doub N N 116 
GLU CD  OE2  sing N N 117 
GLU OE2 HE2  sing N N 118 
GLU OXT HXT  sing N N 119 
GLY N   CA   sing N N 120 
GLY N   H    sing N N 121 
GLY N   H2   sing N N 122 
GLY CA  C    sing N N 123 
GLY CA  HA2  sing N N 124 
GLY CA  HA3  sing N N 125 
GLY C   O    doub N N 126 
GLY C   OXT  sing N N 127 
GLY OXT HXT  sing N N 128 
HIS N   CA   sing N N 129 
HIS N   H    sing N N 130 
HIS N   H2   sing N N 131 
HIS CA  C    sing N N 132 
HIS CA  CB   sing N N 133 
HIS CA  HA   sing N N 134 
HIS C   O    doub N N 135 
HIS C   OXT  sing N N 136 
HIS CB  CG   sing N N 137 
HIS CB  HB2  sing N N 138 
HIS CB  HB3  sing N N 139 
HIS CG  ND1  sing Y N 140 
HIS CG  CD2  doub Y N 141 
HIS ND1 CE1  doub Y N 142 
HIS ND1 HD1  sing N N 143 
HIS CD2 NE2  sing Y N 144 
HIS CD2 HD2  sing N N 145 
HIS CE1 NE2  sing Y N 146 
HIS CE1 HE1  sing N N 147 
HIS NE2 HE2  sing N N 148 
HIS OXT HXT  sing N N 149 
ILE N   CA   sing N N 150 
ILE N   H    sing N N 151 
ILE N   H2   sing N N 152 
ILE CA  C    sing N N 153 
ILE CA  CB   sing N N 154 
ILE CA  HA   sing N N 155 
ILE C   O    doub N N 156 
ILE C   OXT  sing N N 157 
ILE CB  CG1  sing N N 158 
ILE CB  CG2  sing N N 159 
ILE CB  HB   sing N N 160 
ILE CG1 CD1  sing N N 161 
ILE CG1 HG12 sing N N 162 
ILE CG1 HG13 sing N N 163 
ILE CG2 HG21 sing N N 164 
ILE CG2 HG22 sing N N 165 
ILE CG2 HG23 sing N N 166 
ILE CD1 HD11 sing N N 167 
ILE CD1 HD12 sing N N 168 
ILE CD1 HD13 sing N N 169 
ILE OXT HXT  sing N N 170 
LEU N   CA   sing N N 171 
LEU N   H    sing N N 172 
LEU N   H2   sing N N 173 
LEU CA  C    sing N N 174 
LEU CA  CB   sing N N 175 
LEU CA  HA   sing N N 176 
LEU C   O    doub N N 177 
LEU C   OXT  sing N N 178 
LEU CB  CG   sing N N 179 
LEU CB  HB2  sing N N 180 
LEU CB  HB3  sing N N 181 
LEU CG  CD1  sing N N 182 
LEU CG  CD2  sing N N 183 
LEU CG  HG   sing N N 184 
LEU CD1 HD11 sing N N 185 
LEU CD1 HD12 sing N N 186 
LEU CD1 HD13 sing N N 187 
LEU CD2 HD21 sing N N 188 
LEU CD2 HD22 sing N N 189 
LEU CD2 HD23 sing N N 190 
LEU OXT HXT  sing N N 191 
LYS N   CA   sing N N 192 
LYS N   H    sing N N 193 
LYS N   H2   sing N N 194 
LYS CA  C    sing N N 195 
LYS CA  CB   sing N N 196 
LYS CA  HA   sing N N 197 
LYS C   O    doub N N 198 
LYS C   OXT  sing N N 199 
LYS CB  CG   sing N N 200 
LYS CB  HB2  sing N N 201 
LYS CB  HB3  sing N N 202 
LYS CG  CD   sing N N 203 
LYS CG  HG2  sing N N 204 
LYS CG  HG3  sing N N 205 
LYS CD  CE   sing N N 206 
LYS CD  HD2  sing N N 207 
LYS CD  HD3  sing N N 208 
LYS CE  NZ   sing N N 209 
LYS CE  HE2  sing N N 210 
LYS CE  HE3  sing N N 211 
LYS NZ  HZ1  sing N N 212 
LYS NZ  HZ2  sing N N 213 
LYS NZ  HZ3  sing N N 214 
LYS OXT HXT  sing N N 215 
MET N   CA   sing N N 216 
MET N   H    sing N N 217 
MET N   H2   sing N N 218 
MET CA  C    sing N N 219 
MET CA  CB   sing N N 220 
MET CA  HA   sing N N 221 
MET C   O    doub N N 222 
MET C   OXT  sing N N 223 
MET CB  CG   sing N N 224 
MET CB  HB2  sing N N 225 
MET CB  HB3  sing N N 226 
MET CG  SD   sing N N 227 
MET CG  HG2  sing N N 228 
MET CG  HG3  sing N N 229 
MET SD  CE   sing N N 230 
MET CE  HE1  sing N N 231 
MET CE  HE2  sing N N 232 
MET CE  HE3  sing N N 233 
MET OXT HXT  sing N N 234 
PHE N   CA   sing N N 235 
PHE N   H    sing N N 236 
PHE N   H2   sing N N 237 
PHE CA  C    sing N N 238 
PHE CA  CB   sing N N 239 
PHE CA  HA   sing N N 240 
PHE C   O    doub N N 241 
PHE C   OXT  sing N N 242 
PHE CB  CG   sing N N 243 
PHE CB  HB2  sing N N 244 
PHE CB  HB3  sing N N 245 
PHE CG  CD1  doub Y N 246 
PHE CG  CD2  sing Y N 247 
PHE CD1 CE1  sing Y N 248 
PHE CD1 HD1  sing N N 249 
PHE CD2 CE2  doub Y N 250 
PHE CD2 HD2  sing N N 251 
PHE CE1 CZ   doub Y N 252 
PHE CE1 HE1  sing N N 253 
PHE CE2 CZ   sing Y N 254 
PHE CE2 HE2  sing N N 255 
PHE CZ  HZ   sing N N 256 
PHE OXT HXT  sing N N 257 
PRO N   CA   sing N N 258 
PRO N   CD   sing N N 259 
PRO N   H    sing N N 260 
PRO CA  C    sing N N 261 
PRO CA  CB   sing N N 262 
PRO CA  HA   sing N N 263 
PRO C   O    doub N N 264 
PRO C   OXT  sing N N 265 
PRO CB  CG   sing N N 266 
PRO CB  HB2  sing N N 267 
PRO CB  HB3  sing N N 268 
PRO CG  CD   sing N N 269 
PRO CG  HG2  sing N N 270 
PRO CG  HG3  sing N N 271 
PRO CD  HD2  sing N N 272 
PRO CD  HD3  sing N N 273 
PRO OXT HXT  sing N N 274 
SER N   CA   sing N N 275 
SER N   H    sing N N 276 
SER N   H2   sing N N 277 
SER CA  C    sing N N 278 
SER CA  CB   sing N N 279 
SER CA  HA   sing N N 280 
SER C   O    doub N N 281 
SER C   OXT  sing N N 282 
SER CB  OG   sing N N 283 
SER CB  HB2  sing N N 284 
SER CB  HB3  sing N N 285 
SER OG  HG   sing N N 286 
SER OXT HXT  sing N N 287 
THR N   CA   sing N N 288 
THR N   H    sing N N 289 
THR N   H2   sing N N 290 
THR CA  C    sing N N 291 
THR CA  CB   sing N N 292 
THR CA  HA   sing N N 293 
THR C   O    doub N N 294 
THR C   OXT  sing N N 295 
THR CB  OG1  sing N N 296 
THR CB  CG2  sing N N 297 
THR CB  HB   sing N N 298 
THR OG1 HG1  sing N N 299 
THR CG2 HG21 sing N N 300 
THR CG2 HG22 sing N N 301 
THR CG2 HG23 sing N N 302 
THR OXT HXT  sing N N 303 
TRP N   CA   sing N N 304 
TRP N   H    sing N N 305 
TRP N   H2   sing N N 306 
TRP CA  C    sing N N 307 
TRP CA  CB   sing N N 308 
TRP CA  HA   sing N N 309 
TRP C   O    doub N N 310 
TRP C   OXT  sing N N 311 
TRP CB  CG   sing N N 312 
TRP CB  HB2  sing N N 313 
TRP CB  HB3  sing N N 314 
TRP CG  CD1  doub Y N 315 
TRP CG  CD2  sing Y N 316 
TRP CD1 NE1  sing Y N 317 
TRP CD1 HD1  sing N N 318 
TRP CD2 CE2  doub Y N 319 
TRP CD2 CE3  sing Y N 320 
TRP NE1 CE2  sing Y N 321 
TRP NE1 HE1  sing N N 322 
TRP CE2 CZ2  sing Y N 323 
TRP CE3 CZ3  doub Y N 324 
TRP CE3 HE3  sing N N 325 
TRP CZ2 CH2  doub Y N 326 
TRP CZ2 HZ2  sing N N 327 
TRP CZ3 CH2  sing Y N 328 
TRP CZ3 HZ3  sing N N 329 
TRP CH2 HH2  sing N N 330 
TRP OXT HXT  sing N N 331 
VAL N   CA   sing N N 332 
VAL N   H    sing N N 333 
VAL N   H2   sing N N 334 
VAL CA  C    sing N N 335 
VAL CA  CB   sing N N 336 
VAL CA  HA   sing N N 337 
VAL C   O    doub N N 338 
VAL C   OXT  sing N N 339 
VAL CB  CG1  sing N N 340 
VAL CB  CG2  sing N N 341 
VAL CB  HB   sing N N 342 
VAL CG1 HG11 sing N N 343 
VAL CG1 HG12 sing N N 344 
VAL CG1 HG13 sing N N 345 
VAL CG2 HG21 sing N N 346 
VAL CG2 HG22 sing N N 347 
VAL CG2 HG23 sing N N 348 
VAL OXT HXT  sing N N 349 
# 
loop_
_pdbx_nmr_spectrometer.spectrometer_id 
_pdbx_nmr_spectrometer.model 
_pdbx_nmr_spectrometer.manufacturer 
_pdbx_nmr_spectrometer.field_strength 
_pdbx_nmr_spectrometer.type 
1 AVANCE Bruker 600 ? 
2 INOVA  Varian 800 ? 
# 
_atom_sites.entry_id                    1Z1V 
_atom_sites.fract_transf_matrix[1][1]   1.000000 
_atom_sites.fract_transf_matrix[1][2]   0.000000 
_atom_sites.fract_transf_matrix[1][3]   0.000000 
_atom_sites.fract_transf_matrix[2][1]   0.000000 
_atom_sites.fract_transf_matrix[2][2]   1.000000 
_atom_sites.fract_transf_matrix[2][3]   0.000000 
_atom_sites.fract_transf_matrix[3][1]   0.000000 
_atom_sites.fract_transf_matrix[3][2]   0.000000 
_atom_sites.fract_transf_matrix[3][3]   1.000000 
_atom_sites.fract_transf_vector[1]      0.00000 
_atom_sites.fract_transf_vector[2]      0.00000 
_atom_sites.fract_transf_vector[3]      0.00000 
# 
loop_
_atom_type.symbol 
C 
H 
N 
O 
S 
# 
loop_
_atom_site.group_PDB 
_atom_site.id 
_atom_site.type_symbol 
_atom_site.label_atom_id 
_atom_site.label_alt_id 
_atom_site.label_comp_id 
_atom_site.label_asym_id 
_atom_site.label_entity_id 
_atom_site.label_seq_id 
_atom_site.pdbx_PDB_ins_code 
_atom_site.Cartn_x 
_atom_site.Cartn_y 
_atom_site.Cartn_z 
_atom_site.occupancy 
_atom_site.B_iso_or_equiv 
_atom_site.pdbx_formal_charge 
_atom_site.auth_seq_id 
_atom_site.auth_comp_id 
_atom_site.auth_asym_id 
_atom_site.auth_atom_id 
_atom_site.pdbx_PDB_model_num 
ATOM 1    N N    . SER A 1 6  ? 6.506   8.319   10.149  1.00 0.00 ? 33  SER A N    1 
ATOM 2    C CA   . SER A 1 6  ? 5.497   8.755   9.194   1.00 0.00 ? 33  SER A CA   1 
ATOM 3    C C    . SER A 1 6  ? 4.177   9.020   9.912   1.00 0.00 ? 33  SER A C    1 
ATOM 4    O O    . SER A 1 6  ? 3.611   10.098  9.780   1.00 0.00 ? 33  SER A O    1 
ATOM 5    C CB   . SER A 1 6  ? 5.316   7.681   8.128   1.00 0.00 ? 33  SER A CB   1 
ATOM 6    O OG   . SER A 1 6  ? 6.570   7.323   7.544   1.00 0.00 ? 33  SER A OG   1 
ATOM 7    H HA   . SER A 1 6  ? 5.830   9.669   8.729   1.00 0.00 ? 33  SER A HA   1 
ATOM 8    H HB2  . SER A 1 6  ? 4.875   6.811   8.589   1.00 0.00 ? 33  SER A HB2  1 
ATOM 9    H HB3  . SER A 1 6  ? 4.659   8.049   7.354   1.00 0.00 ? 33  SER A HB3  1 
ATOM 10   H HG   . SER A 1 6  ? 6.657   7.831   6.726   1.00 0.00 ? 33  SER A HG   1 
ATOM 11   N N    . GLN A 1 7  ? 3.743   8.039   10.719  1.00 0.00 ? 34  GLN A N    1 
ATOM 12   C CA   . GLN A 1 7  ? 2.490   8.075   11.494  1.00 0.00 ? 34  GLN A CA   1 
ATOM 13   C C    . GLN A 1 7  ? 1.301   8.781   10.796  1.00 0.00 ? 34  GLN A C    1 
ATOM 14   O O    . GLN A 1 7  ? 0.908   9.904   11.156  1.00 0.00 ? 34  GLN A O    1 
ATOM 15   C CB   . GLN A 1 7  ? 2.738   8.650   12.881  1.00 0.00 ? 34  GLN A CB   1 
ATOM 16   C CG   . GLN A 1 7  ? 3.675   7.811   13.732  1.00 0.00 ? 34  GLN A CG   1 
ATOM 17   C CD   . GLN A 1 7  ? 3.895   8.393   15.108  1.00 0.00 ? 34  GLN A CD   1 
ATOM 18   O OE1  . GLN A 1 7  ? 3.027   9.074   15.661  1.00 0.00 ? 34  GLN A OE1  1 
ATOM 19   N NE2  . GLN A 1 7  ? 5.047   8.156   15.667  1.00 0.00 ? 34  GLN A NE2  1 
ATOM 20   H H    . GLN A 1 7  ? 4.294   7.228   10.825  1.00 0.00 ? 34  GLN A H    1 
ATOM 21   H HA   . GLN A 1 7  ? 2.202   7.043   11.621  1.00 0.00 ? 34  GLN A HA   1 
ATOM 22   H HB2  . GLN A 1 7  ? 3.171   9.633   12.774  1.00 0.00 ? 34  GLN A HB2  1 
ATOM 23   H HB3  . GLN A 1 7  ? 1.795   8.737   13.399  1.00 0.00 ? 34  GLN A HB3  1 
ATOM 24   H HG2  . GLN A 1 7  ? 3.245   6.827   13.844  1.00 0.00 ? 34  GLN A HG2  1 
ATOM 25   H HG3  . GLN A 1 7  ? 4.627   7.732   13.229  1.00 0.00 ? 34  GLN A HG3  1 
ATOM 26   H HE21 . GLN A 1 7  ? 5.712   7.626   15.180  1.00 0.00 ? 34  GLN A HE21 1 
ATOM 27   H HE22 . GLN A 1 7  ? 5.221   8.514   16.563  1.00 0.00 ? 34  GLN A HE22 1 
ATOM 28   N N    . TRP A 1 8  ? 0.775   8.145   9.774   1.00 0.00 ? 35  TRP A N    1 
ATOM 29   C CA   . TRP A 1 8  ? -0.346  8.607   9.063   1.00 0.00 ? 35  TRP A CA   1 
ATOM 30   C C    . TRP A 1 8  ? -1.560  7.853   9.550   1.00 0.00 ? 35  TRP A C    1 
ATOM 31   O O    . TRP A 1 8  ? -1.444  6.696   9.963   1.00 0.00 ? 35  TRP A O    1 
ATOM 32   C CB   . TRP A 1 8  ? -0.205  8.229   7.625   1.00 0.00 ? 35  TRP A CB   1 
ATOM 33   C CG   . TRP A 1 8  ? 0.909   8.825   6.827   1.00 0.00 ? 35  TRP A CG   1 
ATOM 34   C CD1  . TRP A 1 8  ? 1.914   9.647   7.240   1.00 0.00 ? 35  TRP A CD1  1 
ATOM 35   C CD2  . TRP A 1 8  ? 1.089   8.640   5.436   1.00 0.00 ? 35  TRP A CD2  1 
ATOM 36   N NE1  . TRP A 1 8  ? 2.731   9.952   6.179   1.00 0.00 ? 35  TRP A NE1  1 
ATOM 37   C CE2  . TRP A 1 8  ? 2.236   9.346   5.056   1.00 0.00 ? 35  TRP A CE2  1 
ATOM 38   C CE3  . TRP A 1 8  ? 0.382   7.928   4.478   1.00 0.00 ? 35  TRP A CE3  1 
ATOM 39   C CZ2  . TRP A 1 8  ? 2.697   9.359   3.739   1.00 0.00 ? 35  TRP A CZ2  1 
ATOM 40   C CZ3  . TRP A 1 8  ? 0.830   7.940   3.182   1.00 0.00 ? 35  TRP A CZ3  1 
ATOM 41   C CH2  . TRP A 1 8  ? 1.978   8.647   2.818   1.00 0.00 ? 35  TRP A CH2  1 
ATOM 42   H H    . TRP A 1 8  ? 1.104   7.299   9.413   1.00 0.00 ? 35  TRP A H    1 
ATOM 43   H HA   . TRP A 1 8  ? -0.458  9.677   9.141   1.00 0.00 ? 35  TRP A HA   1 
ATOM 44   H HB2  . TRP A 1 8  ? -0.101  7.157   7.599   1.00 0.00 ? 35  TRP A HB2  1 
ATOM 45   H HB3  . TRP A 1 8  ? -1.144  8.460   7.172   1.00 0.00 ? 35  TRP A HB3  1 
ATOM 46   H HD1  . TRP A 1 8  ? 2.050   9.981   8.257   1.00 0.00 ? 35  TRP A HD1  1 
ATOM 47   H HE1  . TRP A 1 8  ? 3.531   10.520  6.219   1.00 0.00 ? 35  TRP A HE1  1 
ATOM 48   H HE3  . TRP A 1 8  ? -0.514  7.391   4.755   1.00 0.00 ? 35  TRP A HE3  1 
ATOM 49   H HZ2  . TRP A 1 8  ? 3.584   9.901   3.446   1.00 0.00 ? 35  TRP A HZ2  1 
ATOM 50   H HZ3  . TRP A 1 8  ? 0.290   7.388   2.427   1.00 0.00 ? 35  TRP A HZ3  1 
ATOM 51   H HH2  . TRP A 1 8  ? 2.279   8.623   1.779   1.00 0.00 ? 35  TRP A HH2  1 
ATOM 52   N N    . SER A 1 9  ? -2.692  8.462   9.489   1.00 0.00 ? 36  SER A N    1 
ATOM 53   C CA   . SER A 1 9  ? -3.904  7.773   9.815   1.00 0.00 ? 36  SER A CA   1 
ATOM 54   C C    . SER A 1 9  ? -4.275  6.882   8.621   1.00 0.00 ? 36  SER A C    1 
ATOM 55   O O    . SER A 1 9  ? -3.919  7.212   7.470   1.00 0.00 ? 36  SER A O    1 
ATOM 56   C CB   . SER A 1 9  ? -5.001  8.776   10.129  1.00 0.00 ? 36  SER A CB   1 
ATOM 57   O OG   . SER A 1 9  ? -4.585  9.640   11.180  1.00 0.00 ? 36  SER A OG   1 
ATOM 58   H H    . SER A 1 9  ? -2.723  9.392   9.181   1.00 0.00 ? 36  SER A H    1 
ATOM 59   H HA   . SER A 1 9  ? -3.701  7.159   10.679  1.00 0.00 ? 36  SER A HA   1 
ATOM 60   H HB2  . SER A 1 9  ? -5.218  9.363   9.249   1.00 0.00 ? 36  SER A HB2  1 
ATOM 61   H HB3  . SER A 1 9  ? -5.890  8.250   10.443  1.00 0.00 ? 36  SER A HB3  1 
ATOM 62   H HG   . SER A 1 9  ? -3.660  9.441   11.378  1.00 0.00 ? 36  SER A HG   1 
ATOM 63   N N    . VAL A 1 10 ? -4.993  5.784   8.869   1.00 0.00 ? 37  VAL A N    1 
ATOM 64   C CA   . VAL A 1 10 ? -5.338  4.834   7.871   1.00 0.00 ? 37  VAL A CA   1 
ATOM 65   C C    . VAL A 1 10 ? -6.044  5.453   6.663   1.00 0.00 ? 37  VAL A C    1 
ATOM 66   O O    . VAL A 1 10 ? -5.787  5.061   5.530   1.00 0.00 ? 37  VAL A O    1 
ATOM 67   C CB   . VAL A 1 10 ? -6.180  3.696   8.474   1.00 0.00 ? 37  VAL A CB   1 
ATOM 68   C CG1  . VAL A 1 10 ? -5.354  2.837   9.410   1.00 0.00 ? 37  VAL A CG1  1 
ATOM 69   C CG2  . VAL A 1 10 ? -7.421  4.216   9.193   1.00 0.00 ? 37  VAL A CG2  1 
ATOM 70   H H    . VAL A 1 10 ? -5.320  5.521   9.754   1.00 0.00 ? 37  VAL A H    1 
ATOM 71   H HA   . VAL A 1 10 ? -4.414  4.395   7.522   1.00 0.00 ? 37  VAL A HA   1 
ATOM 72   H HB   . VAL A 1 10 ? -6.495  3.115   7.636   1.00 0.00 ? 37  VAL A HB   1 
ATOM 73   H HG11 . VAL A 1 10 ? -5.981  2.074   9.848   1.00 0.00 ? 37  VAL A HG11 1 
ATOM 74   H HG12 . VAL A 1 10 ? -4.925  3.448   10.190  1.00 0.00 ? 37  VAL A HG12 1 
ATOM 75   H HG13 . VAL A 1 10 ? -4.566  2.365   8.843   1.00 0.00 ? 37  VAL A HG13 1 
ATOM 76   H HG21 . VAL A 1 10 ? -8.044  4.754   8.493   1.00 0.00 ? 37  VAL A HG21 1 
ATOM 77   H HG22 . VAL A 1 10 ? -7.122  4.879   9.991   1.00 0.00 ? 37  VAL A HG22 1 
ATOM 78   H HG23 . VAL A 1 10 ? -7.974  3.384   9.604   1.00 0.00 ? 37  VAL A HG23 1 
ATOM 79   N N    . ASP A 1 11 ? -6.880  6.440   6.916   1.00 0.00 ? 38  ASP A N    1 
ATOM 80   C CA   . ASP A 1 11 ? -7.614  7.141   5.864   1.00 0.00 ? 38  ASP A CA   1 
ATOM 81   C C    . ASP A 1 11 ? -6.639  7.805   4.895   1.00 0.00 ? 38  ASP A C    1 
ATOM 82   O O    . ASP A 1 11 ? -6.776  7.682   3.679   1.00 0.00 ? 38  ASP A O    1 
ATOM 83   C CB   . ASP A 1 11 ? -8.498  8.227   6.495   1.00 0.00 ? 38  ASP A CB   1 
ATOM 84   C CG   . ASP A 1 11 ? -9.466  7.682   7.518   1.00 0.00 ? 38  ASP A CG   1 
ATOM 85   O OD1  . ASP A 1 11 ? -10.583 7.264   7.148   1.00 0.00 ? 38  ASP A OD1  1 
ATOM 86   O OD2  . ASP A 1 11 ? -9.104  7.632   8.716   1.00 0.00 ? 38  ASP A OD2  1 
ATOM 87   H H    . ASP A 1 11 ? -7.039  6.701   7.847   1.00 0.00 ? 38  ASP A H    1 
ATOM 88   H HA   . ASP A 1 11 ? -8.242  6.439   5.338   1.00 0.00 ? 38  ASP A HA   1 
ATOM 89   H HB2  . ASP A 1 11 ? -7.864  8.953   6.984   1.00 0.00 ? 38  ASP A HB2  1 
ATOM 90   H HB3  . ASP A 1 11 ? -9.059  8.720   5.715   1.00 0.00 ? 38  ASP A HB3  1 
ATOM 91   N N    . ASP A 1 12 ? -5.611  8.452   5.454   1.00 0.00 ? 39  ASP A N    1 
ATOM 92   C CA   . ASP A 1 12 ? -4.591  9.156   4.659   1.00 0.00 ? 39  ASP A CA   1 
ATOM 93   C C    . ASP A 1 12 ? -3.787  8.162   3.846   1.00 0.00 ? 39  ASP A C    1 
ATOM 94   O O    . ASP A 1 12 ? -3.397  8.427   2.703   1.00 0.00 ? 39  ASP A O    1 
ATOM 95   C CB   . ASP A 1 12 ? -3.648  9.968   5.541   1.00 0.00 ? 39  ASP A CB   1 
ATOM 96   C CG   . ASP A 1 12 ? -2.792  10.951  4.753   1.00 0.00 ? 39  ASP A CG   1 
ATOM 97   O OD1  . ASP A 1 12 ? -3.279  12.061  4.441   1.00 0.00 ? 39  ASP A OD1  1 
ATOM 98   O OD2  . ASP A 1 12 ? -1.612  10.660  4.471   1.00 0.00 ? 39  ASP A OD2  1 
ATOM 99   H H    . ASP A 1 12 ? -5.538  8.449   6.432   1.00 0.00 ? 39  ASP A H    1 
ATOM 100  H HA   . ASP A 1 12 ? -5.107  9.821   3.981   1.00 0.00 ? 39  ASP A HA   1 
ATOM 101  H HB2  . ASP A 1 12 ? -4.210  10.507  6.283   1.00 0.00 ? 39  ASP A HB2  1 
ATOM 102  H HB3  . ASP A 1 12 ? -2.986  9.282   6.048   1.00 0.00 ? 39  ASP A HB3  1 
ATOM 103  N N    . VAL A 1 13 ? -3.543  7.009   4.452   1.00 0.00 ? 40  VAL A N    1 
ATOM 104  C CA   . VAL A 1 13 ? -2.806  5.912   3.813   1.00 0.00 ? 40  VAL A CA   1 
ATOM 105  C C    . VAL A 1 13 ? -3.573  5.435   2.580   1.00 0.00 ? 40  VAL A C    1 
ATOM 106  O O    . VAL A 1 13 ? -2.990  5.250   1.491   1.00 0.00 ? 40  VAL A O    1 
ATOM 107  C CB   . VAL A 1 13 ? -2.641  4.729   4.811   1.00 0.00 ? 40  VAL A CB   1 
ATOM 108  C CG1  . VAL A 1 13 ? -1.826  3.580   4.231   1.00 0.00 ? 40  VAL A CG1  1 
ATOM 109  C CG2  . VAL A 1 13 ? -2.036  5.208   6.104   1.00 0.00 ? 40  VAL A CG2  1 
ATOM 110  H H    . VAL A 1 13 ? -3.873  6.907   5.373   1.00 0.00 ? 40  VAL A H    1 
ATOM 111  H HA   . VAL A 1 13 ? -1.831  6.268   3.516   1.00 0.00 ? 40  VAL A HA   1 
ATOM 112  H HB   . VAL A 1 13 ? -3.630  4.351   5.028   1.00 0.00 ? 40  VAL A HB   1 
ATOM 113  H HG11 . VAL A 1 13 ? -0.858  3.948   3.925   1.00 0.00 ? 40  VAL A HG11 1 
ATOM 114  H HG12 . VAL A 1 13 ? -2.336  3.136   3.390   1.00 0.00 ? 40  VAL A HG12 1 
ATOM 115  H HG13 . VAL A 1 13 ? -1.682  2.839   5.007   1.00 0.00 ? 40  VAL A HG13 1 
ATOM 116  H HG21 . VAL A 1 13 ? -2.653  5.988   6.527   1.00 0.00 ? 40  VAL A HG21 1 
ATOM 117  H HG22 . VAL A 1 13 ? -1.040  5.584   5.928   1.00 0.00 ? 40  VAL A HG22 1 
ATOM 118  H HG23 . VAL A 1 13 ? -1.993  4.381   6.797   1.00 0.00 ? 40  VAL A HG23 1 
ATOM 119  N N    . ILE A 1 14 ? -4.889  5.279   2.747   1.00 0.00 ? 41  ILE A N    1 
ATOM 120  C CA   . ILE A 1 14 ? -5.766  4.909   1.649   1.00 0.00 ? 41  ILE A CA   1 
ATOM 121  C C    . ILE A 1 14 ? -5.688  5.975   0.566   1.00 0.00 ? 41  ILE A C    1 
ATOM 122  O O    . ILE A 1 14 ? -5.499  5.661   -0.602  1.00 0.00 ? 41  ILE A O    1 
ATOM 123  C CB   . ILE A 1 14 ? -7.251  4.706   2.105   1.00 0.00 ? 41  ILE A CB   1 
ATOM 124  C CG1  . ILE A 1 14 ? -7.363  3.613   3.191   1.00 0.00 ? 41  ILE A CG1  1 
ATOM 125  C CG2  . ILE A 1 14 ? -8.159  4.372   0.917   1.00 0.00 ? 41  ILE A CG2  1 
ATOM 126  C CD1  . ILE A 1 14 ? -6.780  2.260   2.796   1.00 0.00 ? 41  ILE A CD1  1 
ATOM 127  H H    . ILE A 1 14 ? -5.277  5.408   3.642   1.00 0.00 ? 41  ILE A H    1 
ATOM 128  H HA   . ILE A 1 14 ? -5.391  3.984   1.233   1.00 0.00 ? 41  ILE A HA   1 
ATOM 129  H HB   . ILE A 1 14 ? -7.591  5.643   2.522   1.00 0.00 ? 41  ILE A HB   1 
ATOM 130  H HG12 . ILE A 1 14 ? -6.840  3.944   4.075   1.00 0.00 ? 41  ILE A HG12 1 
ATOM 131  H HG13 . ILE A 1 14 ? -8.405  3.468   3.433   1.00 0.00 ? 41  ILE A HG13 1 
ATOM 132  H HG21 . ILE A 1 14 ? -7.825  3.455   0.457   1.00 0.00 ? 41  ILE A HG21 1 
ATOM 133  H HG22 . ILE A 1 14 ? -8.114  5.172   0.194   1.00 0.00 ? 41  ILE A HG22 1 
ATOM 134  H HG23 . ILE A 1 14 ? -9.176  4.254   1.263   1.00 0.00 ? 41  ILE A HG23 1 
ATOM 135  H HD11 . ILE A 1 14 ? -5.724  2.365   2.597   1.00 0.00 ? 41  ILE A HD11 1 
ATOM 136  H HD12 . ILE A 1 14 ? -7.279  1.901   1.908   1.00 0.00 ? 41  ILE A HD12 1 
ATOM 137  H HD13 . ILE A 1 14 ? -6.928  1.556   3.601   1.00 0.00 ? 41  ILE A HD13 1 
ATOM 138  N N    . THR A 1 15 ? -5.733  7.235   0.989   1.00 0.00 ? 42  THR A N    1 
ATOM 139  C CA   . THR A 1 15 ? -5.630  8.362   0.105   1.00 0.00 ? 42  THR A CA   1 
ATOM 140  C C    . THR A 1 15 ? -4.341  8.313   -0.731  1.00 0.00 ? 42  THR A C    1 
ATOM 141  O O    . THR A 1 15 ? -4.358  8.573   -1.950  1.00 0.00 ? 42  THR A O    1 
ATOM 142  C CB   . THR A 1 15 ? -5.650  9.648   0.939   1.00 0.00 ? 42  THR A CB   1 
ATOM 143  O OG1  . THR A 1 15 ? -6.868  9.752   1.682   1.00 0.00 ? 42  THR A OG1  1 
ATOM 144  C CG2  . THR A 1 15 ? -5.455  10.851  0.084   1.00 0.00 ? 42  THR A CG2  1 
ATOM 145  H H    . THR A 1 15 ? -5.861  7.434   1.944   1.00 0.00 ? 42  THR A H    1 
ATOM 146  H HA   . THR A 1 15 ? -6.489  8.369   -0.544  1.00 0.00 ? 42  THR A HA   1 
ATOM 147  H HB   . THR A 1 15 ? -4.836  9.587   1.648   1.00 0.00 ? 42  THR A HB   1 
ATOM 148  H HG1  . THR A 1 15 ? -7.437  9.003   1.453   1.00 0.00 ? 42  THR A HG1  1 
ATOM 149  H HG21 . THR A 1 15 ? -6.247  10.902  -0.648  1.00 0.00 ? 42  THR A HG21 1 
ATOM 150  H HG22 . THR A 1 15 ? -4.500  10.699  -0.398  1.00 0.00 ? 42  THR A HG22 1 
ATOM 151  H HG23 . THR A 1 15 ? -5.432  11.731  0.705   1.00 0.00 ? 42  THR A HG23 1 
ATOM 152  N N    . TRP A 1 16 ? -3.245  7.974   -0.084  1.00 0.00 ? 43  TRP A N    1 
ATOM 153  C CA   . TRP A 1 16 ? -1.981  7.827   -0.765  1.00 0.00 ? 43  TRP A CA   1 
ATOM 154  C C    . TRP A 1 16 ? -2.062  6.764   -1.840  1.00 0.00 ? 43  TRP A C    1 
ATOM 155  O O    . TRP A 1 16 ? -1.670  7.013   -2.969  1.00 0.00 ? 43  TRP A O    1 
ATOM 156  C CB   . TRP A 1 16 ? -0.857  7.488   0.214   1.00 0.00 ? 43  TRP A CB   1 
ATOM 157  C CG   . TRP A 1 16 ? 0.477   7.332   -0.457  1.00 0.00 ? 43  TRP A CG   1 
ATOM 158  C CD1  . TRP A 1 16 ? 1.278   8.324   -0.922  1.00 0.00 ? 43  TRP A CD1  1 
ATOM 159  C CD2  . TRP A 1 16 ? 1.162   6.107   -0.736  1.00 0.00 ? 43  TRP A CD2  1 
ATOM 160  N NE1  . TRP A 1 16 ? 2.409   7.793   -1.480  1.00 0.00 ? 43  TRP A NE1  1 
ATOM 161  C CE2  . TRP A 1 16 ? 2.362   6.440   -1.380  1.00 0.00 ? 43  TRP A CE2  1 
ATOM 162  C CE3  . TRP A 1 16 ? 0.875   4.765   -0.507  1.00 0.00 ? 43  TRP A CE3  1 
ATOM 163  C CZ2  . TRP A 1 16 ? 3.272   5.483   -1.799  1.00 0.00 ? 43  TRP A CZ2  1 
ATOM 164  C CZ3  . TRP A 1 16 ? 1.784   3.820   -0.924  1.00 0.00 ? 43  TRP A CZ3  1 
ATOM 165  C CH2  . TRP A 1 16 ? 2.966   4.182   -1.562  1.00 0.00 ? 43  TRP A CH2  1 
ATOM 166  H H    . TRP A 1 16 ? -3.313  7.853   0.887   1.00 0.00 ? 43  TRP A H    1 
ATOM 167  H HA   . TRP A 1 16 ? -1.748  8.773   -1.231  1.00 0.00 ? 43  TRP A HA   1 
ATOM 168  H HB2  . TRP A 1 16 ? -0.770  8.291   0.932   1.00 0.00 ? 43  TRP A HB2  1 
ATOM 169  H HB3  . TRP A 1 16 ? -1.098  6.558   0.710   1.00 0.00 ? 43  TRP A HB3  1 
ATOM 170  H HD1  . TRP A 1 16 ? 1.037   9.373   -0.861  1.00 0.00 ? 43  TRP A HD1  1 
ATOM 171  H HE1  . TRP A 1 16 ? 3.147   8.292   -1.895  1.00 0.00 ? 43  TRP A HE1  1 
ATOM 172  H HE3  . TRP A 1 16 ? -0.036  4.462   -0.014  1.00 0.00 ? 43  TRP A HE3  1 
ATOM 173  H HZ2  . TRP A 1 16 ? 4.193   5.749   -2.296  1.00 0.00 ? 43  TRP A HZ2  1 
ATOM 174  H HZ3  . TRP A 1 16 ? 1.581   2.772   -0.757  1.00 0.00 ? 43  TRP A HZ3  1 
ATOM 175  H HH2  . TRP A 1 16 ? 3.647   3.403   -1.871  1.00 0.00 ? 43  TRP A HH2  1 
ATOM 176  N N    . CYS A 1 17 ? -2.645  5.613   -1.508  1.00 0.00 ? 44  CYS A N    1 
ATOM 177  C CA   . CYS A 1 17 ? -2.751  4.527   -2.434  1.00 0.00 ? 44  CYS A CA   1 
ATOM 178  C C    . CYS A 1 17 ? -3.569  4.931   -3.651  1.00 0.00 ? 44  CYS A C    1 
ATOM 179  O O    . CYS A 1 17 ? -3.208  4.615   -4.781  1.00 0.00 ? 44  CYS A O    1 
ATOM 180  C CB   . CYS A 1 17 ? -3.393  3.341   -1.751  1.00 0.00 ? 44  CYS A CB   1 
ATOM 181  S SG   . CYS A 1 17 ? -2.579  2.849   -0.217  1.00 0.00 ? 44  CYS A SG   1 
ATOM 182  H H    . CYS A 1 17 ? -3.018  5.447   -0.617  1.00 0.00 ? 44  CYS A H    1 
ATOM 183  H HA   . CYS A 1 17 ? -1.756  4.245   -2.745  1.00 0.00 ? 44  CYS A HA   1 
ATOM 184  H HB2  . CYS A 1 17 ? -4.434  3.557   -1.558  1.00 0.00 ? 44  CYS A HB2  1 
ATOM 185  H HB3  . CYS A 1 17 ? -3.310  2.517   -2.439  1.00 0.00 ? 44  CYS A HB3  1 
ATOM 186  H HG   . CYS A 1 17 ? -2.669  3.859   0.641   1.00 0.00 ? 44  CYS A HG   1 
ATOM 187  N N    . ILE A 1 18 ? -4.640  5.668   -3.410  1.00 0.00 ? 45  ILE A N    1 
ATOM 188  C CA   . ILE A 1 18 ? -5.531  6.122   -4.475  1.00 0.00 ? 45  ILE A CA   1 
ATOM 189  C C    . ILE A 1 18 ? -4.790  7.042   -5.410  1.00 0.00 ? 45  ILE A C    1 
ATOM 190  O O    . ILE A 1 18 ? -4.786  6.850   -6.614  1.00 0.00 ? 45  ILE A O    1 
ATOM 191  C CB   . ILE A 1 18 ? -6.768  6.890   -3.905  1.00 0.00 ? 45  ILE A CB   1 
ATOM 192  C CG1  . ILE A 1 18 ? -7.489  6.057   -2.841  1.00 0.00 ? 45  ILE A CG1  1 
ATOM 193  C CG2  . ILE A 1 18 ? -7.731  7.316   -5.012  1.00 0.00 ? 45  ILE A CG2  1 
ATOM 194  C CD1  . ILE A 1 18 ? -7.639  4.609   -3.204  1.00 0.00 ? 45  ILE A CD1  1 
ATOM 195  H H    . ILE A 1 18 ? -4.853  5.899   -2.477  1.00 0.00 ? 45  ILE A H    1 
ATOM 196  H HA   . ILE A 1 18 ? -5.880  5.264   -5.032  1.00 0.00 ? 45  ILE A HA   1 
ATOM 197  H HB   . ILE A 1 18 ? -6.396  7.792   -3.441  1.00 0.00 ? 45  ILE A HB   1 
ATOM 198  H HG12 . ILE A 1 18 ? -6.932  6.104   -1.916  1.00 0.00 ? 45  ILE A HG12 1 
ATOM 199  H HG13 . ILE A 1 18 ? -8.475  6.465   -2.680  1.00 0.00 ? 45  ILE A HG13 1 
ATOM 200  H HG21 . ILE A 1 18 ? -8.102  6.438   -5.520  1.00 0.00 ? 45  ILE A HG21 1 
ATOM 201  H HG22 . ILE A 1 18 ? -7.208  7.943   -5.718  1.00 0.00 ? 45  ILE A HG22 1 
ATOM 202  H HG23 . ILE A 1 18 ? -8.557  7.865   -4.587  1.00 0.00 ? 45  ILE A HG23 1 
ATOM 203  H HD11 . ILE A 1 18 ? -6.634  4.242   -3.370  1.00 0.00 ? 45  ILE A HD11 1 
ATOM 204  H HD12 . ILE A 1 18 ? -8.208  4.523   -4.117  1.00 0.00 ? 45  ILE A HD12 1 
ATOM 205  H HD13 . ILE A 1 18 ? -8.102  4.058   -2.399  1.00 0.00 ? 45  ILE A HD13 1 
ATOM 206  N N    . SER A 1 19 ? -4.120  7.991   -4.832  1.00 0.00 ? 46  SER A N    1 
ATOM 207  C CA   . SER A 1 19 ? -3.400  8.985   -5.555  1.00 0.00 ? 46  SER A CA   1 
ATOM 208  C C    . SER A 1 19 ? -2.200  8.394   -6.287  1.00 0.00 ? 46  SER A C    1 
ATOM 209  O O    . SER A 1 19 ? -1.826  8.863   -7.353  1.00 0.00 ? 46  SER A O    1 
ATOM 210  C CB   . SER A 1 19 ? -2.978  10.089  -4.591  1.00 0.00 ? 46  SER A CB   1 
ATOM 211  O OG   . SER A 1 19 ? -4.115  10.561  -3.859  1.00 0.00 ? 46  SER A OG   1 
ATOM 212  H H    . SER A 1 19 ? -4.090  8.031   -3.852  1.00 0.00 ? 46  SER A H    1 
ATOM 213  H HA   . SER A 1 19 ? -4.072  9.416   -6.281  1.00 0.00 ? 46  SER A HA   1 
ATOM 214  H HB2  . SER A 1 19 ? -2.248  9.699   -3.897  1.00 0.00 ? 46  SER A HB2  1 
ATOM 215  H HB3  . SER A 1 19 ? -2.553  10.913  -5.145  1.00 0.00 ? 46  SER A HB3  1 
ATOM 216  H HG   . SER A 1 19 ? -4.129  10.082  -3.018  1.00 0.00 ? 46  SER A HG   1 
ATOM 217  N N    . THR A 1 20 ? -1.613  7.356   -5.735  1.00 0.00 ? 47  THR A N    1 
ATOM 218  C CA   . THR A 1 20 ? -0.397  6.867   -6.311  1.00 0.00 ? 47  THR A CA   1 
ATOM 219  C C    . THR A 1 20 ? -0.644  5.691   -7.303  1.00 0.00 ? 47  THR A C    1 
ATOM 220  O O    . THR A 1 20 ? -0.081  5.661   -8.403  1.00 0.00 ? 47  THR A O    1 
ATOM 221  C CB   . THR A 1 20 ? 0.699   6.564   -5.215  1.00 0.00 ? 47  THR A CB   1 
ATOM 222  O OG1  . THR A 1 20 ? 2.003   6.499   -5.798  1.00 0.00 ? 47  THR A OG1  1 
ATOM 223  C CG2  . THR A 1 20 ? 0.421   5.265   -4.464  1.00 0.00 ? 47  THR A CG2  1 
ATOM 224  H H    . THR A 1 20 ? -2.026  6.928   -4.948  1.00 0.00 ? 47  THR A H    1 
ATOM 225  H HA   . THR A 1 20 ? -0.060  7.708   -6.899  1.00 0.00 ? 47  THR A HA   1 
ATOM 226  H HB   . THR A 1 20 ? 0.692   7.383   -4.510  1.00 0.00 ? 47  THR A HB   1 
ATOM 227  H HG1  . THR A 1 20 ? 2.051   7.187   -6.475  1.00 0.00 ? 47  THR A HG1  1 
ATOM 228  H HG21 . THR A 1 20 ? 0.388   4.442   -5.162  1.00 0.00 ? 47  THR A HG21 1 
ATOM 229  H HG22 . THR A 1 20 ? -0.531  5.350   -3.961  1.00 0.00 ? 47  THR A HG22 1 
ATOM 230  H HG23 . THR A 1 20 ? 1.200   5.094   -3.735  1.00 0.00 ? 47  THR A HG23 1 
ATOM 231  N N    . LEU A 1 21 ? -1.507  4.752   -6.925  1.00 0.00 ? 48  LEU A N    1 
ATOM 232  C CA   . LEU A 1 21 ? -1.838  3.624   -7.783  1.00 0.00 ? 48  LEU A CA   1 
ATOM 233  C C    . LEU A 1 21 ? -2.964  3.936   -8.747  1.00 0.00 ? 48  LEU A C    1 
ATOM 234  O O    . LEU A 1 21 ? -3.175  3.183   -9.709  1.00 0.00 ? 48  LEU A O    1 
ATOM 235  C CB   . LEU A 1 21 ? -2.179  2.359   -6.980  1.00 0.00 ? 48  LEU A CB   1 
ATOM 236  C CG   . LEU A 1 21 ? -1.075  1.707   -6.155  1.00 0.00 ? 48  LEU A CG   1 
ATOM 237  C CD1  . LEU A 1 21 ? -1.629  0.464   -5.486  1.00 0.00 ? 48  LEU A CD1  1 
ATOM 238  C CD2  . LEU A 1 21 ? 0.103   1.329   -7.042  1.00 0.00 ? 48  LEU A CD2  1 
ATOM 239  H H    . LEU A 1 21 ? -1.949  4.812   -6.049  1.00 0.00 ? 48  LEU A H    1 
ATOM 240  H HA   . LEU A 1 21 ? -0.959  3.416   -8.373  1.00 0.00 ? 48  LEU A HA   1 
ATOM 241  H HB2  . LEU A 1 21 ? -2.958  2.621   -6.276  1.00 0.00 ? 48  LEU A HB2  1 
ATOM 242  H HB3  . LEU A 1 21 ? -2.566  1.621   -7.666  1.00 0.00 ? 48  LEU A HB3  1 
ATOM 243  H HG   . LEU A 1 21 ? -0.734  2.389   -5.391  1.00 0.00 ? 48  LEU A HG   1 
ATOM 244  H HD11 . LEU A 1 21 ? -0.843  -0.044  -4.948  1.00 0.00 ? 48  LEU A HD11 1 
ATOM 245  H HD12 . LEU A 1 21 ? -2.021  -0.200  -6.243  1.00 0.00 ? 48  LEU A HD12 1 
ATOM 246  H HD13 . LEU A 1 21 ? -2.418  0.740   -4.803  1.00 0.00 ? 48  LEU A HD13 1 
ATOM 247  H HD21 . LEU A 1 21 ? 0.521   2.216   -7.493  1.00 0.00 ? 48  LEU A HD21 1 
ATOM 248  H HD22 . LEU A 1 21 ? -0.233  0.657   -7.818  1.00 0.00 ? 48  LEU A HD22 1 
ATOM 249  H HD23 . LEU A 1 21 ? 0.858   0.837   -6.446  1.00 0.00 ? 48  LEU A HD23 1 
ATOM 250  N N    . GLU A 1 22 ? -3.703  5.028   -8.478  1.00 0.00 ? 49  GLU A N    1 
ATOM 251  C CA   . GLU A 1 22 ? -4.847  5.437   -9.300  1.00 0.00 ? 49  GLU A CA   1 
ATOM 252  C C    . GLU A 1 22 ? -5.912  4.321   -9.239  1.00 0.00 ? 49  GLU A C    1 
ATOM 253  O O    . GLU A 1 22 ? -6.512  3.903   -10.234 1.00 0.00 ? 49  GLU A O    1 
ATOM 254  C CB   . GLU A 1 22 ? -4.364  5.748   -10.726 1.00 0.00 ? 49  GLU A CB   1 
ATOM 255  C CG   . GLU A 1 22 ? -5.393  6.321   -11.671 1.00 0.00 ? 49  GLU A CG   1 
ATOM 256  C CD   . GLU A 1 22 ? -4.815  6.511   -13.036 1.00 0.00 ? 49  GLU A CD   1 
ATOM 257  O OE1  . GLU A 1 22 ? -4.150  7.534   -13.278 1.00 0.00 ? 49  GLU A OE1  1 
ATOM 258  O OE2  . GLU A 1 22 ? -4.995  5.624   -13.906 1.00 0.00 ? 49  GLU A OE2  1 
ATOM 259  H H    . GLU A 1 22 ? -3.486  5.587   -7.702  1.00 0.00 ? 49  GLU A H    1 
ATOM 260  H HA   . GLU A 1 22 ? -5.262  6.324   -8.843  1.00 0.00 ? 49  GLU A HA   1 
ATOM 261  H HB2  . GLU A 1 22 ? -3.556  6.461   -10.657 1.00 0.00 ? 49  GLU A HB2  1 
ATOM 262  H HB3  . GLU A 1 22 ? -3.976  4.834   -11.148 1.00 0.00 ? 49  GLU A HB3  1 
ATOM 263  H HG2  . GLU A 1 22 ? -6.228  5.639   -11.735 1.00 0.00 ? 49  GLU A HG2  1 
ATOM 264  H HG3  . GLU A 1 22 ? -5.729  7.277   -11.298 1.00 0.00 ? 49  GLU A HG3  1 
ATOM 265  N N    . VAL A 1 23 ? -6.153  3.875   -8.027  1.00 0.00 ? 50  VAL A N    1 
ATOM 266  C CA   . VAL A 1 23 ? -7.050  2.829   -7.722  1.00 0.00 ? 50  VAL A CA   1 
ATOM 267  C C    . VAL A 1 23 ? -8.091  3.371   -6.797  1.00 0.00 ? 50  VAL A C    1 
ATOM 268  O O    . VAL A 1 23 ? -7.983  4.493   -6.324  1.00 0.00 ? 50  VAL A O    1 
ATOM 269  C CB   . VAL A 1 23 ? -6.329  1.639   -7.028  1.00 0.00 ? 50  VAL A CB   1 
ATOM 270  C CG1  . VAL A 1 23 ? -5.252  1.111   -7.920  1.00 0.00 ? 50  VAL A CG1  1 
ATOM 271  C CG2  . VAL A 1 23 ? -5.743  2.043   -5.670  1.00 0.00 ? 50  VAL A CG2  1 
ATOM 272  H H    . VAL A 1 23 ? -5.731  4.259   -7.239  1.00 0.00 ? 50  VAL A H    1 
ATOM 273  H HA   . VAL A 1 23 ? -7.504  2.480   -8.636  1.00 0.00 ? 50  VAL A HA   1 
ATOM 274  H HB   . VAL A 1 23 ? -7.047  0.848   -6.869  1.00 0.00 ? 50  VAL A HB   1 
ATOM 275  H HG11 . VAL A 1 23 ? -4.623  1.967   -8.125  1.00 0.00 ? 50  VAL A HG11 1 
ATOM 276  H HG12 . VAL A 1 23 ? -5.680  0.723   -8.832  1.00 0.00 ? 50  VAL A HG12 1 
ATOM 277  H HG13 . VAL A 1 23 ? -4.676  0.354   -7.409  1.00 0.00 ? 50  VAL A HG13 1 
ATOM 278  H HG21 . VAL A 1 23 ? -5.228  1.200   -5.233  1.00 0.00 ? 50  VAL A HG21 1 
ATOM 279  H HG22 . VAL A 1 23 ? -6.544  2.353   -5.015  1.00 0.00 ? 50  VAL A HG22 1 
ATOM 280  H HG23 . VAL A 1 23 ? -5.054  2.863   -5.802  1.00 0.00 ? 50  VAL A HG23 1 
ATOM 281  N N    . GLU A 1 24 ? -9.080  2.620   -6.603  1.00 0.00 ? 51  GLU A N    1 
ATOM 282  C CA   . GLU A 1 24 ? -10.177 2.963   -5.727  1.00 0.00 ? 51  GLU A CA   1 
ATOM 283  C C    . GLU A 1 24 ? -9.976  2.337   -4.362  1.00 0.00 ? 51  GLU A C    1 
ATOM 284  O O    . GLU A 1 24 ? -9.142  1.459   -4.187  1.00 0.00 ? 51  GLU A O    1 
ATOM 285  C CB   . GLU A 1 24 ? -11.491 2.474   -6.312  1.00 0.00 ? 51  GLU A CB   1 
ATOM 286  C CG   . GLU A 1 24 ? -11.854 3.111   -7.626  1.00 0.00 ? 51  GLU A CG   1 
ATOM 287  C CD   . GLU A 1 24 ? -13.144 2.576   -8.170  1.00 0.00 ? 51  GLU A CD   1 
ATOM 288  O OE1  . GLU A 1 24 ? -14.224 3.089   -7.797  1.00 0.00 ? 51  GLU A OE1  1 
ATOM 289  O OE2  . GLU A 1 24 ? -13.099 1.644   -8.987  1.00 0.00 ? 51  GLU A OE2  1 
ATOM 290  H H    . GLU A 1 24 ? -9.031  1.771   -7.087  1.00 0.00 ? 51  GLU A H    1 
ATOM 291  H HA   . GLU A 1 24 ? -10.217 4.037   -5.630  1.00 0.00 ? 51  GLU A HA   1 
ATOM 292  H HB2  . GLU A 1 24 ? -11.425 1.406   -6.462  1.00 0.00 ? 51  GLU A HB2  1 
ATOM 293  H HB3  . GLU A 1 24 ? -12.282 2.678   -5.604  1.00 0.00 ? 51  GLU A HB3  1 
ATOM 294  H HG2  . GLU A 1 24 ? -11.947 4.177   -7.484  1.00 0.00 ? 51  GLU A HG2  1 
ATOM 295  H HG3  . GLU A 1 24 ? -11.064 2.908   -8.334  1.00 0.00 ? 51  GLU A HG3  1 
ATOM 296  N N    . GLU A 1 25 ? -10.710 2.811   -3.395  1.00 0.00 ? 52  GLU A N    1 
ATOM 297  C CA   . GLU A 1 25 ? -10.689 2.240   -2.046  1.00 0.00 ? 52  GLU A CA   1 
ATOM 298  C C    . GLU A 1 25 ? -11.219 0.800   -2.027  1.00 0.00 ? 52  GLU A C    1 
ATOM 299  O O    . GLU A 1 25 ? -10.884 0.004   -1.168  1.00 0.00 ? 52  GLU A O    1 
ATOM 300  C CB   . GLU A 1 25 ? -11.429 3.138   -1.053  1.00 0.00 ? 52  GLU A CB   1 
ATOM 301  C CG   . GLU A 1 25 ? -12.637 3.905   -1.614  1.00 0.00 ? 52  GLU A CG   1 
ATOM 302  C CD   . GLU A 1 25 ? -13.761 3.012   -2.071  1.00 0.00 ? 52  GLU A CD   1 
ATOM 303  O OE1  . GLU A 1 25 ? -14.604 2.638   -1.225  1.00 0.00 ? 52  GLU A OE1  1 
ATOM 304  O OE2  . GLU A 1 25 ? -13.808 2.656   -3.278  1.00 0.00 ? 52  GLU A OE2  1 
ATOM 305  H H    . GLU A 1 25 ? -11.288 3.582   -3.582  1.00 0.00 ? 52  GLU A H    1 
ATOM 306  H HA   . GLU A 1 25 ? -9.647  2.193   -1.760  1.00 0.00 ? 52  GLU A HA   1 
ATOM 307  H HB2  . GLU A 1 25 ? -11.817 2.465   -0.306  1.00 0.00 ? 52  GLU A HB2  1 
ATOM 308  H HB3  . GLU A 1 25 ? -10.726 3.822   -0.605  1.00 0.00 ? 52  GLU A HB3  1 
ATOM 309  H HG2  . GLU A 1 25 ? -13.023 4.551   -0.839  1.00 0.00 ? 52  GLU A HG2  1 
ATOM 310  H HG3  . GLU A 1 25 ? -12.317 4.514   -2.446  1.00 0.00 ? 52  GLU A HG3  1 
ATOM 311  N N    . THR A 1 26 ? -12.041 0.512   -2.978  1.00 0.00 ? 53  THR A N    1 
ATOM 312  C CA   . THR A 1 26 ? -12.591 -0.804  -3.201  1.00 0.00 ? 53  THR A CA   1 
ATOM 313  C C    . THR A 1 26 ? -11.628 -1.726  -3.986  1.00 0.00 ? 53  THR A C    1 
ATOM 314  O O    . THR A 1 26 ? -11.972 -2.869  -4.320  1.00 0.00 ? 53  THR A O    1 
ATOM 315  C CB   . THR A 1 26 ? -13.954 -0.683  -3.904  1.00 0.00 ? 53  THR A CB   1 
ATOM 316  O OG1  . THR A 1 26 ? -13.932 0.465   -4.788  1.00 0.00 ? 53  THR A OG1  1 
ATOM 317  C CG2  . THR A 1 26 ? -15.083 -0.538  -2.901  1.00 0.00 ? 53  THR A CG2  1 
ATOM 318  H H    . THR A 1 26 ? -12.341 1.257   -3.541  1.00 0.00 ? 53  THR A H    1 
ATOM 319  H HA   . THR A 1 26 ? -12.756 -1.245  -2.230  1.00 0.00 ? 53  THR A HA   1 
ATOM 320  H HB   . THR A 1 26 ? -14.106 -1.571  -4.499  1.00 0.00 ? 53  THR A HB   1 
ATOM 321  H HG1  . THR A 1 26 ? -14.055 1.244   -4.218  1.00 0.00 ? 53  THR A HG1  1 
ATOM 322  H HG21 . THR A 1 26 ? -14.924 0.355   -2.315  1.00 0.00 ? 53  THR A HG21 1 
ATOM 323  H HG22 . THR A 1 26 ? -15.105 -1.400  -2.250  1.00 0.00 ? 53  THR A HG22 1 
ATOM 324  H HG23 . THR A 1 26 ? -16.024 -0.460  -3.424  1.00 0.00 ? 53  THR A HG23 1 
ATOM 325  N N    . ASP A 1 27 ? -10.432 -1.229  -4.283  1.00 0.00 ? 54  ASP A N    1 
ATOM 326  C CA   . ASP A 1 27 ? -9.417  -2.013  -4.965  1.00 0.00 ? 54  ASP A CA   1 
ATOM 327  C C    . ASP A 1 27 ? -8.895  -3.049  -3.992  1.00 0.00 ? 54  ASP A C    1 
ATOM 328  O O    . ASP A 1 27 ? -8.810  -2.773  -2.781  1.00 0.00 ? 54  ASP A O    1 
ATOM 329  C CB   . ASP A 1 27 ? -8.255  -1.123  -5.448  1.00 0.00 ? 54  ASP A CB   1 
ATOM 330  C CG   . ASP A 1 27 ? -7.288  -1.829  -6.387  1.00 0.00 ? 54  ASP A CG   1 
ATOM 331  O OD1  . ASP A 1 27 ? -7.536  -1.829  -7.616  1.00 0.00 ? 54  ASP A OD1  1 
ATOM 332  O OD2  . ASP A 1 27 ? -6.271  -2.391  -5.930  1.00 0.00 ? 54  ASP A OD2  1 
ATOM 333  H H    . ASP A 1 27 ? -10.202 -0.317  -4.017  1.00 0.00 ? 54  ASP A H    1 
ATOM 334  H HA   . ASP A 1 27 ? -9.881  -2.505  -5.804  1.00 0.00 ? 54  ASP A HA   1 
ATOM 335  H HB2  . ASP A 1 27 ? -8.662  -0.265  -5.967  1.00 0.00 ? 54  ASP A HB2  1 
ATOM 336  H HB3  . ASP A 1 27 ? -7.701  -0.804  -4.576  1.00 0.00 ? 54  ASP A HB3  1 
ATOM 337  N N    . PRO A 1 28 ? -8.578  -4.248  -4.474  1.00 0.00 ? 55  PRO A N    1 
ATOM 338  C CA   . PRO A 1 28 ? -8.070  -5.330  -3.643  1.00 0.00 ? 55  PRO A CA   1 
ATOM 339  C C    . PRO A 1 28 ? -6.877  -4.930  -2.767  1.00 0.00 ? 55  PRO A C    1 
ATOM 340  O O    . PRO A 1 28 ? -6.748  -5.441  -1.650  1.00 0.00 ? 55  PRO A O    1 
ATOM 341  C CB   . PRO A 1 28 ? -7.653  -6.416  -4.643  1.00 0.00 ? 55  PRO A CB   1 
ATOM 342  C CG   . PRO A 1 28 ? -7.820  -5.814  -5.997  1.00 0.00 ? 55  PRO A CG   1 
ATOM 343  C CD   . PRO A 1 28 ? -8.772  -4.675  -5.857  1.00 0.00 ? 55  PRO A CD   1 
ATOM 344  H HA   . PRO A 1 28 ? -8.849  -5.719  -3.004  1.00 0.00 ? 55  PRO A HA   1 
ATOM 345  H HB2  . PRO A 1 28 ? -6.625  -6.692  -4.460  1.00 0.00 ? 55  PRO A HB2  1 
ATOM 346  H HB3  . PRO A 1 28 ? -8.286  -7.281  -4.516  1.00 0.00 ? 55  PRO A HB3  1 
ATOM 347  H HG2  . PRO A 1 28 ? -6.868  -5.435  -6.337  1.00 0.00 ? 55  PRO A HG2  1 
ATOM 348  H HG3  . PRO A 1 28 ? -8.206  -6.549  -6.689  1.00 0.00 ? 55  PRO A HG3  1 
ATOM 349  H HD2  . PRO A 1 28 ? -8.477  -3.877  -6.522  1.00 0.00 ? 55  PRO A HD2  1 
ATOM 350  H HD3  . PRO A 1 28 ? -9.808  -4.934  -6.022  1.00 0.00 ? 55  PRO A HD3  1 
ATOM 351  N N    . LEU A 1 29 ? -6.032  -3.991  -3.249  1.00 0.00 ? 56  LEU A N    1 
ATOM 352  C CA   . LEU A 1 29 ? -4.880  -3.539  -2.461  1.00 0.00 ? 56  LEU A CA   1 
ATOM 353  C C    . LEU A 1 29 ? -5.395  -2.894  -1.176  1.00 0.00 ? 56  LEU A C    1 
ATOM 354  O O    . LEU A 1 29 ? -4.988  -3.264  -0.072  1.00 0.00 ? 56  LEU A O    1 
ATOM 355  C CB   . LEU A 1 29 ? -4.038  -2.500  -3.288  1.00 0.00 ? 56  LEU A CB   1 
ATOM 356  C CG   . LEU A 1 29 ? -2.633  -2.015  -2.744  1.00 0.00 ? 56  LEU A CG   1 
ATOM 357  C CD1  . LEU A 1 29 ? -2.670  -1.399  -1.365  1.00 0.00 ? 56  LEU A CD1  1 
ATOM 358  C CD2  . LEU A 1 29 ? -1.594  -3.116  -2.829  1.00 0.00 ? 56  LEU A CD2  1 
ATOM 359  H H    . LEU A 1 29 ? -6.203  -3.596  -4.135  1.00 0.00 ? 56  LEU A H    1 
ATOM 360  H HA   . LEU A 1 29 ? -4.263  -4.390  -2.215  1.00 0.00 ? 56  LEU A HA   1 
ATOM 361  H HB2  . LEU A 1 29 ? -3.867  -2.927  -4.266  1.00 0.00 ? 56  LEU A HB2  1 
ATOM 362  H HB3  . LEU A 1 29 ? -4.659  -1.626  -3.421  1.00 0.00 ? 56  LEU A HB3  1 
ATOM 363  H HG   . LEU A 1 29 ? -2.277  -1.188  -3.334  1.00 0.00 ? 56  LEU A HG   1 
ATOM 364  H HD11 . LEU A 1 29 ? -3.312  -0.531  -1.375  1.00 0.00 ? 56  LEU A HD11 1 
ATOM 365  H HD12 . LEU A 1 29 ? -1.671  -1.108  -1.076  1.00 0.00 ? 56  LEU A HD12 1 
ATOM 366  H HD13 . LEU A 1 29 ? -3.056  -2.123  -0.662  1.00 0.00 ? 56  LEU A HD13 1 
ATOM 367  H HD21 . LEU A 1 29 ? -1.915  -3.967  -2.247  1.00 0.00 ? 56  LEU A HD21 1 
ATOM 368  H HD22 . LEU A 1 29 ? -0.654  -2.750  -2.444  1.00 0.00 ? 56  LEU A HD22 1 
ATOM 369  H HD23 . LEU A 1 29 ? -1.470  -3.409  -3.861  1.00 0.00 ? 56  LEU A HD23 1 
ATOM 370  N N    . CYS A 1 30 ? -6.352  -1.997  -1.332  1.00 0.00 ? 57  CYS A N    1 
ATOM 371  C CA   . CYS A 1 30 ? -6.897  -1.259  -0.269  1.00 0.00 ? 57  CYS A CA   1 
ATOM 372  C C    . CYS A 1 30 ? -7.623  -2.162  0.724   1.00 0.00 ? 57  CYS A C    1 
ATOM 373  O O    . CYS A 1 30 ? -7.494  -1.999  1.950   1.00 0.00 ? 57  CYS A O    1 
ATOM 374  C CB   . CYS A 1 30 ? -7.825  -0.236  -0.857  1.00 0.00 ? 57  CYS A CB   1 
ATOM 375  S SG   . CYS A 1 30 ? -7.040  0.911   -2.017  1.00 0.00 ? 57  CYS A SG   1 
ATOM 376  H H    . CYS A 1 30 ? -6.758  -1.773  -2.193  1.00 0.00 ? 57  CYS A H    1 
ATOM 377  H HA   . CYS A 1 30 ? -6.099  -0.734  0.235   1.00 0.00 ? 57  CYS A HA   1 
ATOM 378  H HB2  . CYS A 1 30 ? -8.650  -0.715  -1.363  1.00 0.00 ? 57  CYS A HB2  1 
ATOM 379  H HB3  . CYS A 1 30 ? -8.217  0.321   -0.035  1.00 0.00 ? 57  CYS A HB3  1 
ATOM 380  H HG   . CYS A 1 30 ? -7.907  1.150   -2.995  1.00 0.00 ? 57  CYS A HG   1 
ATOM 381  N N    . GLN A 1 31 ? -8.350  -3.128  0.186   1.00 0.00 ? 58  GLN A N    1 
ATOM 382  C CA   . GLN A 1 31 ? -9.085  -4.104  0.992   1.00 0.00 ? 58  GLN A CA   1 
ATOM 383  C C    . GLN A 1 31 ? -8.143  -4.877  1.912   1.00 0.00 ? 58  GLN A C    1 
ATOM 384  O O    . GLN A 1 31 ? -8.331  -4.905  3.129   1.00 0.00 ? 58  GLN A O    1 
ATOM 385  C CB   . GLN A 1 31 ? -9.774  -5.112  0.060   1.00 0.00 ? 58  GLN A CB   1 
ATOM 386  C CG   . GLN A 1 31 ? -10.597 -6.179  0.778   1.00 0.00 ? 58  GLN A CG   1 
ATOM 387  C CD   . GLN A 1 31 ? -11.079 -7.279  -0.153  1.00 0.00 ? 58  GLN A CD   1 
ATOM 388  O OE1  . GLN A 1 31 ? -10.422 -7.610  -1.145  1.00 0.00 ? 58  GLN A OE1  1 
ATOM 389  N NE2  . GLN A 1 31 ? -12.197 -7.867  0.159   1.00 0.00 ? 58  GLN A NE2  1 
ATOM 390  H H    . GLN A 1 31 ? -8.394  -3.143  -0.795  1.00 0.00 ? 58  GLN A H    1 
ATOM 391  H HA   . GLN A 1 31 ? -9.843  -3.597  1.569   1.00 0.00 ? 58  GLN A HA   1 
ATOM 392  H HB2  . GLN A 1 31 ? -10.431 -4.573  -0.606  1.00 0.00 ? 58  GLN A HB2  1 
ATOM 393  H HB3  . GLN A 1 31 ? -9.017  -5.610  -0.528  1.00 0.00 ? 58  GLN A HB3  1 
ATOM 394  H HG2  . GLN A 1 31 ? -9.988  -6.625  1.551   1.00 0.00 ? 58  GLN A HG2  1 
ATOM 395  H HG3  . GLN A 1 31 ? -11.456 -5.706  1.232   1.00 0.00 ? 58  GLN A HG3  1 
ATOM 396  H HE21 . GLN A 1 31 ? -12.669 -7.578  0.970   1.00 0.00 ? 58  GLN A HE21 1 
ATOM 397  H HE22 . GLN A 1 31 ? -12.536 -8.595  -0.408  1.00 0.00 ? 58  GLN A HE22 1 
ATOM 398  N N    . ARG A 1 32 ? -7.096  -5.449  1.332   1.00 0.00 ? 59  ARG A N    1 
ATOM 399  C CA   . ARG A 1 32 ? -6.159  -6.259  2.090   1.00 0.00 ? 59  ARG A CA   1 
ATOM 400  C C    . ARG A 1 32 ? -5.396  -5.399  3.086   1.00 0.00 ? 59  ARG A C    1 
ATOM 401  O O    . ARG A 1 32 ? -5.164  -5.803  4.221   1.00 0.00 ? 59  ARG A O    1 
ATOM 402  C CB   . ARG A 1 32 ? -5.185  -6.982  1.166   1.00 0.00 ? 59  ARG A CB   1 
ATOM 403  C CG   . ARG A 1 32 ? -5.846  -7.888  0.129   1.00 0.00 ? 59  ARG A CG   1 
ATOM 404  C CD   . ARG A 1 32 ? -6.517  -9.100  0.739   1.00 0.00 ? 59  ARG A CD   1 
ATOM 405  N NE   . ARG A 1 32 ? -5.556  -10.080 1.266   1.00 0.00 ? 59  ARG A NE   1 
ATOM 406  C CZ   . ARG A 1 32 ? -5.898  -11.277 1.773   1.00 0.00 ? 59  ARG A CZ   1 
ATOM 407  N NH1  . ARG A 1 32 ? -7.184  -11.586 1.961   1.00 0.00 ? 59  ARG A NH1  1 
ATOM 408  N NH2  . ARG A 1 32 ? -4.961  -12.153 2.110   1.00 0.00 ? 59  ARG A NH2  1 
ATOM 409  H H    . ARG A 1 32 ? -6.950  -5.308  0.368   1.00 0.00 ? 59  ARG A H    1 
ATOM 410  H HA   . ARG A 1 32 ? -6.730  -6.991  2.642   1.00 0.00 ? 59  ARG A HA   1 
ATOM 411  H HB2  . ARG A 1 32 ? -4.601  -6.243  0.639   1.00 0.00 ? 59  ARG A HB2  1 
ATOM 412  H HB3  . ARG A 1 32 ? -4.520  -7.586  1.768   1.00 0.00 ? 59  ARG A HB3  1 
ATOM 413  H HG2  . ARG A 1 32 ? -6.591  -7.316  -0.401  1.00 0.00 ? 59  ARG A HG2  1 
ATOM 414  H HG3  . ARG A 1 32 ? -5.089  -8.217  -0.569  1.00 0.00 ? 59  ARG A HG3  1 
ATOM 415  H HD2  . ARG A 1 32 ? -7.171  -8.785  1.538   1.00 0.00 ? 59  ARG A HD2  1 
ATOM 416  H HD3  . ARG A 1 32 ? -7.102  -9.577  -0.033  1.00 0.00 ? 59  ARG A HD3  1 
ATOM 417  H HE   . ARG A 1 32 ? -4.604  -9.835  1.175   1.00 0.00 ? 59  ARG A HE   1 
ATOM 418  H HH11 . ARG A 1 32 ? -7.933  -10.956 1.746   1.00 0.00 ? 59  ARG A HH11 1 
ATOM 419  H HH12 . ARG A 1 32 ? -7.456  -12.487 2.309   1.00 0.00 ? 59  ARG A HH12 1 
ATOM 420  H HH21 . ARG A 1 32 ? -3.965  -11.982 2.018   1.00 0.00 ? 59  ARG A HH21 1 
ATOM 421  H HH22 . ARG A 1 32 ? -5.189  -13.060 2.472   1.00 0.00 ? 59  ARG A HH22 1 
ATOM 422  N N    . LEU A 1 33 ? -5.055  -4.197  2.657   1.00 0.00 ? 60  LEU A N    1 
ATOM 423  C CA   . LEU A 1 33 ? -4.289  -3.262  3.463   1.00 0.00 ? 60  LEU A CA   1 
ATOM 424  C C    . LEU A 1 33 ? -5.059  -2.890  4.720   1.00 0.00 ? 60  LEU A C    1 
ATOM 425  O O    . LEU A 1 33 ? -4.510  -2.932  5.833   1.00 0.00 ? 60  LEU A O    1 
ATOM 426  C CB   . LEU A 1 33 ? -3.969  -2.020  2.575   1.00 0.00 ? 60  LEU A CB   1 
ATOM 427  C CG   . LEU A 1 33 ? -2.966  -0.960  3.075   1.00 0.00 ? 60  LEU A CG   1 
ATOM 428  C CD1  . LEU A 1 33 ? -2.470  -0.143  1.885   1.00 0.00 ? 60  LEU A CD1  1 
ATOM 429  C CD2  . LEU A 1 33 ? -3.613  -0.017  4.081   1.00 0.00 ? 60  LEU A CD2  1 
ATOM 430  H H    . LEU A 1 33 ? -5.310  -3.926  1.746   1.00 0.00 ? 60  LEU A H    1 
ATOM 431  H HA   . LEU A 1 33 ? -3.360  -3.731  3.745   1.00 0.00 ? 60  LEU A HA   1 
ATOM 432  H HB2  . LEU A 1 33 ? -3.597  -2.389  1.631   1.00 0.00 ? 60  LEU A HB2  1 
ATOM 433  H HB3  . LEU A 1 33 ? -4.907  -1.524  2.377   1.00 0.00 ? 60  LEU A HB3  1 
ATOM 434  H HG   . LEU A 1 33 ? -2.118  -1.446  3.537   1.00 0.00 ? 60  LEU A HG   1 
ATOM 435  H HD11 . LEU A 1 33 ? -2.033  -0.788  1.133   1.00 0.00 ? 60  LEU A HD11 1 
ATOM 436  H HD12 . LEU A 1 33 ? -1.728  0.571   2.207   1.00 0.00 ? 60  LEU A HD12 1 
ATOM 437  H HD13 . LEU A 1 33 ? -3.299  0.388   1.438   1.00 0.00 ? 60  LEU A HD13 1 
ATOM 438  H HD21 . LEU A 1 33 ? -2.886  0.710   4.411   1.00 0.00 ? 60  LEU A HD21 1 
ATOM 439  H HD22 . LEU A 1 33 ? -3.965  -0.585  4.930   1.00 0.00 ? 60  LEU A HD22 1 
ATOM 440  H HD23 . LEU A 1 33 ? -4.445  0.490   3.617   1.00 0.00 ? 60  LEU A HD23 1 
ATOM 441  N N    . ARG A 1 34 ? -6.334  -2.575  4.562   1.00 0.00 ? 61  ARG A N    1 
ATOM 442  C CA   . ARG A 1 34 ? -7.140  -2.216  5.696   1.00 0.00 ? 61  ARG A CA   1 
ATOM 443  C C    . ARG A 1 34 ? -7.400  -3.464  6.572   1.00 0.00 ? 61  ARG A C    1 
ATOM 444  O O    . ARG A 1 34 ? -7.343  -3.392  7.815   1.00 0.00 ? 61  ARG A O    1 
ATOM 445  C CB   . ARG A 1 34 ? -8.459  -1.503  5.260   1.00 0.00 ? 61  ARG A CB   1 
ATOM 446  C CG   . ARG A 1 34 ? -9.153  -0.688  6.379   1.00 0.00 ? 61  ARG A CG   1 
ATOM 447  C CD   . ARG A 1 34 ? -9.704  -1.551  7.500   1.00 0.00 ? 61  ARG A CD   1 
ATOM 448  N NE   . ARG A 1 34 ? -10.037 -0.777  8.692   1.00 0.00 ? 61  ARG A NE   1 
ATOM 449  C CZ   . ARG A 1 34 ? -9.318  -0.790  9.833   1.00 0.00 ? 61  ARG A CZ   1 
ATOM 450  N NH1  . ARG A 1 34 ? -8.164  -1.486  9.905   1.00 0.00 ? 61  ARG A NH1  1 
ATOM 451  N NH2  . ARG A 1 34 ? -9.737  -0.098  10.875  1.00 0.00 ? 61  ARG A NH2  1 
ATOM 452  H H    . ARG A 1 34 ? -6.724  -2.570  3.658   1.00 0.00 ? 61  ARG A H    1 
ATOM 453  H HA   . ARG A 1 34 ? -6.545  -1.531  6.285   1.00 0.00 ? 61  ARG A HA   1 
ATOM 454  H HB2  . ARG A 1 34 ? -8.234  -0.830  4.446   1.00 0.00 ? 61  ARG A HB2  1 
ATOM 455  H HB3  . ARG A 1 34 ? -9.150  -2.254  4.909   1.00 0.00 ? 61  ARG A HB3  1 
ATOM 456  H HG2  . ARG A 1 34 ? -8.430  -0.008  6.804   1.00 0.00 ? 61  ARG A HG2  1 
ATOM 457  H HG3  . ARG A 1 34 ? -9.958  -0.117  5.940   1.00 0.00 ? 61  ARG A HG3  1 
ATOM 458  H HD2  . ARG A 1 34 ? -10.602 -2.030  7.143   1.00 0.00 ? 61  ARG A HD2  1 
ATOM 459  H HD3  . ARG A 1 34 ? -8.974  -2.305  7.755   1.00 0.00 ? 61  ARG A HD3  1 
ATOM 460  H HE   . ARG A 1 34 ? -10.859 -0.240  8.615   1.00 0.00 ? 61  ARG A HE   1 
ATOM 461  H HH11 . ARG A 1 34 ? -7.819  -2.015  9.125   1.00 0.00 ? 61  ARG A HH11 1 
ATOM 462  H HH12 . ARG A 1 34 ? -7.565  -1.496  10.721  1.00 0.00 ? 61  ARG A HH12 1 
ATOM 463  H HH21 . ARG A 1 34 ? -10.581 0.448   10.847  1.00 0.00 ? 61  ARG A HH21 1 
ATOM 464  H HH22 . ARG A 1 34 ? -9.256  -0.075  11.755  1.00 0.00 ? 61  ARG A HH22 1 
ATOM 465  N N    . GLU A 1 35 ? -7.656  -4.593  5.919   1.00 0.00 ? 62  GLU A N    1 
ATOM 466  C CA   . GLU A 1 35 ? -7.996  -5.850  6.598   1.00 0.00 ? 62  GLU A CA   1 
ATOM 467  C C    . GLU A 1 35 ? -6.856  -6.342  7.480   1.00 0.00 ? 62  GLU A C    1 
ATOM 468  O O    . GLU A 1 35 ? -7.066  -6.765  8.622   1.00 0.00 ? 62  GLU A O    1 
ATOM 469  C CB   . GLU A 1 35 ? -8.294  -6.912  5.563   1.00 0.00 ? 62  GLU A CB   1 
ATOM 470  C CG   . GLU A 1 35 ? -8.866  -8.176  6.152   1.00 0.00 ? 62  GLU A CG   1 
ATOM 471  C CD   . GLU A 1 35 ? -9.045  -9.272  5.151   1.00 0.00 ? 62  GLU A CD   1 
ATOM 472  O OE1  . GLU A 1 35 ? -10.002 -9.233  4.355   1.00 0.00 ? 62  GLU A OE1  1 
ATOM 473  O OE2  . GLU A 1 35 ? -8.247  -10.223 5.164   1.00 0.00 ? 62  GLU A OE2  1 
ATOM 474  H H    . GLU A 1 35 ? -7.646  -4.585  4.936   1.00 0.00 ? 62  GLU A H    1 
ATOM 475  H HA   . GLU A 1 35 ? -8.882  -5.696  7.195   1.00 0.00 ? 62  GLU A HA   1 
ATOM 476  H HB2  . GLU A 1 35 ? -8.948  -6.495  4.817   1.00 0.00 ? 62  GLU A HB2  1 
ATOM 477  H HB3  . GLU A 1 35 ? -7.361  -7.161  5.077   1.00 0.00 ? 62  GLU A HB3  1 
ATOM 478  H HG2  . GLU A 1 35 ? -8.194  -8.522  6.922   1.00 0.00 ? 62  GLU A HG2  1 
ATOM 479  H HG3  . GLU A 1 35 ? -9.823  -7.946  6.596   1.00 0.00 ? 62  GLU A HG3  1 
ATOM 480  N N    . ASN A 1 36 ? -5.646  -6.226  6.969   1.00 0.00 ? 63  ASN A N    1 
ATOM 481  C CA   . ASN A 1 36 ? -4.453  -6.661  7.687   1.00 0.00 ? 63  ASN A CA   1 
ATOM 482  C C    . ASN A 1 36 ? -4.044  -5.612  8.691   1.00 0.00 ? 63  ASN A C    1 
ATOM 483  O O    . ASN A 1 36 ? -3.114  -5.802  9.480   1.00 0.00 ? 63  ASN A O    1 
ATOM 484  C CB   . ASN A 1 36 ? -3.290  -6.931  6.723   1.00 0.00 ? 63  ASN A CB   1 
ATOM 485  C CG   . ASN A 1 36 ? -3.519  -8.079  5.753   1.00 0.00 ? 63  ASN A CG   1 
ATOM 486  O OD1  . ASN A 1 36 ? -4.287  -8.993  6.020   1.00 0.00 ? 63  ASN A OD1  1 
ATOM 487  N ND2  . ASN A 1 36 ? -2.827  -8.059  4.645   1.00 0.00 ? 63  ASN A ND2  1 
ATOM 488  H H    . ASN A 1 36 ? -5.543  -5.860  6.064   1.00 0.00 ? 63  ASN A H    1 
ATOM 489  H HA   . ASN A 1 36 ? -4.694  -7.575  8.211   1.00 0.00 ? 63  ASN A HA   1 
ATOM 490  H HB2  . ASN A 1 36 ? -3.118  -6.038  6.139   1.00 0.00 ? 63  ASN A HB2  1 
ATOM 491  H HB3  . ASN A 1 36 ? -2.414  -7.133  7.312   1.00 0.00 ? 63  ASN A HB3  1 
ATOM 492  H HD21 . ASN A 1 36 ? -2.210  -7.314  4.492   1.00 0.00 ? 63  ASN A HD21 1 
ATOM 493  H HD22 . ASN A 1 36 ? -2.892  -8.808  4.005   1.00 0.00 ? 63  ASN A HD22 1 
ATOM 494  N N    . ASP A 1 37 ? -4.778  -4.521  8.651   1.00 0.00 ? 64  ASP A N    1 
ATOM 495  C CA   . ASP A 1 37 ? -4.624  -3.373  9.510   1.00 0.00 ? 64  ASP A CA   1 
ATOM 496  C C    . ASP A 1 37 ? -3.221  -2.803  9.401   1.00 0.00 ? 64  ASP A C    1 
ATOM 497  O O    . ASP A 1 37 ? -2.437  -2.785  10.352  1.00 0.00 ? 64  ASP A O    1 
ATOM 498  C CB   . ASP A 1 37 ? -5.048  -3.674  10.958  1.00 0.00 ? 64  ASP A CB   1 
ATOM 499  C CG   . ASP A 1 37 ? -5.116  -2.444  11.831  1.00 0.00 ? 64  ASP A CG   1 
ATOM 500  O OD1  . ASP A 1 37 ? -6.124  -1.693  11.729  1.00 0.00 ? 64  ASP A OD1  1 
ATOM 501  O OD2  . ASP A 1 37 ? -4.226  -2.246  12.687  1.00 0.00 ? 64  ASP A OD2  1 
ATOM 502  H H    . ASP A 1 37 ? -5.484  -4.495  7.971   1.00 0.00 ? 64  ASP A H    1 
ATOM 503  H HA   . ASP A 1 37 ? -5.308  -2.653  9.087   1.00 0.00 ? 64  ASP A HA   1 
ATOM 504  H HB2  . ASP A 1 37 ? -6.026  -4.132  10.950  1.00 0.00 ? 64  ASP A HB2  1 
ATOM 505  H HB3  . ASP A 1 37 ? -4.342  -4.366  11.394  1.00 0.00 ? 64  ASP A HB3  1 
ATOM 506  N N    . ILE A 1 38 ? -2.879  -2.420  8.209   1.00 0.00 ? 65  ILE A N    1 
ATOM 507  C CA   . ILE A 1 38 ? -1.588  -1.879  7.935   1.00 0.00 ? 65  ILE A CA   1 
ATOM 508  C C    . ILE A 1 38 ? -1.715  -0.377  7.776   1.00 0.00 ? 65  ILE A C    1 
ATOM 509  O O    . ILE A 1 38 ? -2.674  0.111   7.195   1.00 0.00 ? 65  ILE A O    1 
ATOM 510  C CB   . ILE A 1 38 ? -0.949  -2.548  6.670   1.00 0.00 ? 65  ILE A CB   1 
ATOM 511  C CG1  . ILE A 1 38 ? -0.836  -4.069  6.889   1.00 0.00 ? 65  ILE A CG1  1 
ATOM 512  C CG2  . ILE A 1 38 ? 0.424   -1.956  6.365   1.00 0.00 ? 65  ILE A CG2  1 
ATOM 513  C CD1  . ILE A 1 38 ? -0.288  -4.839  5.705   1.00 0.00 ? 65  ILE A CD1  1 
ATOM 514  H H    . ILE A 1 38 ? -3.519  -2.484  7.466   1.00 0.00 ? 65  ILE A H    1 
ATOM 515  H HA   . ILE A 1 38 ? -0.966  -2.084  8.793   1.00 0.00 ? 65  ILE A HA   1 
ATOM 516  H HB   . ILE A 1 38 ? -1.594  -2.370  5.824   1.00 0.00 ? 65  ILE A HB   1 
ATOM 517  H HG12 . ILE A 1 38 ? -0.179  -4.254  7.727   1.00 0.00 ? 65  ILE A HG12 1 
ATOM 518  H HG13 . ILE A 1 38 ? -1.816  -4.460  7.121   1.00 0.00 ? 65  ILE A HG13 1 
ATOM 519  H HG21 . ILE A 1 38 ? 1.043   -2.053  7.242   1.00 0.00 ? 65  ILE A HG21 1 
ATOM 520  H HG22 . ILE A 1 38 ? 0.321   -0.912  6.110   1.00 0.00 ? 65  ILE A HG22 1 
ATOM 521  H HG23 . ILE A 1 38 ? 0.881   -2.494  5.544   1.00 0.00 ? 65  ILE A HG23 1 
ATOM 522  H HD11 . ILE A 1 38 ? 0.700   -4.476  5.464   1.00 0.00 ? 65  ILE A HD11 1 
ATOM 523  H HD12 . ILE A 1 38 ? -0.942  -4.699  4.857   1.00 0.00 ? 65  ILE A HD12 1 
ATOM 524  H HD13 . ILE A 1 38 ? -0.239  -5.889  5.951   1.00 0.00 ? 65  ILE A HD13 1 
ATOM 525  N N    . VAL A 1 39 ? -0.780  0.339   8.330   1.00 0.00 ? 66  VAL A N    1 
ATOM 526  C CA   . VAL A 1 39 ? -0.795  1.779   8.316   1.00 0.00 ? 66  VAL A CA   1 
ATOM 527  C C    . VAL A 1 39 ? 0.424   2.267   7.551   1.00 0.00 ? 66  VAL A C    1 
ATOM 528  O O    . VAL A 1 39 ? 1.380   1.519   7.387   1.00 0.00 ? 66  VAL A O    1 
ATOM 529  C CB   . VAL A 1 39 ? -0.788  2.368   9.755   1.00 0.00 ? 66  VAL A CB   1 
ATOM 530  C CG1  . VAL A 1 39 ? -1.991  1.896   10.554  1.00 0.00 ? 66  VAL A CG1  1 
ATOM 531  C CG2  . VAL A 1 39 ? 0.500   2.017   10.475  1.00 0.00 ? 66  VAL A CG2  1 
ATOM 532  H H    . VAL A 1 39 ? -0.033  -0.114  8.773   1.00 0.00 ? 66  VAL A H    1 
ATOM 533  H HA   . VAL A 1 39 ? -1.688  2.103   7.801   1.00 0.00 ? 66  VAL A HA   1 
ATOM 534  H HB   . VAL A 1 39 ? -0.854  3.442   9.675   1.00 0.00 ? 66  VAL A HB   1 
ATOM 535  H HG11 . VAL A 1 39 ? -1.990  0.817   10.601  1.00 0.00 ? 66  VAL A HG11 1 
ATOM 536  H HG12 . VAL A 1 39 ? -2.897  2.237   10.078  1.00 0.00 ? 66  VAL A HG12 1 
ATOM 537  H HG13 . VAL A 1 39 ? -1.938  2.299   11.554  1.00 0.00 ? 66  VAL A HG13 1 
ATOM 538  H HG21 . VAL A 1 39 ? 1.315   2.453   9.916   1.00 0.00 ? 66  VAL A HG21 1 
ATOM 539  H HG22 . VAL A 1 39 ? 0.611   0.944   10.483  1.00 0.00 ? 66  VAL A HG22 1 
ATOM 540  H HG23 . VAL A 1 39 ? 0.486   2.407   11.480  1.00 0.00 ? 66  VAL A HG23 1 
ATOM 541  N N    . GLY A 1 40 ? 0.388   3.507   7.102   1.00 0.00 ? 67  GLY A N    1 
ATOM 542  C CA   . GLY A 1 40 ? 1.426   4.058   6.233   1.00 0.00 ? 67  GLY A CA   1 
ATOM 543  C C    . GLY A 1 40 ? 2.800   4.006   6.829   1.00 0.00 ? 67  GLY A C    1 
ATOM 544  O O    . GLY A 1 40 ? 3.767   3.744   6.137   1.00 0.00 ? 67  GLY A O    1 
ATOM 545  H H    . GLY A 1 40 ? -0.357  4.077   7.383   1.00 0.00 ? 67  GLY A H    1 
ATOM 546  H HA2  . GLY A 1 40 ? 1.434   3.527   5.293   1.00 0.00 ? 67  GLY A HA2  1 
ATOM 547  H HA3  . GLY A 1 40 ? 1.180   5.090   6.029   1.00 0.00 ? 67  GLY A HA3  1 
ATOM 548  N N    . ASP A 1 41 ? 2.868   4.193   8.120   1.00 0.00 ? 68  ASP A N    1 
ATOM 549  C CA   . ASP A 1 41 ? 4.126   4.159   8.861   1.00 0.00 ? 68  ASP A CA   1 
ATOM 550  C C    . ASP A 1 41 ? 4.734   2.767   8.774   1.00 0.00 ? 68  ASP A C    1 
ATOM 551  O O    . ASP A 1 41 ? 5.948   2.600   8.705   1.00 0.00 ? 68  ASP A O    1 
ATOM 552  C CB   . ASP A 1 41 ? 3.860   4.543   10.308  1.00 0.00 ? 68  ASP A CB   1 
ATOM 553  C CG   . ASP A 1 41 ? 5.094   4.826   11.106  1.00 0.00 ? 68  ASP A CG   1 
ATOM 554  O OD1  . ASP A 1 41 ? 5.584   5.983   11.037  1.00 0.00 ? 68  ASP A OD1  1 
ATOM 555  O OD2  . ASP A 1 41 ? 5.548   3.957   11.871  1.00 0.00 ? 68  ASP A OD2  1 
ATOM 556  H H    . ASP A 1 41 ? 2.033   4.359   8.608   1.00 0.00 ? 68  ASP A H    1 
ATOM 557  H HA   . ASP A 1 41 ? 4.812   4.866   8.420   1.00 0.00 ? 68  ASP A HA   1 
ATOM 558  H HB2  . ASP A 1 41 ? 3.251   5.433   10.322  1.00 0.00 ? 68  ASP A HB2  1 
ATOM 559  H HB3  . ASP A 1 41 ? 3.318   3.739   10.784  1.00 0.00 ? 68  ASP A HB3  1 
ATOM 560  N N    . LEU A 1 42 ? 3.856   1.780   8.774   1.00 0.00 ? 69  LEU A N    1 
ATOM 561  C CA   . LEU A 1 42 ? 4.213   0.378   8.670   1.00 0.00 ? 69  LEU A CA   1 
ATOM 562  C C    . LEU A 1 42 ? 4.656   0.059   7.229   1.00 0.00 ? 69  LEU A C    1 
ATOM 563  O O    . LEU A 1 42 ? 5.501   -0.787  7.024   1.00 0.00 ? 69  LEU A O    1 
ATOM 564  C CB   . LEU A 1 42 ? 3.010   -0.507  9.133   1.00 0.00 ? 69  LEU A CB   1 
ATOM 565  C CG   . LEU A 1 42 ? 3.230   -2.028  9.431   1.00 0.00 ? 69  LEU A CG   1 
ATOM 566  C CD1  . LEU A 1 42 ? 3.614   -2.859  8.212   1.00 0.00 ? 69  LEU A CD1  1 
ATOM 567  C CD2  . LEU A 1 42 ? 4.247   -2.214  10.540  1.00 0.00 ? 69  LEU A CD2  1 
ATOM 568  H H    . LEU A 1 42 ? 2.902   2.005   8.812   1.00 0.00 ? 69  LEU A H    1 
ATOM 569  H HA   . LEU A 1 42 ? 5.052   0.209   9.330   1.00 0.00 ? 69  LEU A HA   1 
ATOM 570  H HB2  . LEU A 1 42 ? 2.619   -0.065  10.038  1.00 0.00 ? 69  LEU A HB2  1 
ATOM 571  H HB3  . LEU A 1 42 ? 2.245   -0.423  8.377   1.00 0.00 ? 69  LEU A HB3  1 
ATOM 572  H HG   . LEU A 1 42 ? 2.293   -2.427  9.790   1.00 0.00 ? 69  LEU A HG   1 
ATOM 573  H HD11 . LEU A 1 42 ? 4.535   -2.478  7.798   1.00 0.00 ? 69  LEU A HD11 1 
ATOM 574  H HD12 . LEU A 1 42 ? 2.839   -2.809  7.464   1.00 0.00 ? 69  LEU A HD12 1 
ATOM 575  H HD13 . LEU A 1 42 ? 3.760   -3.886  8.514   1.00 0.00 ? 69  LEU A HD13 1 
ATOM 576  H HD21 . LEU A 1 42 ? 3.906   -1.713  11.434  1.00 0.00 ? 69  LEU A HD21 1 
ATOM 577  H HD22 . LEU A 1 42 ? 5.198   -1.805  10.233  1.00 0.00 ? 69  LEU A HD22 1 
ATOM 578  H HD23 . LEU A 1 42 ? 4.361   -3.268  10.741  1.00 0.00 ? 69  LEU A HD23 1 
ATOM 579  N N    . LEU A 1 43 ? 4.098   0.792   6.245   1.00 0.00 ? 70  LEU A N    1 
ATOM 580  C CA   . LEU A 1 43 ? 4.313   0.517   4.794   1.00 0.00 ? 70  LEU A CA   1 
ATOM 581  C C    . LEU A 1 43 ? 5.771   0.209   4.378   1.00 0.00 ? 70  LEU A C    1 
ATOM 582  O O    . LEU A 1 43 ? 5.997   -0.766  3.677   1.00 0.00 ? 70  LEU A O    1 
ATOM 583  C CB   . LEU A 1 43 ? 3.700   1.614   3.897   1.00 0.00 ? 70  LEU A CB   1 
ATOM 584  C CG   . LEU A 1 43 ? 2.343   1.306   3.226   1.00 0.00 ? 70  LEU A CG   1 
ATOM 585  C CD1  . LEU A 1 43 ? 1.297   0.854   4.222   1.00 0.00 ? 70  LEU A CD1  1 
ATOM 586  C CD2  . LEU A 1 43 ? 1.850   2.521   2.464   1.00 0.00 ? 70  LEU A CD2  1 
ATOM 587  H H    . LEU A 1 43 ? 3.560   1.578   6.492   1.00 0.00 ? 70  LEU A H    1 
ATOM 588  H HA   . LEU A 1 43 ? 3.766   -0.395  4.604   1.00 0.00 ? 70  LEU A HA   1 
ATOM 589  H HB2  . LEU A 1 43 ? 3.574   2.499   4.502   1.00 0.00 ? 70  LEU A HB2  1 
ATOM 590  H HB3  . LEU A 1 43 ? 4.414   1.842   3.120   1.00 0.00 ? 70  LEU A HB3  1 
ATOM 591  H HG   . LEU A 1 43 ? 2.480   0.507   2.513   1.00 0.00 ? 70  LEU A HG   1 
ATOM 592  H HD11 . LEU A 1 43 ? 1.627   -0.065  4.685   1.00 0.00 ? 70  LEU A HD11 1 
ATOM 593  H HD12 . LEU A 1 43 ? 0.361   0.681   3.713   1.00 0.00 ? 70  LEU A HD12 1 
ATOM 594  H HD13 . LEU A 1 43 ? 1.159   1.604   4.987   1.00 0.00 ? 70  LEU A HD13 1 
ATOM 595  H HD21 . LEU A 1 43 ? 0.894   2.298   2.012   1.00 0.00 ? 70  LEU A HD21 1 
ATOM 596  H HD22 . LEU A 1 43 ? 2.560   2.774   1.691   1.00 0.00 ? 70  LEU A HD22 1 
ATOM 597  H HD23 . LEU A 1 43 ? 1.742   3.356   3.140   1.00 0.00 ? 70  LEU A HD23 1 
ATOM 598  N N    . PRO A 1 44 ? 6.791   1.005   4.786   1.00 0.00 ? 71  PRO A N    1 
ATOM 599  C CA   . PRO A 1 44 ? 8.188   0.701   4.438   1.00 0.00 ? 71  PRO A CA   1 
ATOM 600  C C    . PRO A 1 44 ? 8.650   -0.682  4.922   1.00 0.00 ? 71  PRO A C    1 
ATOM 601  O O    . PRO A 1 44 ? 9.519   -1.301  4.318   1.00 0.00 ? 71  PRO A O    1 
ATOM 602  C CB   . PRO A 1 44 ? 8.966   1.801   5.144   1.00 0.00 ? 71  PRO A CB   1 
ATOM 603  C CG   . PRO A 1 44 ? 7.999   2.922   5.214   1.00 0.00 ? 71  PRO A CG   1 
ATOM 604  C CD   . PRO A 1 44 ? 6.698   2.273   5.540   1.00 0.00 ? 71  PRO A CD   1 
ATOM 605  H HA   . PRO A 1 44 ? 8.349   0.771   3.372   1.00 0.00 ? 71  PRO A HA   1 
ATOM 606  H HB2  . PRO A 1 44 ? 9.268   1.460   6.123   1.00 0.00 ? 71  PRO A HB2  1 
ATOM 607  H HB3  . PRO A 1 44 ? 9.830   2.053   4.550   1.00 0.00 ? 71  PRO A HB3  1 
ATOM 608  H HG2  . PRO A 1 44 ? 8.282   3.630   5.978   1.00 0.00 ? 71  PRO A HG2  1 
ATOM 609  H HG3  . PRO A 1 44 ? 7.927   3.401   4.248   1.00 0.00 ? 71  PRO A HG3  1 
ATOM 610  H HD2  . PRO A 1 44 ? 6.615   2.092   6.602   1.00 0.00 ? 71  PRO A HD2  1 
ATOM 611  H HD3  . PRO A 1 44 ? 5.868   2.868   5.187   1.00 0.00 ? 71  PRO A HD3  1 
ATOM 612  N N    . GLU A 1 45 ? 8.087   -1.148  6.011   1.00 0.00 ? 72  GLU A N    1 
ATOM 613  C CA   . GLU A 1 45 ? 8.385   -2.383  6.565   1.00 0.00 ? 72  GLU A CA   1 
ATOM 614  C C    . GLU A 1 45 ? 7.807   -3.557  5.789   1.00 0.00 ? 72  GLU A C    1 
ATOM 615  O O    . GLU A 1 45 ? 8.357   -4.673  5.853   1.00 0.00 ? 72  GLU A O    1 
ATOM 616  C CB   . GLU A 1 45 ? 7.947   -2.372  7.991   1.00 0.00 ? 72  GLU A CB   1 
ATOM 617  C CG   . GLU A 1 45 ? 8.787   -1.469  8.862   1.00 0.00 ? 72  GLU A CG   1 
ATOM 618  C CD   . GLU A 1 45 ? 10.253  -1.815  8.749   1.00 0.00 ? 72  GLU A CD   1 
ATOM 619  O OE1  . GLU A 1 45 ? 10.620  -2.986  9.016   1.00 0.00 ? 72  GLU A OE1  1 
ATOM 620  O OE2  . GLU A 1 45 ? 11.053  -0.938  8.357   1.00 0.00 ? 72  GLU A OE2  1 
ATOM 621  H H    . GLU A 1 45 ? 7.387   -0.715  6.543   1.00 0.00 ? 72  GLU A H    1 
ATOM 622  H HA   . GLU A 1 45 ? 9.460   -2.479  6.570   1.00 0.00 ? 72  GLU A HA   1 
ATOM 623  H HB2  . GLU A 1 45 ? 6.924   -2.021  8.014   1.00 0.00 ? 72  GLU A HB2  1 
ATOM 624  H HB3  . GLU A 1 45 ? 7.975   -3.373  8.348   1.00 0.00 ? 72  GLU A HB3  1 
ATOM 625  H HG2  . GLU A 1 45 ? 8.646   -0.449  8.539   1.00 0.00 ? 72  GLU A HG2  1 
ATOM 626  H HG3  . GLU A 1 45 ? 8.481   -1.576  9.891   1.00 0.00 ? 72  GLU A HG3  1 
ATOM 627  N N    . LEU A 1 46 ? 6.726   -3.329  5.052   1.00 0.00 ? 73  LEU A N    1 
ATOM 628  C CA   . LEU A 1 46 ? 6.099   -4.418  4.344   1.00 0.00 ? 73  LEU A CA   1 
ATOM 629  C C    . LEU A 1 46 ? 6.970   -4.808  3.150   1.00 0.00 ? 73  LEU A C    1 
ATOM 630  O O    . LEU A 1 46 ? 7.443   -3.951  2.391   1.00 0.00 ? 73  LEU A O    1 
ATOM 631  C CB   . LEU A 1 46 ? 4.576   -4.118  4.006   1.00 0.00 ? 73  LEU A CB   1 
ATOM 632  C CG   . LEU A 1 46 ? 4.205   -3.039  2.975   1.00 0.00 ? 73  LEU A CG   1 
ATOM 633  C CD1  . LEU A 1 46 ? 4.401   -3.528  1.558   1.00 0.00 ? 73  LEU A CD1  1 
ATOM 634  C CD2  . LEU A 1 46 ? 2.770   -2.593  3.184   1.00 0.00 ? 73  LEU A CD2  1 
ATOM 635  H H    . LEU A 1 46 ? 6.382   -2.414  4.955   1.00 0.00 ? 73  LEU A H    1 
ATOM 636  H HA   . LEU A 1 46 ? 6.152   -5.254  5.028   1.00 0.00 ? 73  LEU A HA   1 
ATOM 637  H HB2  . LEU A 1 46 ? 4.039   -5.011  3.717   1.00 0.00 ? 73  LEU A HB2  1 
ATOM 638  H HB3  . LEU A 1 46 ? 4.125   -3.804  4.933   1.00 0.00 ? 73  LEU A HB3  1 
ATOM 639  H HG   . LEU A 1 46 ? 4.842   -2.180  3.120   1.00 0.00 ? 73  LEU A HG   1 
ATOM 640  H HD11 . LEU A 1 46 ? 5.439   -3.790  1.420   1.00 0.00 ? 73  LEU A HD11 1 
ATOM 641  H HD12 . LEU A 1 46 ? 4.111   -2.754  0.862   1.00 0.00 ? 73  LEU A HD12 1 
ATOM 642  H HD13 . LEU A 1 46 ? 3.786   -4.403  1.413   1.00 0.00 ? 73  LEU A HD13 1 
ATOM 643  H HD21 . LEU A 1 46 ? 2.659   -2.188  4.178   1.00 0.00 ? 73  LEU A HD21 1 
ATOM 644  H HD22 . LEU A 1 46 ? 2.110   -3.439  3.067   1.00 0.00 ? 73  LEU A HD22 1 
ATOM 645  H HD23 . LEU A 1 46 ? 2.518   -1.835  2.456   1.00 0.00 ? 73  LEU A HD23 1 
ATOM 646  N N    . CYS A 1 47 ? 7.234   -6.077  3.037   1.00 0.00 ? 74  CYS A N    1 
ATOM 647  C CA   . CYS A 1 47 ? 8.108   -6.590  2.027   1.00 0.00 ? 74  CYS A CA   1 
ATOM 648  C C    . CYS A 1 47 ? 7.301   -6.905  0.778   1.00 0.00 ? 74  CYS A C    1 
ATOM 649  O O    . CYS A 1 47 ? 6.074   -6.761  0.783   1.00 0.00 ? 74  CYS A O    1 
ATOM 650  C CB   . CYS A 1 47 ? 8.810   -7.826  2.571   1.00 0.00 ? 74  CYS A CB   1 
ATOM 651  S SG   . CYS A 1 47 ? 9.622   -7.527  4.161   1.00 0.00 ? 74  CYS A SG   1 
ATOM 652  H H    . CYS A 1 47 ? 6.804   -6.730  3.641   1.00 0.00 ? 74  CYS A H    1 
ATOM 653  H HA   . CYS A 1 47 ? 8.846   -5.836  1.796   1.00 0.00 ? 74  CYS A HA   1 
ATOM 654  H HB2  . CYS A 1 47 ? 8.084   -8.613  2.710   1.00 0.00 ? 74  CYS A HB2  1 
ATOM 655  H HB3  . CYS A 1 47 ? 9.564   -8.151  1.871   1.00 0.00 ? 74  CYS A HB3  1 
ATOM 656  H HG   . CYS A 1 47 ? 8.993   -6.490  4.701   1.00 0.00 ? 74  CYS A HG   1 
ATOM 657  N N    . LEU A 1 48 ? 7.963   -7.335  -0.285  1.00 0.00 ? 75  LEU A N    1 
ATOM 658  C CA   . LEU A 1 48 ? 7.283   -7.618  -1.539  1.00 0.00 ? 75  LEU A CA   1 
ATOM 659  C C    . LEU A 1 48 ? 6.224   -8.700  -1.352  1.00 0.00 ? 75  LEU A C    1 
ATOM 660  O O    . LEU A 1 48 ? 5.163   -8.638  -1.946  1.00 0.00 ? 75  LEU A O    1 
ATOM 661  C CB   . LEU A 1 48 ? 8.277   -8.022  -2.640  1.00 0.00 ? 75  LEU A CB   1 
ATOM 662  C CG   . LEU A 1 48 ? 7.675   -8.267  -4.036  1.00 0.00 ? 75  LEU A CG   1 
ATOM 663  C CD1  . LEU A 1 48 ? 7.112   -6.979  -4.625  1.00 0.00 ? 75  LEU A CD1  1 
ATOM 664  C CD2  . LEU A 1 48 ? 8.705   -8.879  -4.972  1.00 0.00 ? 75  LEU A CD2  1 
ATOM 665  H H    . LEU A 1 48 ? 8.933   -7.481  -0.226  1.00 0.00 ? 75  LEU A H    1 
ATOM 666  H HA   . LEU A 1 48 ? 6.783   -6.708  -1.839  1.00 0.00 ? 75  LEU A HA   1 
ATOM 667  H HB2  . LEU A 1 48 ? 9.017   -7.241  -2.725  1.00 0.00 ? 75  LEU A HB2  1 
ATOM 668  H HB3  . LEU A 1 48 ? 8.775   -8.929  -2.328  1.00 0.00 ? 75  LEU A HB3  1 
ATOM 669  H HG   . LEU A 1 48 ? 6.853   -8.962  -3.936  1.00 0.00 ? 75  LEU A HG   1 
ATOM 670  H HD11 . LEU A 1 48 ? 7.899   -6.244  -4.702  1.00 0.00 ? 75  LEU A HD11 1 
ATOM 671  H HD12 . LEU A 1 48 ? 6.325   -6.602  -3.987  1.00 0.00 ? 75  LEU A HD12 1 
ATOM 672  H HD13 . LEU A 1 48 ? 6.711   -7.180  -5.607  1.00 0.00 ? 75  LEU A HD13 1 
ATOM 673  H HD21 . LEU A 1 48 ? 9.045   -9.821  -4.569  1.00 0.00 ? 75  LEU A HD21 1 
ATOM 674  H HD22 . LEU A 1 48 ? 9.544   -8.208  -5.078  1.00 0.00 ? 75  LEU A HD22 1 
ATOM 675  H HD23 . LEU A 1 48 ? 8.256   -9.046  -5.941  1.00 0.00 ? 75  LEU A HD23 1 
ATOM 676  N N    . GLN A 1 49 ? 6.517   -9.681  -0.522  1.00 0.00 ? 76  GLN A N    1 
ATOM 677  C CA   . GLN A 1 49 ? 5.562   -10.741 -0.244  1.00 0.00 ? 76  GLN A CA   1 
ATOM 678  C C    . GLN A 1 49 ? 4.351   -10.228 0.524   1.00 0.00 ? 76  GLN A C    1 
ATOM 679  O O    . GLN A 1 49 ? 3.214   -10.618 0.231   1.00 0.00 ? 76  GLN A O    1 
ATOM 680  C CB   . GLN A 1 49 ? 6.219   -11.948 0.405   1.00 0.00 ? 76  GLN A CB   1 
ATOM 681  C CG   . GLN A 1 49 ? 5.307   -13.140 0.606   1.00 0.00 ? 76  GLN A CG   1 
ATOM 682  C CD   . GLN A 1 49 ? 6.029   -14.288 1.265   1.00 0.00 ? 76  GLN A CD   1 
ATOM 683  O OE1  . GLN A 1 49 ? 6.070   -14.397 2.491   1.00 0.00 ? 76  GLN A OE1  1 
ATOM 684  N NE2  . GLN A 1 49 ? 6.618   -15.132 0.470   1.00 0.00 ? 76  GLN A NE2  1 
ATOM 685  H H    . GLN A 1 49 ? 7.402   -9.689  -0.094  1.00 0.00 ? 76  GLN A H    1 
ATOM 686  H HA   . GLN A 1 49 ? 5.162   -11.011 -1.205  1.00 0.00 ? 76  GLN A HA   1 
ATOM 687  H HB2  . GLN A 1 49 ? 7.053   -12.265 -0.202  1.00 0.00 ? 76  GLN A HB2  1 
ATOM 688  H HB3  . GLN A 1 49 ? 6.592   -11.646 1.371   1.00 0.00 ? 76  GLN A HB3  1 
ATOM 689  H HG2  . GLN A 1 49 ? 4.478   -12.843 1.231   1.00 0.00 ? 76  GLN A HG2  1 
ATOM 690  H HG3  . GLN A 1 49 ? 4.935   -13.467 -0.354  1.00 0.00 ? 76  GLN A HG3  1 
ATOM 691  H HE21 . GLN A 1 49 ? 6.557   -14.976 -0.498  1.00 0.00 ? 76  GLN A HE21 1 
ATOM 692  H HE22 . GLN A 1 49 ? 7.100   -15.897 0.850   1.00 0.00 ? 76  GLN A HE22 1 
ATOM 693  N N    . ASP A 1 50 ? 4.587   -9.324  1.472   1.00 0.00 ? 77  ASP A N    1 
ATOM 694  C CA   . ASP A 1 50 ? 3.492   -8.647  2.185   1.00 0.00 ? 77  ASP A CA   1 
ATOM 695  C C    . ASP A 1 50 ? 2.648   -7.934  1.199   1.00 0.00 ? 77  ASP A C    1 
ATOM 696  O O    . ASP A 1 50 ? 1.433   -7.906  1.303   1.00 0.00 ? 77  ASP A O    1 
ATOM 697  C CB   . ASP A 1 50 ? 3.997   -7.569  3.145   1.00 0.00 ? 77  ASP A CB   1 
ATOM 698  C CG   . ASP A 1 50 ? 4.732   -8.052  4.347   1.00 0.00 ? 77  ASP A CG   1 
ATOM 699  O OD1  . ASP A 1 50 ? 5.970   -8.162  4.294   1.00 0.00 ? 77  ASP A OD1  1 
ATOM 700  O OD2  . ASP A 1 50 ? 4.107   -8.255  5.390   1.00 0.00 ? 77  ASP A OD2  1 
ATOM 701  H H    . ASP A 1 50 ? 5.513   -9.110  1.713   1.00 0.00 ? 77  ASP A H    1 
ATOM 702  H HA   . ASP A 1 50 ? 2.910   -9.371  2.737   1.00 0.00 ? 77  ASP A HA   1 
ATOM 703  H HB2  . ASP A 1 50 ? 4.672   -6.930  2.595   1.00 0.00 ? 77  ASP A HB2  1 
ATOM 704  H HB3  . ASP A 1 50 ? 3.149   -6.978  3.451   1.00 0.00 ? 77  ASP A HB3  1 
ATOM 705  N N    . CYS A 1 51 ? 3.320   -7.389  0.216   1.00 0.00 ? 78  CYS A N    1 
ATOM 706  C CA   . CYS A 1 51 ? 2.703   -6.570  -0.778  1.00 0.00 ? 78  CYS A CA   1 
ATOM 707  C C    . CYS A 1 51 ? 1.888   -7.429  -1.730  1.00 0.00 ? 78  CYS A C    1 
ATOM 708  O O    . CYS A 1 51 ? 0.825   -7.039  -2.161  1.00 0.00 ? 78  CYS A O    1 
ATOM 709  C CB   . CYS A 1 51 ? 3.753   -5.730  -1.516  1.00 0.00 ? 78  CYS A CB   1 
ATOM 710  S SG   . CYS A 1 51 ? 3.076   -4.376  -2.493  1.00 0.00 ? 78  CYS A SG   1 
ATOM 711  H H    . CYS A 1 51 ? 4.279   -7.608  0.167   1.00 0.00 ? 78  CYS A H    1 
ATOM 712  H HA   . CYS A 1 51 ? 2.027   -5.904  -0.262  1.00 0.00 ? 78  CYS A HA   1 
ATOM 713  H HB2  . CYS A 1 51 ? 4.432   -5.300  -0.795  1.00 0.00 ? 78  CYS A HB2  1 
ATOM 714  H HB3  . CYS A 1 51 ? 4.309   -6.372  -2.182  1.00 0.00 ? 78  CYS A HB3  1 
ATOM 715  H HG   . CYS A 1 51 ? 3.902   -4.131  -3.503  1.00 0.00 ? 78  CYS A HG   1 
ATOM 716  N N    . GLN A 1 52 ? 2.401   -8.608  -2.037  1.00 0.00 ? 79  GLN A N    1 
ATOM 717  C CA   . GLN A 1 52 ? 1.714   -9.566  -2.885  1.00 0.00 ? 79  GLN A CA   1 
ATOM 718  C C    . GLN A 1 52 ? 0.401   -9.997  -2.217  1.00 0.00 ? 79  GLN A C    1 
ATOM 719  O O    . GLN A 1 52 ? -0.626  -10.152 -2.871  1.00 0.00 ? 79  GLN A O    1 
ATOM 720  C CB   . GLN A 1 52 ? 2.618   -10.767 -3.112  1.00 0.00 ? 79  GLN A CB   1 
ATOM 721  C CG   . GLN A 1 52 ? 2.131   -11.741 -4.158  1.00 0.00 ? 79  GLN A CG   1 
ATOM 722  C CD   . GLN A 1 52 ? 3.045   -12.929 -4.265  1.00 0.00 ? 79  GLN A CD   1 
ATOM 723  O OE1  . GLN A 1 52 ? 4.030   -12.906 -5.007  1.00 0.00 ? 79  GLN A OE1  1 
ATOM 724  N NE2  . GLN A 1 52 ? 2.736   -13.970 -3.540  1.00 0.00 ? 79  GLN A NE2  1 
ATOM 725  H H    . GLN A 1 52 ? 3.298   -8.822  -1.698  1.00 0.00 ? 79  GLN A H    1 
ATOM 726  H HA   . GLN A 1 52 ? 1.498   -9.094  -3.831  1.00 0.00 ? 79  GLN A HA   1 
ATOM 727  H HB2  . GLN A 1 52 ? 3.592   -10.414 -3.416  1.00 0.00 ? 79  GLN A HB2  1 
ATOM 728  H HB3  . GLN A 1 52 ? 2.721   -11.298 -2.177  1.00 0.00 ? 79  GLN A HB3  1 
ATOM 729  H HG2  . GLN A 1 52 ? 1.142   -12.079 -3.891  1.00 0.00 ? 79  GLN A HG2  1 
ATOM 730  H HG3  . GLN A 1 52 ? 2.096   -11.242 -5.115  1.00 0.00 ? 79  GLN A HG3  1 
ATOM 731  H HE21 . GLN A 1 52 ? 1.936   -13.919 -2.973  1.00 0.00 ? 79  GLN A HE21 1 
ATOM 732  H HE22 . GLN A 1 52 ? 3.307   -14.763 -3.600  1.00 0.00 ? 79  GLN A HE22 1 
ATOM 733  N N    . ASP A 1 53 ? 0.451   -10.206 -0.911  1.00 0.00 ? 80  ASP A N    1 
ATOM 734  C CA   . ASP A 1 53 ? -0.764  -10.480 -0.138  1.00 0.00 ? 80  ASP A CA   1 
ATOM 735  C C    . ASP A 1 53 ? -1.697  -9.279  -0.158  1.00 0.00 ? 80  ASP A C    1 
ATOM 736  O O    . ASP A 1 53 ? -2.914  -9.401  -0.338  1.00 0.00 ? 80  ASP A O    1 
ATOM 737  C CB   . ASP A 1 53 ? -0.425  -10.823 1.308   1.00 0.00 ? 80  ASP A CB   1 
ATOM 738  C CG   . ASP A 1 53 ? -1.667  -10.970 2.164   1.00 0.00 ? 80  ASP A CG   1 
ATOM 739  O OD1  . ASP A 1 53 ? -2.340  -11.998 2.079   1.00 0.00 ? 80  ASP A OD1  1 
ATOM 740  O OD2  . ASP A 1 53 ? -1.980  -10.050 2.948   1.00 0.00 ? 80  ASP A OD2  1 
ATOM 741  H H    . ASP A 1 53 ? 1.324   -10.188 -0.460  1.00 0.00 ? 80  ASP A H    1 
ATOM 742  H HA   . ASP A 1 53 ? -1.265  -11.323 -0.589  1.00 0.00 ? 80  ASP A HA   1 
ATOM 743  H HB2  . ASP A 1 53 ? 0.124   -11.753 1.335   1.00 0.00 ? 80  ASP A HB2  1 
ATOM 744  H HB3  . ASP A 1 53 ? 0.188   -10.036 1.723   1.00 0.00 ? 80  ASP A HB3  1 
ATOM 745  N N    . LEU A 1 54 ? -1.086  -8.136  -0.023  1.00 0.00 ? 81  LEU A N    1 
ATOM 746  C CA   . LEU A 1 54 ? -1.733  -6.846  0.076   1.00 0.00 ? 81  LEU A CA   1 
ATOM 747  C C    . LEU A 1 54 ? -2.522  -6.520  -1.204  1.00 0.00 ? 81  LEU A C    1 
ATOM 748  O O    . LEU A 1 54 ? -3.565  -5.915  -1.155  1.00 0.00 ? 81  LEU A O    1 
ATOM 749  C CB   . LEU A 1 54 ? -0.635  -5.810  0.283   1.00 0.00 ? 81  LEU A CB   1 
ATOM 750  C CG   . LEU A 1 54 ? -1.026  -4.438  0.752   1.00 0.00 ? 81  LEU A CG   1 
ATOM 751  C CD1  . LEU A 1 54 ? -1.380  -4.504  2.211   1.00 0.00 ? 81  LEU A CD1  1 
ATOM 752  C CD2  . LEU A 1 54 ? 0.115   -3.482  0.542   1.00 0.00 ? 81  LEU A CD2  1 
ATOM 753  H H    . LEU A 1 54 ? -0.107  -8.155  0.036   1.00 0.00 ? 81  LEU A H    1 
ATOM 754  H HA   . LEU A 1 54 ? -2.383  -6.833  0.937   1.00 0.00 ? 81  LEU A HA   1 
ATOM 755  H HB2  . LEU A 1 54 ? 0.063   -6.211  1.004   1.00 0.00 ? 81  LEU A HB2  1 
ATOM 756  H HB3  . LEU A 1 54 ? -0.112  -5.706  -0.656  1.00 0.00 ? 81  LEU A HB3  1 
ATOM 757  H HG   . LEU A 1 54 ? -1.882  -4.084  0.195   1.00 0.00 ? 81  LEU A HG   1 
ATOM 758  H HD11 . LEU A 1 54 ? -0.510  -4.851  2.750   1.00 0.00 ? 81  LEU A HD11 1 
ATOM 759  H HD12 . LEU A 1 54 ? -2.205  -5.185  2.361   1.00 0.00 ? 81  LEU A HD12 1 
ATOM 760  H HD13 . LEU A 1 54 ? -1.643  -3.516  2.559   1.00 0.00 ? 81  LEU A HD13 1 
ATOM 761  H HD21 . LEU A 1 54 ? -0.170  -2.500  0.887   1.00 0.00 ? 81  LEU A HD21 1 
ATOM 762  H HD22 . LEU A 1 54 ? 0.361   -3.437  -0.509  1.00 0.00 ? 81  LEU A HD22 1 
ATOM 763  H HD23 . LEU A 1 54 ? 0.976   -3.821  1.099   1.00 0.00 ? 81  LEU A HD23 1 
ATOM 764  N N    . CYS A 1 55 ? -1.993  -6.908  -2.336  1.00 0.00 ? 82  CYS A N    1 
ATOM 765  C CA   . CYS A 1 55 ? -2.648  -6.665  -3.608  1.00 0.00 ? 82  CYS A CA   1 
ATOM 766  C C    . CYS A 1 55 ? -3.527  -7.836  -4.024  1.00 0.00 ? 82  CYS A C    1 
ATOM 767  O O    . CYS A 1 55 ? -4.181  -7.796  -5.079  1.00 0.00 ? 82  CYS A O    1 
ATOM 768  C CB   . CYS A 1 55 ? -1.602  -6.432  -4.661  1.00 0.00 ? 82  CYS A CB   1 
ATOM 769  S SG   . CYS A 1 55 ? -0.435  -7.780  -4.819  1.00 0.00 ? 82  CYS A SG   1 
ATOM 770  H H    . CYS A 1 55 ? -1.108  -7.338  -2.332  1.00 0.00 ? 82  CYS A H    1 
ATOM 771  H HA   . CYS A 1 55 ? -3.251  -5.773  -3.525  1.00 0.00 ? 82  CYS A HA   1 
ATOM 772  H HB2  . CYS A 1 55 ? -2.092  -6.325  -5.616  1.00 0.00 ? 82  CYS A HB2  1 
ATOM 773  H HB3  . CYS A 1 55 ? -1.045  -5.537  -4.431  1.00 0.00 ? 82  CYS A HB3  1 
ATOM 774  H HG   . CYS A 1 55 ? 0.173   -7.630  -5.989  1.00 0.00 ? 82  CYS A HG   1 
ATOM 775  N N    . ASP A 1 56 ? -3.530  -8.866  -3.198  1.00 0.00 ? 83  ASP A N    1 
ATOM 776  C CA   . ASP A 1 56 ? -4.209  -10.123 -3.474  1.00 0.00 ? 83  ASP A CA   1 
ATOM 777  C C    . ASP A 1 56 ? -3.748  -10.771 -4.744  1.00 0.00 ? 83  ASP A C    1 
ATOM 778  O O    . ASP A 1 56 ? -4.448  -10.882 -5.762  1.00 0.00 ? 83  ASP A O    1 
ATOM 779  C CB   . ASP A 1 56 ? -5.698  -10.085 -3.289  1.00 0.00 ? 83  ASP A CB   1 
ATOM 780  C CG   . ASP A 1 56 ? -6.372  -11.437 -3.504  1.00 0.00 ? 83  ASP A CG   1 
ATOM 781  O OD1  . ASP A 1 56 ? -6.177  -12.353 -2.677  1.00 0.00 ? 83  ASP A OD1  1 
ATOM 782  O OD2  . ASP A 1 56 ? -7.141  -11.593 -4.477  1.00 0.00 ? 83  ASP A OD2  1 
ATOM 783  H H    . ASP A 1 56 ? -3.057  -8.770  -2.343  1.00 0.00 ? 83  ASP A H    1 
ATOM 784  H HA   . ASP A 1 56 ? -3.794  -10.770 -2.713  1.00 0.00 ? 83  ASP A HA   1 
ATOM 785  H HB2  . ASP A 1 56 ? -5.723  -9.842  -2.243  1.00 0.00 ? 83  ASP A HB2  1 
ATOM 786  H HB3  . ASP A 1 56 ? -6.154  -9.307  -3.885  1.00 0.00 ? 83  ASP A HB3  1 
ATOM 787  N N    . GLY A 1 57 ? -2.498  -10.995 -4.705  1.00 0.00 ? 84  GLY A N    1 
ATOM 788  C CA   . GLY A 1 57 ? -1.786  -11.728 -5.700  1.00 0.00 ? 84  GLY A CA   1 
ATOM 789  C C    . GLY A 1 57 ? -1.483  -10.995 -6.994  1.00 0.00 ? 84  GLY A C    1 
ATOM 790  O O    . GLY A 1 57 ? -1.048  -11.627 -7.947  1.00 0.00 ? 84  GLY A O    1 
ATOM 791  H H    . GLY A 1 57 ? -2.075  -10.633 -3.898  1.00 0.00 ? 84  GLY A H    1 
ATOM 792  H HA2  . GLY A 1 57 ? -0.851  -12.058 -5.272  1.00 0.00 ? 84  GLY A HA2  1 
ATOM 793  H HA3  . GLY A 1 57 ? -2.387  -12.594 -5.914  1.00 0.00 ? 84  GLY A HA3  1 
ATOM 794  N N    . ASP A 1 58 ? -1.679  -9.681  -7.072  1.00 0.00 ? 85  ASP A N    1 
ATOM 795  C CA   . ASP A 1 58 ? -1.391  -9.017  -8.331  1.00 0.00 ? 85  ASP A CA   1 
ATOM 796  C C    . ASP A 1 58 ? 0.030   -8.530  -8.291  1.00 0.00 ? 85  ASP A C    1 
ATOM 797  O O    . ASP A 1 58 ? 0.347   -7.577  -7.580  1.00 0.00 ? 85  ASP A O    1 
ATOM 798  C CB   . ASP A 1 58 ? -2.330  -7.852  -8.593  1.00 0.00 ? 85  ASP A CB   1 
ATOM 799  C CG   . ASP A 1 58 ? -2.173  -7.307  -10.001 1.00 0.00 ? 85  ASP A CG   1 
ATOM 800  O OD1  . ASP A 1 58 ? -1.329  -6.431  -10.239 1.00 0.00 ? 85  ASP A OD1  1 
ATOM 801  O OD2  . ASP A 1 58 ? -2.908  -7.758  -10.891 1.00 0.00 ? 85  ASP A OD2  1 
ATOM 802  H H    . ASP A 1 58 ? -1.958  -9.134  -6.305  1.00 0.00 ? 85  ASP A H    1 
ATOM 803  H HA   . ASP A 1 58 ? -1.490  -9.750  -9.116  1.00 0.00 ? 85  ASP A HA   1 
ATOM 804  H HB2  . ASP A 1 58 ? -3.346  -8.189  -8.464  1.00 0.00 ? 85  ASP A HB2  1 
ATOM 805  H HB3  . ASP A 1 58 ? -2.123  -7.059  -7.891  1.00 0.00 ? 85  ASP A HB3  1 
ATOM 806  N N    . LEU A 1 59 ? 0.883   -9.180  -9.013  1.00 0.00 ? 86  LEU A N    1 
ATOM 807  C CA   . LEU A 1 59 ? 2.308   -8.854  -8.979  1.00 0.00 ? 86  LEU A CA   1 
ATOM 808  C C    . LEU A 1 59 ? 2.636   -7.478  -9.471  1.00 0.00 ? 86  LEU A C    1 
ATOM 809  O O    . LEU A 1 59 ? 3.469   -6.789  -8.883  1.00 0.00 ? 86  LEU A O    1 
ATOM 810  C CB   . LEU A 1 59 ? 3.147   -9.884  -9.710  1.00 0.00 ? 86  LEU A CB   1 
ATOM 811  C CG   . LEU A 1 59 ? 3.508   -11.180 -8.958  1.00 0.00 ? 86  LEU A CG   1 
ATOM 812  C CD1  . LEU A 1 59 ? 4.342   -10.874 -7.726  1.00 0.00 ? 86  LEU A CD1  1 
ATOM 813  C CD2  . LEU A 1 59 ? 2.273   -11.986 -8.579  1.00 0.00 ? 86  LEU A CD2  1 
ATOM 814  H H    . LEU A 1 59 ? 0.556   -9.911  -9.579  1.00 0.00 ? 86  LEU A H    1 
ATOM 815  H HA   . LEU A 1 59 ? 2.598   -8.866  -7.941  1.00 0.00 ? 86  LEU A HA   1 
ATOM 816  H HB2  . LEU A 1 59 ? 2.572   -10.161 -10.581 1.00 0.00 ? 86  LEU A HB2  1 
ATOM 817  H HB3  . LEU A 1 59 ? 4.029   -9.372  -10.052 1.00 0.00 ? 86  LEU A HB3  1 
ATOM 818  H HG   . LEU A 1 59 ? 4.123   -11.782 -9.610  1.00 0.00 ? 86  LEU A HG   1 
ATOM 819  H HD11 . LEU A 1 59 ? 4.618   -11.800 -7.243  1.00 0.00 ? 86  LEU A HD11 1 
ATOM 820  H HD12 . LEU A 1 59 ? 3.767   -10.277 -7.033  1.00 0.00 ? 86  LEU A HD12 1 
ATOM 821  H HD13 . LEU A 1 59 ? 5.234   -10.338 -8.012  1.00 0.00 ? 86  LEU A HD13 1 
ATOM 822  H HD21 . LEU A 1 59 ? 1.741   -12.275 -9.473  1.00 0.00 ? 86  LEU A HD21 1 
ATOM 823  H HD22 . LEU A 1 59 ? 1.629   -11.382 -7.958  1.00 0.00 ? 86  LEU A HD22 1 
ATOM 824  H HD23 . LEU A 1 59 ? 2.575   -12.868 -8.036  1.00 0.00 ? 86  LEU A HD23 1 
ATOM 825  N N    . ASN A 1 60 ? 1.998   -7.094  -10.524 1.00 0.00 ? 87  ASN A N    1 
ATOM 826  C CA   . ASN A 1 60 ? 2.166   -5.762  -11.106 1.00 0.00 ? 87  ASN A CA   1 
ATOM 827  C C    . ASN A 1 60 ? 1.855   -4.700  -10.058 1.00 0.00 ? 87  ASN A C    1 
ATOM 828  O O    . ASN A 1 60 ? 2.647   -3.769  -9.824  1.00 0.00 ? 87  ASN A O    1 
ATOM 829  C CB   . ASN A 1 60 ? 1.190   -5.609  -12.264 1.00 0.00 ? 87  ASN A CB   1 
ATOM 830  C CG   . ASN A 1 60 ? 1.410   -4.359  -13.098 1.00 0.00 ? 87  ASN A CG   1 
ATOM 831  O OD1  . ASN A 1 60 ? 2.532   -3.885  -13.261 1.00 0.00 ? 87  ASN A OD1  1 
ATOM 832  N ND2  . ASN A 1 60 ? 0.341   -3.819  -13.621 1.00 0.00 ? 87  ASN A ND2  1 
ATOM 833  H H    . ASN A 1 60 ? 1.424   -7.770  -10.939 1.00 0.00 ? 87  ASN A H    1 
ATOM 834  H HA   . ASN A 1 60 ? 3.174   -5.648  -11.471 1.00 0.00 ? 87  ASN A HA   1 
ATOM 835  H HB2  . ASN A 1 60 ? 1.249   -6.482  -12.891 1.00 0.00 ? 87  ASN A HB2  1 
ATOM 836  H HB3  . ASN A 1 60 ? 0.196   -5.568  -11.844 1.00 0.00 ? 87  ASN A HB3  1 
ATOM 837  H HD21 . ASN A 1 60 ? -0.521  -4.254  -13.439 1.00 0.00 ? 87  ASN A HD21 1 
ATOM 838  H HD22 . ASN A 1 60 ? 0.421   -3.007  -14.166 1.00 0.00 ? 87  ASN A HD22 1 
ATOM 839  N N    . LYS A 1 61 ? 0.733   -4.906  -9.382  1.00 0.00 ? 88  LYS A N    1 
ATOM 840  C CA   . LYS A 1 61 ? 0.264   -4.034  -8.314  1.00 0.00 ? 88  LYS A CA   1 
ATOM 841  C C    . LYS A 1 61 ? 1.306   -3.973  -7.217  1.00 0.00 ? 88  LYS A C    1 
ATOM 842  O O    . LYS A 1 61 ? 1.709   -2.898  -6.775  1.00 0.00 ? 88  LYS A O    1 
ATOM 843  C CB   . LYS A 1 61 ? -0.992  -4.643  -7.687  1.00 0.00 ? 88  LYS A CB   1 
ATOM 844  C CG   . LYS A 1 61 ? -1.758  -3.727  -6.718  1.00 0.00 ? 88  LYS A CG   1 
ATOM 845  C CD   . LYS A 1 61 ? -2.826  -2.877  -7.405  1.00 0.00 ? 88  LYS A CD   1 
ATOM 846  C CE   . LYS A 1 61 ? -3.938  -3.761  -7.980  1.00 0.00 ? 88  LYS A CE   1 
ATOM 847  N NZ   . LYS A 1 61 ? -5.109  -2.991  -8.441  1.00 0.00 ? 88  LYS A NZ   1 
ATOM 848  H H    . LYS A 1 61 ? 0.170   -5.670  -9.660  1.00 0.00 ? 88  LYS A H    1 
ATOM 849  H HA   . LYS A 1 61 ? 0.026   -3.052  -8.694  1.00 0.00 ? 88  LYS A HA   1 
ATOM 850  H HB2  . LYS A 1 61 ? -1.614  -4.967  -8.500  1.00 0.00 ? 88  LYS A HB2  1 
ATOM 851  H HB3  . LYS A 1 61 ? -0.723  -5.551  -7.158  1.00 0.00 ? 88  LYS A HB3  1 
ATOM 852  H HG2  . LYS A 1 61 ? -2.245  -4.329  -5.965  1.00 0.00 ? 88  LYS A HG2  1 
ATOM 853  H HG3  . LYS A 1 61 ? -1.047  -3.071  -6.239  1.00 0.00 ? 88  LYS A HG3  1 
ATOM 854  H HD2  . LYS A 1 61 ? -3.255  -2.196  -6.685  1.00 0.00 ? 88  LYS A HD2  1 
ATOM 855  H HD3  . LYS A 1 61 ? -2.368  -2.319  -8.208  1.00 0.00 ? 88  LYS A HD3  1 
ATOM 856  H HE2  . LYS A 1 61 ? -3.549  -4.313  -8.821  1.00 0.00 ? 88  LYS A HE2  1 
ATOM 857  H HE3  . LYS A 1 61 ? -4.255  -4.456  -7.216  1.00 0.00 ? 88  LYS A HE3  1 
ATOM 858  H HZ1  . LYS A 1 61 ? -5.614  -2.553  -7.635  1.00 0.00 ? 88  LYS A HZ1  1 
ATOM 859  H HZ2  . LYS A 1 61 ? -5.792  -3.625  -8.906  1.00 0.00 ? 88  LYS A HZ2  1 
ATOM 860  H HZ3  . LYS A 1 61 ? -4.854  -2.246  -9.119  1.00 0.00 ? 88  LYS A HZ3  1 
ATOM 861  N N    . ALA A 1 62 ? 1.766   -5.149  -6.835  1.00 0.00 ? 89  ALA A N    1 
ATOM 862  C CA   . ALA A 1 62 ? 2.708   -5.301  -5.726  1.00 0.00 ? 89  ALA A CA   1 
ATOM 863  C C    . ALA A 1 62 ? 4.041   -4.631  -5.979  1.00 0.00 ? 89  ALA A C    1 
ATOM 864  O O    . ALA A 1 62 ? 4.557   -3.910  -5.108  1.00 0.00 ? 89  ALA A O    1 
ATOM 865  C CB   . ALA A 1 62 ? 2.912   -6.773  -5.395  1.00 0.00 ? 89  ALA A CB   1 
ATOM 866  H H    . ALA A 1 62 ? 1.419   -5.930  -7.329  1.00 0.00 ? 89  ALA A H    1 
ATOM 867  H HA   . ALA A 1 62 ? 2.279   -4.829  -4.855  1.00 0.00 ? 89  ALA A HA   1 
ATOM 868  H HB1  . ALA A 1 62 ? 3.518   -6.864  -4.504  1.00 0.00 ? 89  ALA A HB1  1 
ATOM 869  H HB2  . ALA A 1 62 ? 3.411   -7.261  -6.218  1.00 0.00 ? 89  ALA A HB2  1 
ATOM 870  H HB3  . ALA A 1 62 ? 1.954   -7.241  -5.226  1.00 0.00 ? 89  ALA A HB3  1 
ATOM 871  N N    . ILE A 1 63 ? 4.598   -4.857  -7.147  1.00 0.00 ? 90  ILE A N    1 
ATOM 872  C CA   . ILE A 1 63 ? 5.875   -4.278  -7.491  1.00 0.00 ? 90  ILE A CA   1 
ATOM 873  C C    . ILE A 1 63 ? 5.791   -2.761  -7.555  1.00 0.00 ? 90  ILE A C    1 
ATOM 874  O O    . ILE A 1 63 ? 6.608   -2.058  -6.931  1.00 0.00 ? 90  ILE A O    1 
ATOM 875  C CB   . ILE A 1 63 ? 6.453   -4.885  -8.802  1.00 0.00 ? 90  ILE A CB   1 
ATOM 876  C CG1  . ILE A 1 63 ? 6.666   -6.398  -8.606  1.00 0.00 ? 90  ILE A CG1  1 
ATOM 877  C CG2  . ILE A 1 63 ? 7.763   -4.201  -9.200  1.00 0.00 ? 90  ILE A CG2  1 
ATOM 878  C CD1  . ILE A 1 63 ? 7.149   -7.134  -9.832  1.00 0.00 ? 90  ILE A CD1  1 
ATOM 879  H H    . ILE A 1 63 ? 4.132   -5.435  -7.793  1.00 0.00 ? 90  ILE A H    1 
ATOM 880  H HA   . ILE A 1 63 ? 6.544   -4.525  -6.680  1.00 0.00 ? 90  ILE A HA   1 
ATOM 881  H HB   . ILE A 1 63 ? 5.732   -4.740  -9.593  1.00 0.00 ? 90  ILE A HB   1 
ATOM 882  H HG12 . ILE A 1 63 ? 7.400   -6.551  -7.829  1.00 0.00 ? 90  ILE A HG12 1 
ATOM 883  H HG13 . ILE A 1 63 ? 5.732   -6.842  -8.295  1.00 0.00 ? 90  ILE A HG13 1 
ATOM 884  H HG21 . ILE A 1 63 ? 7.586   -3.147  -9.357  1.00 0.00 ? 90  ILE A HG21 1 
ATOM 885  H HG22 . ILE A 1 63 ? 8.140   -4.643  -10.110 1.00 0.00 ? 90  ILE A HG22 1 
ATOM 886  H HG23 . ILE A 1 63 ? 8.488   -4.332  -8.411  1.00 0.00 ? 90  ILE A HG23 1 
ATOM 887  H HD11 . ILE A 1 63 ? 7.290   -8.177  -9.589  1.00 0.00 ? 90  ILE A HD11 1 
ATOM 888  H HD12 . ILE A 1 63 ? 8.086   -6.711  -10.163 1.00 0.00 ? 90  ILE A HD12 1 
ATOM 889  H HD13 . ILE A 1 63 ? 6.415   -7.049  -10.619 1.00 0.00 ? 90  ILE A HD13 1 
ATOM 890  N N    . LYS A 1 64 ? 4.766   -2.253  -8.236  1.00 0.00 ? 91  LYS A N    1 
ATOM 891  C CA   . LYS A 1 64 ? 4.597   -0.815  -8.338  1.00 0.00 ? 91  LYS A CA   1 
ATOM 892  C C    . LYS A 1 64 ? 4.388   -0.159  -6.997  1.00 0.00 ? 91  LYS A C    1 
ATOM 893  O O    . LYS A 1 64 ? 5.014   0.868   -6.708  1.00 0.00 ? 91  LYS A O    1 
ATOM 894  C CB   . LYS A 1 64 ? 3.494   -0.410  -9.333  1.00 0.00 ? 91  LYS A CB   1 
ATOM 895  C CG   . LYS A 1 64 ? 3.936   -0.353  -10.802 1.00 0.00 ? 91  LYS A CG   1 
ATOM 896  C CD   . LYS A 1 64 ? 4.329   -1.701  -11.366 1.00 0.00 ? 91  LYS A CD   1 
ATOM 897  C CE   . LYS A 1 64 ? 4.788   -1.579  -12.805 1.00 0.00 ? 91  LYS A CE   1 
ATOM 898  N NZ   . LYS A 1 64 ? 5.068   -2.892  -13.398 1.00 0.00 ? 91  LYS A NZ   1 
ATOM 899  H H    . LYS A 1 64 ? 4.114   -2.859  -8.655  1.00 0.00 ? 91  LYS A H    1 
ATOM 900  H HA   . LYS A 1 64 ? 5.537   -0.442  -8.717  1.00 0.00 ? 91  LYS A HA   1 
ATOM 901  H HB2  . LYS A 1 64 ? 2.702   -1.141  -9.258  1.00 0.00 ? 91  LYS A HB2  1 
ATOM 902  H HB3  . LYS A 1 64 ? 3.095   0.553   -9.048  1.00 0.00 ? 91  LYS A HB3  1 
ATOM 903  H HG2  . LYS A 1 64 ? 3.121   0.038   -11.394 1.00 0.00 ? 91  LYS A HG2  1 
ATOM 904  H HG3  . LYS A 1 64 ? 4.776   0.319   -10.878 1.00 0.00 ? 91  LYS A HG3  1 
ATOM 905  H HD2  . LYS A 1 64 ? 5.134   -2.109  -10.773 1.00 0.00 ? 91  LYS A HD2  1 
ATOM 906  H HD3  . LYS A 1 64 ? 3.476   -2.364  -11.321 1.00 0.00 ? 91  LYS A HD3  1 
ATOM 907  H HE2  . LYS A 1 64 ? 4.002   -1.109  -13.376 1.00 0.00 ? 91  LYS A HE2  1 
ATOM 908  H HE3  . LYS A 1 64 ? 5.680   -0.973  -12.842 1.00 0.00 ? 91  LYS A HE3  1 
ATOM 909  H HZ1  . LYS A 1 64 ? 4.192   -3.457  -13.434 1.00 0.00 ? 91  LYS A HZ1  1 
ATOM 910  H HZ2  . LYS A 1 64 ? 5.757   -3.437  -12.841 1.00 0.00 ? 91  LYS A HZ2  1 
ATOM 911  H HZ3  . LYS A 1 64 ? 5.433   -2.810  -14.368 1.00 0.00 ? 91  LYS A HZ3  1 
ATOM 912  N N    . PHE A 1 65 ? 3.566   -0.776  -6.167  1.00 0.00 ? 92  PHE A N    1 
ATOM 913  C CA   . PHE A 1 65 ? 3.257   -0.248  -4.855  1.00 0.00 ? 92  PHE A CA   1 
ATOM 914  C C    . PHE A 1 65 ? 4.507   -0.195  -3.979  1.00 0.00 ? 92  PHE A C    1 
ATOM 915  O O    . PHE A 1 65 ? 4.758   0.808   -3.312  1.00 0.00 ? 92  PHE A O    1 
ATOM 916  C CB   . PHE A 1 65 ? 2.135   -1.073  -4.211  1.00 0.00 ? 92  PHE A CB   1 
ATOM 917  C CG   . PHE A 1 65 ? 1.597   -0.532  -2.915  1.00 0.00 ? 92  PHE A CG   1 
ATOM 918  C CD1  . PHE A 1 65 ? 0.720   0.535   -2.916  1.00 0.00 ? 92  PHE A CD1  1 
ATOM 919  C CD2  . PHE A 1 65 ? 1.951   -1.092  -1.706  1.00 0.00 ? 92  PHE A CD2  1 
ATOM 920  C CE1  . PHE A 1 65 ? 0.205   1.030   -1.743  1.00 0.00 ? 92  PHE A CE1  1 
ATOM 921  C CE2  . PHE A 1 65 ? 1.435   -0.599  -0.527  1.00 0.00 ? 92  PHE A CE2  1 
ATOM 922  C CZ   . PHE A 1 65 ? 0.563   0.461   -0.544  1.00 0.00 ? 92  PHE A CZ   1 
ATOM 923  H H    . PHE A 1 65 ? 3.138   -1.616  -6.448  1.00 0.00 ? 92  PHE A H    1 
ATOM 924  H HA   . PHE A 1 65 ? 2.905   0.762   -4.994  1.00 0.00 ? 92  PHE A HA   1 
ATOM 925  H HB2  . PHE A 1 65 ? 1.309   -1.137  -4.904  1.00 0.00 ? 92  PHE A HB2  1 
ATOM 926  H HB3  . PHE A 1 65 ? 2.507   -2.071  -4.029  1.00 0.00 ? 92  PHE A HB3  1 
ATOM 927  H HD1  . PHE A 1 65 ? 0.440   0.990   -3.854  1.00 0.00 ? 92  PHE A HD1  1 
ATOM 928  H HD2  . PHE A 1 65 ? 2.636   -1.926  -1.688  1.00 0.00 ? 92  PHE A HD2  1 
ATOM 929  H HE1  . PHE A 1 65 ? -0.481  1.863   -1.762  1.00 0.00 ? 92  PHE A HE1  1 
ATOM 930  H HE2  . PHE A 1 65 ? 1.717   -1.048  0.415   1.00 0.00 ? 92  PHE A HE2  1 
ATOM 931  H HZ   . PHE A 1 65 ? 0.161   0.843   0.381   1.00 0.00 ? 92  PHE A HZ   1 
ATOM 932  N N    . LYS A 1 66 ? 5.305   -1.262  -4.017  1.00 0.00 ? 93  LYS A N    1 
ATOM 933  C CA   . LYS A 1 66 ? 6.547   -1.318  -3.242  1.00 0.00 ? 93  LYS A CA   1 
ATOM 934  C C    . LYS A 1 66 ? 7.512   -0.192  -3.641  1.00 0.00 ? 93  LYS A C    1 
ATOM 935  O O    . LYS A 1 66 ? 8.090   0.494   -2.773  1.00 0.00 ? 93  LYS A O    1 
ATOM 936  C CB   . LYS A 1 66 ? 7.254   -2.661  -3.437  1.00 0.00 ? 93  LYS A CB   1 
ATOM 937  C CG   . LYS A 1 66 ? 8.523   -2.779  -2.615  1.00 0.00 ? 93  LYS A CG   1 
ATOM 938  C CD   . LYS A 1 66 ? 9.295   -4.036  -2.923  1.00 0.00 ? 93  LYS A CD   1 
ATOM 939  C CE   . LYS A 1 66 ? 10.560  -4.078  -2.098  1.00 0.00 ? 93  LYS A CE   1 
ATOM 940  N NZ   . LYS A 1 66 ? 11.454  -5.178  -2.492  1.00 0.00 ? 93  LYS A NZ   1 
ATOM 941  H H    . LYS A 1 66 ? 5.035   -2.033  -4.568  1.00 0.00 ? 93  LYS A H    1 
ATOM 942  H HA   . LYS A 1 66 ? 6.294   -1.209  -2.198  1.00 0.00 ? 93  LYS A HA   1 
ATOM 943  H HB2  . LYS A 1 66 ? 6.581   -3.457  -3.154  1.00 0.00 ? 93  LYS A HB2  1 
ATOM 944  H HB3  . LYS A 1 66 ? 7.513   -2.770  -4.480  1.00 0.00 ? 93  LYS A HB3  1 
ATOM 945  H HG2  . LYS A 1 66 ? 9.152   -1.926  -2.825  1.00 0.00 ? 93  LYS A HG2  1 
ATOM 946  H HG3  . LYS A 1 66 ? 8.257   -2.774  -1.568  1.00 0.00 ? 93  LYS A HG3  1 
ATOM 947  H HD2  . LYS A 1 66 ? 8.684   -4.896  -2.688  1.00 0.00 ? 93  LYS A HD2  1 
ATOM 948  H HD3  . LYS A 1 66 ? 9.556   -4.043  -3.971  1.00 0.00 ? 93  LYS A HD3  1 
ATOM 949  H HE2  . LYS A 1 66 ? 11.082  -3.142  -2.224  1.00 0.00 ? 93  LYS A HE2  1 
ATOM 950  H HE3  . LYS A 1 66 ? 10.288  -4.195  -1.059  1.00 0.00 ? 93  LYS A HE3  1 
ATOM 951  H HZ1  . LYS A 1 66 ? 11.047  -6.120  -2.324  1.00 0.00 ? 93  LYS A HZ1  1 
ATOM 952  H HZ2  . LYS A 1 66 ? 12.358  -5.106  -1.982  1.00 0.00 ? 93  LYS A HZ2  1 
ATOM 953  H HZ3  . LYS A 1 66 ? 11.692  -5.099  -3.502  1.00 0.00 ? 93  LYS A HZ3  1 
ATOM 954  N N    . ILE A 1 67 ? 7.667   0.011   -4.953  1.00 0.00 ? 94  ILE A N    1 
ATOM 955  C CA   . ILE A 1 67 ? 8.554   1.061   -5.464  1.00 0.00 ? 94  ILE A CA   1 
ATOM 956  C C    . ILE A 1 67 ? 8.087   2.427   -4.965  1.00 0.00 ? 94  ILE A C    1 
ATOM 957  O O    . ILE A 1 67 ? 8.895   3.269   -4.513  1.00 0.00 ? 94  ILE A O    1 
ATOM 958  C CB   . ILE A 1 67 ? 8.614   1.047   -7.022  1.00 0.00 ? 94  ILE A CB   1 
ATOM 959  C CG1  . ILE A 1 67 ? 9.150   -0.306  -7.520  1.00 0.00 ? 94  ILE A CG1  1 
ATOM 960  C CG2  . ILE A 1 67 ? 9.484   2.190   -7.546  1.00 0.00 ? 94  ILE A CG2  1 
ATOM 961  C CD1  . ILE A 1 67 ? 9.150   -0.458  -9.028  1.00 0.00 ? 94  ILE A CD1  1 
ATOM 962  H H    . ILE A 1 67 ? 7.179   -0.564  -5.584  1.00 0.00 ? 94  ILE A H    1 
ATOM 963  H HA   . ILE A 1 67 ? 9.543   0.871   -5.071  1.00 0.00 ? 94  ILE A HA   1 
ATOM 964  H HB   . ILE A 1 67 ? 7.611   1.182   -7.399  1.00 0.00 ? 94  ILE A HB   1 
ATOM 965  H HG12 . ILE A 1 67 ? 10.168  -0.429  -7.181  1.00 0.00 ? 94  ILE A HG12 1 
ATOM 966  H HG13 . ILE A 1 67 ? 8.544   -1.097  -7.104  1.00 0.00 ? 94  ILE A HG13 1 
ATOM 967  H HG21 . ILE A 1 67 ? 10.487  2.081   -7.162  1.00 0.00 ? 94  ILE A HG21 1 
ATOM 968  H HG22 . ILE A 1 67 ? 9.070   3.130   -7.212  1.00 0.00 ? 94  ILE A HG22 1 
ATOM 969  H HG23 . ILE A 1 67 ? 9.503   2.166   -8.626  1.00 0.00 ? 94  ILE A HG23 1 
ATOM 970  H HD11 . ILE A 1 67 ? 8.141   -0.358  -9.400  1.00 0.00 ? 94  ILE A HD11 1 
ATOM 971  H HD12 . ILE A 1 67 ? 9.535   -1.432  -9.291  1.00 0.00 ? 94  ILE A HD12 1 
ATOM 972  H HD13 . ILE A 1 67 ? 9.772   0.308   -9.467  1.00 0.00 ? 94  ILE A HD13 1 
ATOM 973  N N    . LEU A 1 68 ? 6.779   2.612   -4.987  1.00 0.00 ? 95  LEU A N    1 
ATOM 974  C CA   . LEU A 1 68 ? 6.170   3.834   -4.526  1.00 0.00 ? 95  LEU A CA   1 
ATOM 975  C C    . LEU A 1 68 ? 6.443   4.053   -3.054  1.00 0.00 ? 95  LEU A C    1 
ATOM 976  O O    . LEU A 1 68 ? 6.691   5.162   -2.641  1.00 0.00 ? 95  LEU A O    1 
ATOM 977  C CB   . LEU A 1 68 ? 4.675   3.814   -4.815  1.00 0.00 ? 95  LEU A CB   1 
ATOM 978  C CG   . LEU A 1 68 ? 4.304   3.696   -6.289  1.00 0.00 ? 95  LEU A CG   1 
ATOM 979  C CD1  . LEU A 1 68 ? 2.816   3.568   -6.459  1.00 0.00 ? 95  LEU A CD1  1 
ATOM 980  C CD2  . LEU A 1 68 ? 4.821   4.888   -7.070  1.00 0.00 ? 95  LEU A CD2  1 
ATOM 981  H H    . LEU A 1 68 ? 6.205   1.886   -5.318  1.00 0.00 ? 95  LEU A H    1 
ATOM 982  H HA   . LEU A 1 68 ? 6.616   4.649   -5.075  1.00 0.00 ? 95  LEU A HA   1 
ATOM 983  H HB2  . LEU A 1 68 ? 4.244   2.976   -4.285  1.00 0.00 ? 95  LEU A HB2  1 
ATOM 984  H HB3  . LEU A 1 68 ? 4.239   4.724   -4.430  1.00 0.00 ? 95  LEU A HB3  1 
ATOM 985  H HG   . LEU A 1 68 ? 4.762   2.806   -6.695  1.00 0.00 ? 95  LEU A HG   1 
ATOM 986  H HD11 . LEU A 1 68 ? 2.574   3.469   -7.507  1.00 0.00 ? 95  LEU A HD11 1 
ATOM 987  H HD12 . LEU A 1 68 ? 2.339   4.454   -6.069  1.00 0.00 ? 95  LEU A HD12 1 
ATOM 988  H HD13 . LEU A 1 68 ? 2.461   2.701   -5.923  1.00 0.00 ? 95  LEU A HD13 1 
ATOM 989  H HD21 . LEU A 1 68 ? 5.899   4.931   -7.007  1.00 0.00 ? 95  LEU A HD21 1 
ATOM 990  H HD22 . LEU A 1 68 ? 4.399   5.795   -6.664  1.00 0.00 ? 95  LEU A HD22 1 
ATOM 991  H HD23 . LEU A 1 68 ? 4.526   4.786   -8.103  1.00 0.00 ? 95  LEU A HD23 1 
ATOM 992  N N    . ILE A 1 69 ? 6.419   2.985   -2.274  1.00 0.00 ? 96  ILE A N    1 
ATOM 993  C CA   . ILE A 1 69 ? 6.745   3.069   -0.859  1.00 0.00 ? 96  ILE A CA   1 
ATOM 994  C C    . ILE A 1 69 ? 8.175   3.507   -0.605  1.00 0.00 ? 96  ILE A C    1 
ATOM 995  O O    . ILE A 1 69 ? 8.423   4.324   0.294   1.00 0.00 ? 96  ILE A O    1 
ATOM 996  C CB   . ILE A 1 69 ? 6.430   1.769   -0.089  1.00 0.00 ? 96  ILE A CB   1 
ATOM 997  C CG1  . ILE A 1 69 ? 4.944   1.527   -0.097  1.00 0.00 ? 96  ILE A CG1  1 
ATOM 998  C CG2  . ILE A 1 69 ? 6.947   1.830   1.347   1.00 0.00 ? 96  ILE A CG2  1 
ATOM 999  C CD1  . ILE A 1 69 ? 4.553   0.205   0.518   1.00 0.00 ? 96  ILE A CD1  1 
ATOM 1000 H H    . ILE A 1 69 ? 6.161   2.120   -2.663  1.00 0.00 ? 96  ILE A H    1 
ATOM 1001 H HA   . ILE A 1 69 ? 6.106   3.845   -0.465  1.00 0.00 ? 96  ILE A HA   1 
ATOM 1002 H HB   . ILE A 1 69 ? 6.916   0.947   -0.593  1.00 0.00 ? 96  ILE A HB   1 
ATOM 1003 H HG12 . ILE A 1 69 ? 4.506   2.334   0.477   1.00 0.00 ? 96  ILE A HG12 1 
ATOM 1004 H HG13 . ILE A 1 69 ? 4.575   1.576   -1.110  1.00 0.00 ? 96  ILE A HG13 1 
ATOM 1005 H HG21 . ILE A 1 69 ? 6.489   2.663   1.858   1.00 0.00 ? 96  ILE A HG21 1 
ATOM 1006 H HG22 . ILE A 1 69 ? 8.019   1.958   1.340   1.00 0.00 ? 96  ILE A HG22 1 
ATOM 1007 H HG23 . ILE A 1 69 ? 6.694   0.912   1.858   1.00 0.00 ? 96  ILE A HG23 1 
ATOM 1008 H HD11 . ILE A 1 69 ? 4.888   0.168   1.545   1.00 0.00 ? 96  ILE A HD11 1 
ATOM 1009 H HD12 . ILE A 1 69 ? 5.006   -0.601  -0.039  1.00 0.00 ? 96  ILE A HD12 1 
ATOM 1010 H HD13 . ILE A 1 69 ? 3.479   0.105   0.486   1.00 0.00 ? 96  ILE A HD13 1 
ATOM 1011 N N    . ASN A 1 70 ? 9.120   2.983   -1.370  1.00 0.00 ? 97  ASN A N    1 
ATOM 1012 C CA   . ASN A 1 70 ? 10.500  3.418   -1.176  1.00 0.00 ? 97  ASN A CA   1 
ATOM 1013 C C    . ASN A 1 70 ? 10.613  4.911   -1.472  1.00 0.00 ? 97  ASN A C    1 
ATOM 1014 O O    . ASN A 1 70 ? 11.261  5.655   -0.722  1.00 0.00 ? 97  ASN A O    1 
ATOM 1015 C CB   . ASN A 1 70 ? 11.508  2.608   -2.004  1.00 0.00 ? 97  ASN A CB   1 
ATOM 1016 C CG   . ASN A 1 70 ? 12.953  2.886   -1.573  1.00 0.00 ? 97  ASN A CG   1 
ATOM 1017 O OD1  . ASN A 1 70 ? 13.465  2.256   -0.637  1.00 0.00 ? 97  ASN A OD1  1 
ATOM 1018 N ND2  . ASN A 1 70 ? 13.622  3.801   -2.230  1.00 0.00 ? 97  ASN A ND2  1 
ATOM 1019 H H    . ASN A 1 70 ? 8.880   2.310   -2.046  1.00 0.00 ? 97  ASN A H    1 
ATOM 1020 H HA   . ASN A 1 70 ? 10.710  3.289   -0.124  1.00 0.00 ? 97  ASN A HA   1 
ATOM 1021 H HB2  . ASN A 1 70 ? 11.306  1.555   -1.878  1.00 0.00 ? 97  ASN A HB2  1 
ATOM 1022 H HB3  . ASN A 1 70 ? 11.404  2.874   -3.046  1.00 0.00 ? 97  ASN A HB3  1 
ATOM 1023 H HD21 . ASN A 1 70 ? 13.191  4.281   -2.971  1.00 0.00 ? 97  ASN A HD21 1 
ATOM 1024 H HD22 . ASN A 1 70 ? 14.544  3.990   -1.952  1.00 0.00 ? 97  ASN A HD22 1 
ATOM 1025 N N    . LYS A 1 71 ? 9.917   5.353   -2.534  1.00 0.00 ? 98  LYS A N    1 
ATOM 1026 C CA   . LYS A 1 71 ? 9.850   6.783   -2.872  1.00 0.00 ? 98  LYS A CA   1 
ATOM 1027 C C    . LYS A 1 71 ? 9.166   7.575   -1.752  1.00 0.00 ? 98  LYS A C    1 
ATOM 1028 O O    . LYS A 1 71 ? 9.626   8.635   -1.357  1.00 0.00 ? 98  LYS A O    1 
ATOM 1029 C CB   . LYS A 1 71 ? 9.087   7.009   -4.183  1.00 0.00 ? 98  LYS A CB   1 
ATOM 1030 C CG   . LYS A 1 71 ? 9.742   6.408   -5.411  1.00 0.00 ? 98  LYS A CG   1 
ATOM 1031 C CD   . LYS A 1 71 ? 8.968   6.763   -6.668  1.00 0.00 ? 98  LYS A CD   1 
ATOM 1032 C CE   . LYS A 1 71 ? 9.609   6.153   -7.897  1.00 0.00 ? 98  LYS A CE   1 
ATOM 1033 N NZ   . LYS A 1 71 ? 8.894   6.503   -9.133  1.00 0.00 ? 98  LYS A NZ   1 
ATOM 1034 H H    . LYS A 1 71 ? 9.449   4.696   -3.098  1.00 0.00 ? 98  LYS A H    1 
ATOM 1035 H HA   . LYS A 1 71 ? 10.861  7.143   -2.986  1.00 0.00 ? 98  LYS A HA   1 
ATOM 1036 H HB2  . LYS A 1 71 ? 8.103   6.574   -4.086  1.00 0.00 ? 98  LYS A HB2  1 
ATOM 1037 H HB3  . LYS A 1 71 ? 8.982   8.072   -4.340  1.00 0.00 ? 98  LYS A HB3  1 
ATOM 1038 H HG2  . LYS A 1 71 ? 10.750  6.785   -5.498  1.00 0.00 ? 98  LYS A HG2  1 
ATOM 1039 H HG3  . LYS A 1 71 ? 9.768   5.334   -5.305  1.00 0.00 ? 98  LYS A HG3  1 
ATOM 1040 H HD2  . LYS A 1 71 ? 7.959   6.390   -6.577  1.00 0.00 ? 98  LYS A HD2  1 
ATOM 1041 H HD3  . LYS A 1 71 ? 8.947   7.838   -6.775  1.00 0.00 ? 98  LYS A HD3  1 
ATOM 1042 H HE2  . LYS A 1 71 ? 10.621  6.519   -7.976  1.00 0.00 ? 98  LYS A HE2  1 
ATOM 1043 H HE3  . LYS A 1 71 ? 9.624   5.079   -7.790  1.00 0.00 ? 98  LYS A HE3  1 
ATOM 1044 H HZ1  . LYS A 1 71 ? 8.857   7.533   -9.272  1.00 0.00 ? 98  LYS A HZ1  1 
ATOM 1045 H HZ2  . LYS A 1 71 ? 7.922   6.135   -9.128  1.00 0.00 ? 98  LYS A HZ2  1 
ATOM 1046 H HZ3  . LYS A 1 71 ? 9.377   6.083   -9.953  1.00 0.00 ? 98  LYS A HZ3  1 
ATOM 1047 N N    . MET A 1 72 ? 8.099   6.998   -1.234  1.00 0.00 ? 99  MET A N    1 
ATOM 1048 C CA   . MET A 1 72 ? 7.264   7.560   -0.164  1.00 0.00 ? 99  MET A CA   1 
ATOM 1049 C C    . MET A 1 72 ? 8.101   7.833   1.068   1.00 0.00 ? 99  MET A C    1 
ATOM 1050 O O    . MET A 1 72 ? 7.963   8.876   1.714   1.00 0.00 ? 99  MET A O    1 
ATOM 1051 C CB   . MET A 1 72 ? 6.150   6.508   0.141   1.00 0.00 ? 99  MET A CB   1 
ATOM 1052 C CG   . MET A 1 72 ? 5.007   6.879   1.098   1.00 0.00 ? 99  MET A CG   1 
ATOM 1053 S SD   . MET A 1 72 ? 5.484   7.159   2.824   1.00 0.00 ? 99  MET A SD   1 
ATOM 1054 C CE   . MET A 1 72 ? 6.057   5.525   3.291   1.00 0.00 ? 99  MET A CE   1 
ATOM 1055 H H    . MET A 1 72 ? 7.817   6.141   -1.621  1.00 0.00 ? 99  MET A H    1 
ATOM 1056 H HA   . MET A 1 72 ? 6.793   8.468   -0.507  1.00 0.00 ? 99  MET A HA   1 
ATOM 1057 H HB2  . MET A 1 72 ? 5.690   6.237   -0.796  1.00 0.00 ? 99  MET A HB2  1 
ATOM 1058 H HB3  . MET A 1 72 ? 6.640   5.628   0.527   1.00 0.00 ? 99  MET A HB3  1 
ATOM 1059 H HG2  . MET A 1 72 ? 4.471   7.726   0.710   1.00 0.00 ? 99  MET A HG2  1 
ATOM 1060 H HG3  . MET A 1 72 ? 4.318   6.047   1.074   1.00 0.00 ? 99  MET A HG3  1 
ATOM 1061 H HE1  . MET A 1 72 ? 6.890   5.240   2.665   1.00 0.00 ? 99  MET A HE1  1 
ATOM 1062 H HE2  . MET A 1 72 ? 5.254   4.813   3.167   1.00 0.00 ? 99  MET A HE2  1 
ATOM 1063 H HE3  . MET A 1 72 ? 6.371   5.536   4.324   1.00 0.00 ? 99  MET A HE3  1 
ATOM 1064 N N    . ARG A 1 73 ? 8.988   6.920   1.370   1.00 0.00 ? 100 ARG A N    1 
ATOM 1065 C CA   . ARG A 1 73 ? 9.806   7.053   2.534   1.00 0.00 ? 100 ARG A CA   1 
ATOM 1066 C C    . ARG A 1 73 ? 11.028  7.934   2.283   1.00 0.00 ? 100 ARG A C    1 
ATOM 1067 O O    . ARG A 1 73 ? 11.226  8.940   2.962   1.00 0.00 ? 100 ARG A O    1 
ATOM 1068 C CB   . ARG A 1 73 ? 10.250  5.676   3.024   1.00 0.00 ? 100 ARG A CB   1 
ATOM 1069 C CG   . ARG A 1 73 ? 11.090  5.723   4.284   1.00 0.00 ? 100 ARG A CG   1 
ATOM 1070 C CD   . ARG A 1 73 ? 11.555  4.349   4.686   1.00 0.00 ? 100 ARG A CD   1 
ATOM 1071 N NE   . ARG A 1 73 ? 12.331  4.370   5.921   1.00 0.00 ? 100 ARG A NE   1 
ATOM 1072 C CZ   . ARG A 1 73 ? 12.830  3.291   6.541   1.00 0.00 ? 100 ARG A CZ   1 
ATOM 1073 N NH1  . ARG A 1 73 ? 12.668  2.067   6.026   1.00 0.00 ? 100 ARG A NH1  1 
ATOM 1074 N NH2  . ARG A 1 73 ? 13.506  3.451   7.660   1.00 0.00 ? 100 ARG A NH2  1 
ATOM 1075 H H    . ARG A 1 73 ? 9.070   6.138   0.780   1.00 0.00 ? 100 ARG A H    1 
ATOM 1076 H HA   . ARG A 1 73 ? 9.207   7.503   3.311   1.00 0.00 ? 100 ARG A HA   1 
ATOM 1077 H HB2  . ARG A 1 73 ? 9.374   5.077   3.222   1.00 0.00 ? 100 ARG A HB2  1 
ATOM 1078 H HB3  . ARG A 1 73 ? 10.831  5.204   2.246   1.00 0.00 ? 100 ARG A HB3  1 
ATOM 1079 H HG2  . ARG A 1 73 ? 11.950  6.346   4.097   1.00 0.00 ? 100 ARG A HG2  1 
ATOM 1080 H HG3  . ARG A 1 73 ? 10.500  6.149   5.082   1.00 0.00 ? 100 ARG A HG3  1 
ATOM 1081 H HD2  . ARG A 1 73 ? 10.680  3.739   4.843   1.00 0.00 ? 100 ARG A HD2  1 
ATOM 1082 H HD3  . ARG A 1 73 ? 12.158  3.934   3.892   1.00 0.00 ? 100 ARG A HD3  1 
ATOM 1083 H HE   . ARG A 1 73 ? 12.477  5.261   6.313   1.00 0.00 ? 100 ARG A HE   1 
ATOM 1084 H HH11 . ARG A 1 73 ? 12.182  1.905   5.161   1.00 0.00 ? 100 ARG A HH11 1 
ATOM 1085 H HH12 . ARG A 1 73 ? 13.008  1.233   6.474   1.00 0.00 ? 100 ARG A HH12 1 
ATOM 1086 H HH21 . ARG A 1 73 ? 13.654  4.363   8.053   1.00 0.00 ? 100 ARG A HH21 1 
ATOM 1087 H HH22 . ARG A 1 73 ? 13.897  2.680   8.171   1.00 0.00 ? 100 ARG A HH22 1 
ATOM 1088 N N    . ASP A 1 74 ? 11.834  7.562   1.306   1.00 0.00 ? 101 ASP A N    1 
ATOM 1089 C CA   . ASP A 1 74 ? 13.113  8.240   1.080   1.00 0.00 ? 101 ASP A CA   1 
ATOM 1090 C C    . ASP A 1 74 ? 12.960  9.624   0.470   1.00 0.00 ? 101 ASP A C    1 
ATOM 1091 O O    . ASP A 1 74 ? 13.636  10.569  0.871   1.00 0.00 ? 101 ASP A O    1 
ATOM 1092 C CB   . ASP A 1 74 ? 14.056  7.381   0.248   1.00 0.00 ? 101 ASP A CB   1 
ATOM 1093 C CG   . ASP A 1 74 ? 15.449  7.965   0.182   1.00 0.00 ? 101 ASP A CG   1 
ATOM 1094 O OD1  . ASP A 1 74 ? 16.214  7.796   1.159   1.00 0.00 ? 101 ASP A OD1  1 
ATOM 1095 O OD2  . ASP A 1 74 ? 15.809  8.595   -0.827  1.00 0.00 ? 101 ASP A OD2  1 
ATOM 1096 H H    . ASP A 1 74 ? 11.570  6.833   0.699   1.00 0.00 ? 101 ASP A H    1 
ATOM 1097 H HA   . ASP A 1 74 ? 13.558  8.371   2.055   1.00 0.00 ? 101 ASP A HA   1 
ATOM 1098 H HB2  . ASP A 1 74 ? 14.114  6.395   0.685   1.00 0.00 ? 101 ASP A HB2  1 
ATOM 1099 H HB3  . ASP A 1 74 ? 13.666  7.302   -0.757  1.00 0.00 ? 101 ASP A HB3  1 
ATOM 1100 N N    . SER A 1 75 ? 12.058  9.747   -0.455  1.00 0.00 ? 102 SER A N    1 
ATOM 1101 C CA   . SER A 1 75 ? 11.845  10.994  -1.155  1.00 0.00 ? 102 SER A CA   1 
ATOM 1102 C C    . SER A 1 75 ? 10.581  11.685  -0.652  1.00 0.00 ? 102 SER A C    1 
ATOM 1103 O O    . SER A 1 75 ? 10.318  11.717  0.565   1.00 0.00 ? 102 SER A O    1 
ATOM 1104 C CB   . SER A 1 75 ? 11.734  10.718  -2.649  1.00 0.00 ? 102 SER A CB   1 
ATOM 1105 O OG   . SER A 1 75 ? 12.874  9.994   -3.114  1.00 0.00 ? 102 SER A OG   1 
ATOM 1106 H H    . SER A 1 75 ? 11.477  8.990   -0.689  1.00 0.00 ? 102 SER A H    1 
ATOM 1107 H HA   . SER A 1 75 ? 12.698  11.633  -0.983  1.00 0.00 ? 102 SER A HA   1 
ATOM 1108 H HB2  . SER A 1 75 ? 10.847  10.131  -2.839  1.00 0.00 ? 102 SER A HB2  1 
ATOM 1109 H HB3  . SER A 1 75 ? 11.671  11.653  -3.185  1.00 0.00 ? 102 SER A HB3  1 
ATOM 1110 H HG   . SER A 1 75 ? 13.663  10.430  -2.766  1.00 0.00 ? 102 SER A HG   1 
# 
